data_5LL2
#
_entry.id   5LL2
#
_cell.length_a   59.160
_cell.length_b   161.780
_cell.length_c   186.170
_cell.angle_alpha   90.00
_cell.angle_beta   90.00
_cell.angle_gamma   90.00
#
_symmetry.space_group_name_H-M   'P 21 21 21'
#
loop_
_entity.id
_entity.type
_entity.pdbx_description
1 polymer 'Isoleucine 2-epimerase'
2 water water
#
_entity_poly.entity_id   1
_entity_poly.type   'polypeptide(L)'
_entity_poly.pdbx_seq_one_letter_code
;MGSSHHHHHHSSGENLYFQGHMASGSEFELMGKLDKASKLIDEENKYYARSARINYYNLVIDHAHGATLVDVDGNKYIDL
LASASAINVGHTHEKVVKAIADQAQKLIHYTPAYFHHVPGMELSEKLAKIAPGNSPKMVSFGNSGSDANDAIIKFARAYT
GRQYIVSYMGSYHGSTYGSQTLSGSSLNMTRKIGPMLPSVVHVPYPDSYRTYPGETEHDVSLRYFNEFKKPFESFLPADE
TACVLIEPIQGDGGIIKAPEEYMQLVYKFCHEHGILFAIDEVNQGLGRTGKMWAIQQFKDIEPDLMSVGKSLASGMPLSA
VIGKKEVMQSLDAPAHLFTTAGNPVCSAASLATLDVIEYEGLVEKSATDGAYAKQRFLEMQQRHPMIGDVRMWGLNGGIE
LVKDPKTKEPDSDAATKVIYYAFAHGVVIITLAGNILRFQPPLVIPREQLDQALQVLDDAFTAVENGEVTIPKDTGKIGW
;
_entity_poly.pdbx_strand_id   A,B,C,D
#
# COMPACT_ATOMS: atom_id res chain seq x y z
N TYR A 57 13.02 -14.29 -31.43
CA TYR A 57 13.74 -15.54 -31.84
C TYR A 57 14.53 -15.38 -33.16
N ASN A 58 14.73 -14.11 -33.57
CA ASN A 58 15.17 -13.73 -34.93
C ASN A 58 14.35 -14.43 -36.04
N LEU A 59 13.17 -13.86 -36.35
CA LEU A 59 12.14 -14.50 -37.21
C LEU A 59 10.92 -13.61 -37.53
N VAL A 60 10.03 -14.11 -38.40
CA VAL A 60 8.61 -13.68 -38.56
C VAL A 60 7.85 -14.97 -38.95
N ILE A 61 6.74 -15.25 -38.27
CA ILE A 61 5.90 -16.41 -38.61
C ILE A 61 4.86 -16.04 -39.69
N ASP A 62 4.85 -16.86 -40.75
CA ASP A 62 3.87 -16.77 -41.85
C ASP A 62 2.49 -17.32 -41.45
N HIS A 63 2.47 -18.61 -41.07
CA HIS A 63 1.27 -19.41 -40.74
C HIS A 63 1.68 -20.65 -39.87
N ALA A 64 0.70 -21.36 -39.31
CA ALA A 64 0.94 -22.57 -38.47
C ALA A 64 -0.29 -23.45 -38.37
N HIS A 65 -0.10 -24.73 -38.05
CA HIS A 65 -1.23 -25.62 -37.85
C HIS A 65 -0.87 -26.82 -36.97
N GLY A 66 -1.54 -26.91 -35.82
CA GLY A 66 -1.38 -28.06 -34.92
C GLY A 66 -0.09 -27.89 -34.15
N ALA A 67 0.93 -28.71 -34.46
CA ALA A 67 2.28 -28.63 -33.79
C ALA A 67 3.43 -28.27 -34.75
N THR A 68 3.07 -27.77 -35.94
CA THR A 68 4.04 -27.21 -36.88
C THR A 68 3.92 -25.70 -37.02
N LEU A 69 5.07 -25.04 -37.12
CA LEU A 69 5.19 -23.59 -37.31
C LEU A 69 5.90 -23.36 -38.63
N VAL A 70 5.29 -22.56 -39.49
CA VAL A 70 5.92 -22.25 -40.77
C VAL A 70 6.34 -20.77 -40.75
N ASP A 71 7.64 -20.54 -40.94
CA ASP A 71 8.17 -19.17 -41.10
C ASP A 71 7.96 -18.59 -42.52
N VAL A 72 8.26 -17.32 -42.71
CA VAL A 72 8.08 -16.67 -44.02
C VAL A 72 9.03 -17.17 -45.12
N ASP A 73 10.22 -17.68 -44.76
CA ASP A 73 11.17 -18.29 -45.72
C ASP A 73 10.64 -19.61 -46.29
N GLY A 74 9.78 -20.28 -45.50
CA GLY A 74 9.14 -21.54 -45.90
C GLY A 74 9.41 -22.69 -44.95
N ASN A 75 10.33 -22.48 -43.99
CA ASN A 75 10.77 -23.50 -43.01
C ASN A 75 9.74 -23.86 -41.97
N LYS A 76 9.87 -25.10 -41.51
CA LYS A 76 8.95 -25.77 -40.66
C LYS A 76 9.68 -26.14 -39.38
N TYR A 77 8.97 -26.07 -38.26
CA TYR A 77 9.45 -26.58 -37.00
C TYR A 77 8.36 -27.23 -36.18
N ILE A 78 8.76 -28.22 -35.39
CA ILE A 78 7.95 -28.76 -34.32
C ILE A 78 7.91 -27.66 -33.22
N ASP A 79 6.71 -27.31 -32.77
CA ASP A 79 6.51 -26.25 -31.77
C ASP A 79 6.50 -26.87 -30.40
N LEU A 80 7.68 -27.23 -29.92
CA LEU A 80 7.76 -27.85 -28.61
C LEU A 80 7.33 -26.91 -27.49
N LEU A 81 7.40 -25.62 -27.74
CA LEU A 81 7.01 -24.63 -26.73
C LEU A 81 5.49 -24.54 -26.50
N ALA A 82 4.71 -24.74 -27.57
CA ALA A 82 3.24 -24.53 -27.62
C ALA A 82 2.76 -23.11 -27.23
N SER A 83 3.70 -22.17 -27.23
CA SER A 83 3.52 -20.72 -26.92
C SER A 83 2.94 -20.43 -25.53
N ALA A 84 3.72 -20.81 -24.51
CA ALA A 84 3.32 -20.91 -23.09
C ALA A 84 1.93 -21.58 -22.94
N SER A 85 1.87 -22.85 -23.34
CA SER A 85 0.65 -23.68 -23.33
C SER A 85 -0.68 -22.92 -23.51
N ALA A 86 -0.75 -22.15 -24.61
CA ALA A 86 -1.96 -21.47 -25.08
C ALA A 86 -2.60 -22.33 -26.16
N ILE A 87 -1.86 -23.38 -26.49
CA ILE A 87 -2.06 -24.19 -27.66
C ILE A 87 -1.87 -25.67 -27.20
N ASN A 88 -2.97 -26.24 -26.69
CA ASN A 88 -3.02 -27.65 -26.37
C ASN A 88 -3.72 -28.34 -27.52
N VAL A 89 -4.65 -27.59 -28.13
CA VAL A 89 -5.44 -27.99 -29.29
C VAL A 89 -4.66 -27.77 -30.64
N GLY A 90 -3.59 -27.00 -30.58
CA GLY A 90 -2.84 -26.69 -31.75
C GLY A 90 -3.30 -25.38 -32.34
N HIS A 91 -2.59 -24.99 -33.40
CA HIS A 91 -2.86 -23.77 -34.13
C HIS A 91 -3.90 -24.11 -35.17
N THR A 92 -4.78 -23.15 -35.43
CA THR A 92 -5.70 -23.22 -36.58
C THR A 92 -6.46 -24.57 -36.77
N HIS A 93 -6.91 -25.16 -35.66
CA HIS A 93 -7.72 -26.38 -35.72
C HIS A 93 -9.03 -26.02 -36.36
N GLU A 94 -9.46 -26.87 -37.30
CA GLU A 94 -10.61 -26.63 -38.21
C GLU A 94 -11.86 -26.10 -37.48
N LYS A 95 -12.19 -26.81 -36.42
CA LYS A 95 -13.39 -26.51 -35.68
C LYS A 95 -13.27 -25.12 -35.03
N VAL A 96 -12.08 -24.75 -34.58
CA VAL A 96 -11.84 -23.40 -34.07
C VAL A 96 -11.88 -22.36 -35.20
N VAL A 97 -11.22 -22.68 -36.32
CA VAL A 97 -11.14 -21.74 -37.44
C VAL A 97 -12.53 -21.43 -38.01
N LYS A 98 -13.43 -22.42 -38.01
CA LYS A 98 -14.80 -22.19 -38.46
C LYS A 98 -15.68 -21.63 -37.33
N ALA A 99 -15.32 -21.90 -36.08
CA ALA A 99 -15.99 -21.19 -34.94
C ALA A 99 -15.82 -19.65 -35.02
N ILE A 100 -14.56 -19.20 -35.17
CA ILE A 100 -14.17 -17.79 -35.30
C ILE A 100 -14.86 -17.09 -36.49
N ALA A 101 -14.76 -17.74 -37.64
CA ALA A 101 -15.17 -17.21 -38.95
C ALA A 101 -16.68 -17.14 -39.11
N ASP A 102 -17.41 -18.14 -38.59
CA ASP A 102 -18.88 -18.11 -38.62
C ASP A 102 -19.47 -17.11 -37.61
N GLN A 103 -18.97 -17.08 -36.38
CA GLN A 103 -19.43 -16.13 -35.37
C GLN A 103 -19.11 -14.61 -35.66
N ALA A 104 -18.03 -14.33 -36.39
CA ALA A 104 -17.68 -12.96 -36.84
C ALA A 104 -18.62 -12.45 -37.91
N GLN A 105 -19.24 -13.40 -38.61
CA GLN A 105 -20.29 -13.15 -39.56
C GLN A 105 -21.47 -12.54 -38.84
N LYS A 106 -21.71 -12.99 -37.61
CA LYS A 106 -22.92 -12.69 -36.83
C LYS A 106 -22.75 -11.57 -35.77
N LEU A 107 -21.79 -11.74 -34.85
CA LEU A 107 -21.53 -10.72 -33.85
C LEU A 107 -20.05 -10.63 -33.48
N ILE A 108 -19.45 -9.43 -33.55
CA ILE A 108 -18.03 -9.31 -33.14
C ILE A 108 -17.83 -8.94 -31.66
N HIS A 109 -18.59 -7.98 -31.14
CA HIS A 109 -18.57 -7.68 -29.71
C HIS A 109 -19.84 -7.05 -29.22
N TYR A 110 -20.26 -7.47 -28.02
CA TYR A 110 -21.11 -6.69 -27.10
C TYR A 110 -21.02 -7.31 -25.72
N THR A 111 -20.64 -6.48 -24.74
CA THR A 111 -20.46 -6.93 -23.35
C THR A 111 -21.75 -7.49 -22.76
N PRO A 112 -21.61 -8.51 -21.89
CA PRO A 112 -22.74 -9.30 -21.42
C PRO A 112 -23.63 -8.59 -20.39
N ALA A 113 -23.78 -7.27 -20.53
CA ALA A 113 -24.57 -6.50 -19.56
C ALA A 113 -25.76 -5.73 -20.16
N TYR A 114 -25.78 -5.55 -21.47
CA TYR A 114 -26.83 -4.77 -22.12
C TYR A 114 -27.77 -5.71 -22.86
N PHE A 115 -27.21 -6.37 -23.86
CA PHE A 115 -27.80 -7.59 -24.36
C PHE A 115 -26.80 -8.68 -24.04
N HIS A 116 -27.32 -9.86 -23.68
CA HIS A 116 -26.50 -11.04 -23.49
C HIS A 116 -26.47 -11.86 -24.80
N HIS A 117 -25.51 -12.78 -24.96
CA HIS A 117 -25.36 -13.46 -26.27
C HIS A 117 -25.36 -14.98 -26.25
N VAL A 118 -25.64 -15.59 -27.41
CA VAL A 118 -25.73 -17.05 -27.59
C VAL A 118 -24.51 -17.89 -27.04
N PRO A 119 -23.27 -17.68 -27.58
CA PRO A 119 -22.14 -18.48 -27.03
C PRO A 119 -21.59 -17.98 -25.69
N GLY A 120 -21.85 -16.70 -25.39
CA GLY A 120 -21.52 -16.12 -24.10
C GLY A 120 -22.36 -16.74 -23.03
N MET A 121 -23.62 -17.07 -23.36
CA MET A 121 -24.45 -17.92 -22.49
C MET A 121 -23.98 -19.38 -22.41
N GLU A 122 -23.61 -20.00 -23.54
CA GLU A 122 -23.30 -21.44 -23.60
C GLU A 122 -22.04 -21.89 -22.84
N LEU A 123 -20.88 -21.38 -23.25
CA LEU A 123 -19.60 -21.53 -22.55
C LEU A 123 -19.64 -21.16 -21.07
N SER A 124 -20.48 -20.19 -20.70
CA SER A 124 -20.63 -19.80 -19.30
C SER A 124 -21.39 -20.85 -18.46
N GLU A 125 -22.20 -21.68 -19.12
CA GLU A 125 -22.73 -22.91 -18.51
C GLU A 125 -21.66 -23.99 -18.60
N LYS A 126 -21.19 -24.21 -19.82
CA LYS A 126 -20.31 -25.33 -20.20
C LYS A 126 -18.95 -25.28 -19.51
N LEU A 127 -18.57 -24.08 -19.02
CA LEU A 127 -17.40 -23.96 -18.17
C LEU A 127 -17.55 -24.47 -16.73
N ALA A 128 -18.74 -24.25 -16.17
CA ALA A 128 -19.05 -24.56 -14.76
C ALA A 128 -19.30 -26.05 -14.51
N LYS A 129 -19.78 -26.75 -15.55
CA LYS A 129 -20.07 -28.20 -15.48
C LYS A 129 -18.79 -28.98 -15.25
N ILE A 130 -17.73 -28.50 -15.89
CA ILE A 130 -16.52 -29.25 -16.18
C ILE A 130 -15.36 -28.98 -15.21
N ALA A 131 -15.56 -27.98 -14.34
CA ALA A 131 -14.66 -27.65 -13.21
C ALA A 131 -14.35 -28.87 -12.28
N PRO A 132 -13.26 -28.80 -11.46
CA PRO A 132 -13.18 -29.81 -10.43
C PRO A 132 -14.15 -29.56 -9.27
N GLY A 133 -14.98 -30.56 -9.00
CA GLY A 133 -15.88 -30.53 -7.85
C GLY A 133 -17.31 -30.76 -8.21
N ASN A 134 -18.14 -30.96 -7.18
CA ASN A 134 -19.62 -31.18 -7.24
C ASN A 134 -20.49 -29.92 -7.14
N SER A 135 -19.89 -28.83 -6.66
CA SER A 135 -20.62 -27.79 -5.96
C SER A 135 -21.00 -26.68 -6.91
N PRO A 136 -22.17 -26.03 -6.68
CA PRO A 136 -22.60 -24.96 -7.60
C PRO A 136 -21.49 -23.93 -7.88
N LYS A 137 -21.27 -23.61 -9.17
CA LYS A 137 -20.29 -22.57 -9.57
C LYS A 137 -20.82 -21.61 -10.64
N MET A 138 -20.39 -20.35 -10.55
CA MET A 138 -20.60 -19.35 -11.59
C MET A 138 -19.23 -19.01 -12.12
N VAL A 139 -19.18 -18.52 -13.34
CA VAL A 139 -17.91 -18.27 -14.01
C VAL A 139 -17.90 -16.89 -14.65
N SER A 140 -16.91 -16.07 -14.29
CA SER A 140 -16.77 -14.72 -14.86
C SER A 140 -15.67 -14.64 -15.91
N PHE A 141 -15.91 -13.79 -16.93
CA PHE A 141 -14.98 -13.67 -18.04
C PHE A 141 -13.97 -12.51 -17.91
N GLY A 142 -12.98 -12.55 -18.80
CA GLY A 142 -11.92 -11.55 -18.91
C GLY A 142 -11.24 -11.82 -20.21
N ASN A 143 -9.93 -11.58 -20.25
CA ASN A 143 -9.13 -11.88 -21.48
C ASN A 143 -7.84 -12.61 -21.25
N SER A 144 -7.13 -12.25 -20.18
CA SER A 144 -5.80 -12.80 -19.89
C SER A 144 -5.80 -13.65 -18.64
N GLY A 145 -4.75 -14.48 -18.51
CA GLY A 145 -4.46 -15.21 -17.28
C GLY A 145 -4.32 -14.23 -16.13
N SER A 146 -3.69 -13.09 -16.42
CA SER A 146 -3.41 -12.01 -15.49
C SER A 146 -4.67 -11.44 -14.89
N ASP A 147 -5.60 -11.07 -15.76
CA ASP A 147 -6.75 -10.23 -15.39
C ASP A 147 -7.82 -11.05 -14.68
N ALA A 148 -7.74 -12.36 -14.85
CA ALA A 148 -8.60 -13.30 -14.16
C ALA A 148 -8.07 -13.42 -12.76
N ASN A 149 -6.74 -13.47 -12.62
CA ASN A 149 -6.11 -13.49 -11.30
C ASN A 149 -6.31 -12.21 -10.44
N ASP A 150 -6.36 -11.04 -11.09
CA ASP A 150 -6.86 -9.82 -10.45
C ASP A 150 -8.23 -10.12 -9.88
N ALA A 151 -9.10 -10.71 -10.70
CA ALA A 151 -10.44 -11.04 -10.24
C ALA A 151 -10.45 -12.06 -9.09
N ILE A 152 -9.49 -12.98 -9.04
CA ILE A 152 -9.46 -13.89 -7.91
C ILE A 152 -9.30 -13.08 -6.62
N ILE A 153 -8.22 -12.30 -6.52
CA ILE A 153 -7.97 -11.41 -5.36
C ILE A 153 -9.29 -10.74 -4.95
N LYS A 154 -9.93 -10.10 -5.93
CA LYS A 154 -11.20 -9.41 -5.75
C LYS A 154 -12.33 -10.27 -5.13
N PHE A 155 -12.70 -11.35 -5.81
CA PHE A 155 -13.69 -12.35 -5.31
C PHE A 155 -13.36 -12.95 -3.91
N ALA A 156 -12.08 -13.21 -3.68
CA ALA A 156 -11.58 -13.67 -2.40
C ALA A 156 -11.80 -12.61 -1.30
N ARG A 157 -11.29 -11.41 -1.52
CA ARG A 157 -11.40 -10.36 -0.51
C ARG A 157 -12.88 -10.07 -0.20
N ALA A 158 -13.68 -9.84 -1.26
CA ALA A 158 -15.13 -9.54 -1.16
C ALA A 158 -15.88 -10.56 -0.32
N TYR A 159 -15.77 -11.83 -0.69
CA TYR A 159 -16.45 -12.88 0.03
C TYR A 159 -16.13 -12.80 1.53
N THR A 160 -14.86 -12.63 1.84
CA THR A 160 -14.38 -12.88 3.20
C THR A 160 -14.48 -11.65 4.12
N GLY A 161 -14.39 -10.46 3.53
CA GLY A 161 -14.29 -9.23 4.32
C GLY A 161 -12.87 -9.03 4.78
N ARG A 162 -12.05 -10.09 4.62
CA ARG A 162 -10.57 -10.11 4.82
C ARG A 162 -9.78 -9.32 3.73
N GLN A 163 -8.45 -9.27 3.90
CA GLN A 163 -7.58 -8.31 3.22
C GLN A 163 -6.36 -8.89 2.46
N TYR A 164 -5.68 -9.83 3.12
CA TYR A 164 -4.38 -10.34 2.64
C TYR A 164 -4.53 -11.35 1.52
N ILE A 165 -3.53 -11.44 0.64
CA ILE A 165 -3.42 -12.62 -0.26
C ILE A 165 -2.13 -13.41 0.07
N VAL A 166 -2.17 -14.73 0.05
CA VAL A 166 -0.93 -15.56 0.06
C VAL A 166 -0.67 -16.27 -1.30
N SER A 167 0.51 -16.00 -1.87
CA SER A 167 0.92 -16.56 -3.15
C SER A 167 2.33 -17.16 -3.09
N TYR A 168 2.68 -17.97 -4.10
CA TYR A 168 3.92 -18.72 -3.98
C TYR A 168 5.07 -18.14 -4.74
N MET A 169 6.28 -18.37 -4.22
CA MET A 169 7.47 -17.94 -4.92
C MET A 169 7.68 -18.81 -6.11
N GLY A 170 8.13 -18.21 -7.21
CA GLY A 170 8.37 -18.91 -8.49
C GLY A 170 7.20 -19.09 -9.46
N SER A 171 6.03 -18.62 -9.06
CA SER A 171 4.81 -18.66 -9.87
C SER A 171 4.66 -17.36 -10.63
N TYR A 172 4.21 -17.47 -11.86
CA TYR A 172 3.77 -16.35 -12.63
C TYR A 172 2.24 -16.37 -12.51
N HIS A 173 1.65 -15.20 -12.36
CA HIS A 173 0.22 -15.15 -12.25
C HIS A 173 -0.34 -14.12 -13.23
N GLY A 174 0.56 -13.30 -13.77
CA GLY A 174 0.21 -12.29 -14.73
C GLY A 174 0.96 -11.00 -14.54
N SER A 175 0.64 -10.04 -15.40
CA SER A 175 1.33 -8.75 -15.48
C SER A 175 0.33 -7.56 -15.41
N THR A 176 -0.56 -7.66 -14.43
CA THR A 176 -1.45 -6.56 -14.06
C THR A 176 -1.17 -6.41 -12.60
N TYR A 177 -1.27 -5.20 -12.08
CA TYR A 177 -0.83 -4.91 -10.71
C TYR A 177 -1.22 -5.94 -9.62
N GLY A 178 -2.38 -6.55 -9.78
CA GLY A 178 -2.83 -7.60 -8.89
C GLY A 178 -1.97 -8.82 -9.07
N SER A 179 -2.19 -9.51 -10.18
CA SER A 179 -1.48 -10.76 -10.53
C SER A 179 0.01 -10.58 -10.58
N GLN A 180 0.43 -9.49 -11.20
CA GLN A 180 1.83 -9.07 -11.20
C GLN A 180 2.51 -9.19 -9.79
N THR A 181 1.76 -8.81 -8.73
CA THR A 181 2.28 -8.71 -7.37
C THR A 181 2.41 -10.09 -6.70
N LEU A 182 1.43 -10.95 -6.91
CA LEU A 182 1.44 -12.32 -6.38
C LEU A 182 2.57 -13.21 -6.90
N SER A 183 2.99 -12.94 -8.12
CA SER A 183 4.03 -13.71 -8.80
C SER A 183 5.39 -13.75 -8.07
N GLY A 184 6.33 -14.57 -8.55
CA GLY A 184 7.66 -14.57 -7.99
C GLY A 184 8.66 -15.27 -8.87
N SER A 185 8.44 -15.26 -10.17
CA SER A 185 9.38 -15.87 -11.10
C SER A 185 10.58 -14.92 -11.37
N SER A 186 10.43 -14.00 -12.34
CA SER A 186 11.50 -13.08 -12.77
CA SER A 186 11.52 -13.11 -12.69
C SER A 186 11.36 -11.71 -12.11
N LEU A 187 12.48 -11.14 -11.72
CA LEU A 187 12.55 -9.91 -10.94
C LEU A 187 12.12 -8.64 -11.67
N ASN A 188 12.11 -8.66 -13.02
CA ASN A 188 11.69 -7.49 -13.82
C ASN A 188 10.21 -7.04 -13.64
N MET A 189 9.43 -7.92 -13.01
CA MET A 189 8.00 -7.68 -12.74
C MET A 189 7.77 -6.76 -11.53
N THR A 190 8.83 -6.48 -10.77
CA THR A 190 8.79 -5.34 -9.86
C THR A 190 9.53 -4.15 -10.45
N ARG A 191 10.69 -4.39 -11.09
CA ARG A 191 11.73 -3.34 -11.17
C ARG A 191 11.37 -1.99 -11.81
N LYS A 192 11.41 -0.97 -10.95
CA LYS A 192 11.18 0.47 -11.26
C LYS A 192 9.69 0.89 -11.24
N ILE A 193 8.80 -0.08 -10.93
CA ILE A 193 7.32 0.05 -10.99
C ILE A 193 6.53 -0.05 -9.66
N GLY A 194 7.26 -0.02 -8.53
CA GLY A 194 6.68 -0.18 -7.21
C GLY A 194 5.96 1.09 -6.73
N PRO A 195 5.15 1.01 -5.68
CA PRO A 195 5.00 -0.18 -4.83
C PRO A 195 3.98 -1.13 -5.42
N MET A 196 4.08 -2.42 -5.06
CA MET A 196 3.16 -3.44 -5.55
C MET A 196 1.87 -3.57 -4.70
N LEU A 197 0.94 -4.46 -5.08
CA LEU A 197 -0.33 -4.53 -4.33
C LEU A 197 -0.14 -4.81 -2.84
N PRO A 198 -0.81 -4.02 -1.98
CA PRO A 198 -0.55 -4.23 -0.56
C PRO A 198 -1.07 -5.58 -0.06
N SER A 199 -0.62 -5.98 1.13
CA SER A 199 -1.12 -7.14 1.82
C SER A 199 -0.94 -8.47 1.07
N VAL A 200 0.27 -8.65 0.58
CA VAL A 200 0.61 -9.88 -0.15
C VAL A 200 1.89 -10.42 0.38
N VAL A 201 1.91 -11.75 0.47
CA VAL A 201 2.94 -12.53 1.17
C VAL A 201 3.29 -13.78 0.38
N HIS A 202 4.55 -13.85 -0.02
CA HIS A 202 5.15 -14.97 -0.73
C HIS A 202 5.79 -15.98 0.24
N VAL A 203 5.37 -17.25 0.10
CA VAL A 203 5.93 -18.44 0.82
C VAL A 203 6.78 -19.30 -0.15
N PRO A 204 7.59 -20.25 0.35
CA PRO A 204 8.33 -21.04 -0.67
C PRO A 204 7.47 -22.13 -1.27
N TYR A 205 7.70 -22.50 -2.53
CA TYR A 205 7.02 -23.68 -3.08
C TYR A 205 7.93 -24.88 -2.83
N PRO A 206 7.37 -26.11 -2.72
CA PRO A 206 8.21 -27.30 -2.59
C PRO A 206 9.02 -27.71 -3.82
N ASP A 207 10.35 -27.69 -3.62
CA ASP A 207 11.36 -28.36 -4.44
C ASP A 207 11.62 -29.78 -3.93
N SER A 208 11.52 -30.75 -4.84
CA SER A 208 11.78 -32.16 -4.55
C SER A 208 13.02 -32.75 -5.25
N TYR A 209 14.00 -31.91 -5.53
CA TYR A 209 15.22 -32.31 -6.16
C TYR A 209 16.35 -31.71 -5.37
N ARG A 210 16.39 -30.38 -5.27
CA ARG A 210 17.32 -29.73 -4.33
C ARG A 210 16.90 -29.93 -2.84
N THR A 211 16.97 -31.19 -2.40
CA THR A 211 16.66 -31.58 -1.00
C THR A 211 17.88 -31.66 -0.08
N TYR A 212 17.65 -31.41 1.20
CA TYR A 212 18.67 -31.61 2.26
C TYR A 212 18.96 -33.10 2.36
N PRO A 213 20.25 -33.52 2.51
CA PRO A 213 20.64 -34.97 2.55
C PRO A 213 19.61 -35.92 3.17
N GLY A 214 18.92 -36.67 2.32
CA GLY A 214 18.10 -37.81 2.73
C GLY A 214 16.66 -37.61 3.14
N GLU A 215 16.08 -36.46 2.77
CA GLU A 215 14.66 -36.17 2.99
C GLU A 215 13.79 -37.13 2.17
N THR A 216 12.80 -37.74 2.83
CA THR A 216 11.78 -38.52 2.15
C THR A 216 10.69 -37.52 1.81
N GLU A 217 10.06 -37.67 0.65
CA GLU A 217 8.93 -36.82 0.18
C GLU A 217 7.96 -36.33 1.30
N HIS A 218 7.97 -37.02 2.44
CA HIS A 218 7.27 -36.56 3.65
C HIS A 218 7.93 -35.30 4.22
N ASP A 219 9.23 -35.42 4.56
CA ASP A 219 10.11 -34.32 4.98
C ASP A 219 10.09 -33.02 4.14
N VAL A 220 9.89 -33.16 2.82
CA VAL A 220 9.76 -32.04 1.87
C VAL A 220 8.48 -31.27 2.25
N SER A 221 7.34 -31.96 2.14
CA SER A 221 6.03 -31.40 2.46
C SER A 221 5.99 -30.79 3.85
N LEU A 222 6.44 -31.54 4.85
CA LEU A 222 6.41 -31.11 6.25
C LEU A 222 7.39 -30.00 6.57
N ARG A 223 8.49 -29.92 5.83
CA ARG A 223 9.45 -28.82 6.03
C ARG A 223 8.98 -27.59 5.33
N TYR A 224 8.39 -27.77 4.16
CA TYR A 224 7.87 -26.65 3.38
C TYR A 224 6.58 -26.16 3.95
N PHE A 225 5.79 -27.10 4.49
CA PHE A 225 4.59 -26.75 5.22
C PHE A 225 4.97 -25.91 6.43
N ASN A 226 5.98 -26.34 7.19
CA ASN A 226 6.49 -25.53 8.31
C ASN A 226 6.93 -24.12 7.92
N GLU A 227 7.74 -24.02 6.87
CA GLU A 227 8.08 -22.74 6.21
C GLU A 227 6.85 -21.98 5.62
N PHE A 228 5.73 -22.68 5.49
CA PHE A 228 4.47 -22.12 5.07
C PHE A 228 3.76 -21.42 6.24
N LYS A 229 3.81 -22.08 7.40
CA LYS A 229 3.04 -21.64 8.58
C LYS A 229 3.60 -20.40 9.26
N LYS A 230 4.90 -20.14 9.00
CA LYS A 230 5.70 -19.12 9.67
C LYS A 230 5.17 -17.67 9.57
N PRO A 231 4.88 -17.17 8.35
CA PRO A 231 4.14 -15.91 8.29
C PRO A 231 2.89 -15.82 9.17
N PHE A 232 2.13 -16.91 9.27
CA PHE A 232 0.90 -16.94 10.11
C PHE A 232 1.18 -16.98 11.62
N GLU A 233 2.42 -17.25 11.98
CA GLU A 233 2.83 -17.49 13.36
C GLU A 233 3.84 -16.41 13.76
N SER A 234 3.80 -15.31 12.98
CA SER A 234 4.68 -14.17 13.14
C SER A 234 3.96 -12.81 12.90
N PHE A 235 3.67 -12.45 11.64
CA PHE A 235 3.08 -11.13 11.31
C PHE A 235 1.71 -11.21 10.68
N LEU A 236 1.33 -12.37 10.20
CA LEU A 236 0.17 -12.48 9.33
C LEU A 236 -0.97 -13.22 10.05
N PRO A 237 -2.13 -12.55 10.22
CA PRO A 237 -3.14 -13.29 10.94
C PRO A 237 -4.01 -14.07 10.00
N ALA A 238 -4.14 -15.35 10.30
CA ALA A 238 -5.02 -16.29 9.63
C ALA A 238 -6.44 -15.76 9.42
N ASP A 239 -6.95 -14.95 10.37
CA ASP A 239 -8.27 -14.29 10.23
C ASP A 239 -8.37 -13.01 9.34
N GLU A 240 -7.30 -12.63 8.66
CA GLU A 240 -7.40 -11.57 7.61
C GLU A 240 -6.82 -11.98 6.26
N THR A 241 -6.37 -13.24 6.16
CA THR A 241 -5.92 -13.79 4.88
C THR A 241 -7.13 -14.41 4.19
N ALA A 242 -7.59 -13.70 3.15
CA ALA A 242 -8.68 -14.07 2.24
C ALA A 242 -8.47 -15.36 1.49
N CYS A 243 -7.28 -15.56 0.94
CA CYS A 243 -6.97 -16.74 0.10
C CYS A 243 -5.47 -17.11 0.02
N VAL A 244 -5.19 -18.41 -0.01
CA VAL A 244 -3.96 -18.85 -0.57
C VAL A 244 -4.20 -18.84 -2.09
N LEU A 245 -3.18 -18.52 -2.86
CA LEU A 245 -3.29 -18.74 -4.29
C LEU A 245 -2.05 -19.45 -4.85
N ILE A 246 -2.28 -20.60 -5.48
CA ILE A 246 -1.21 -21.56 -5.78
C ILE A 246 -1.42 -22.27 -7.11
N GLU A 247 -0.36 -22.34 -7.91
CA GLU A 247 -0.41 -23.13 -9.14
C GLU A 247 -0.22 -24.61 -8.73
N PRO A 248 -1.22 -25.48 -8.98
CA PRO A 248 -1.01 -26.89 -8.59
C PRO A 248 0.33 -27.51 -9.03
N ILE A 249 0.72 -27.31 -10.29
CA ILE A 249 2.12 -27.55 -10.72
C ILE A 249 2.70 -26.28 -11.38
N GLN A 250 3.76 -25.71 -10.78
CA GLN A 250 4.31 -24.42 -11.25
C GLN A 250 4.79 -24.51 -12.71
N GLY A 251 4.79 -23.38 -13.43
CA GLY A 251 5.30 -23.34 -14.82
C GLY A 251 6.72 -22.82 -14.84
N ASP A 252 6.80 -21.49 -14.78
CA ASP A 252 8.03 -20.71 -14.74
C ASP A 252 8.95 -21.05 -13.56
N GLY A 253 8.44 -21.78 -12.56
CA GLY A 253 9.31 -22.36 -11.55
C GLY A 253 10.26 -23.40 -12.13
N GLY A 254 9.70 -24.40 -12.84
CA GLY A 254 10.42 -25.44 -13.60
C GLY A 254 9.64 -26.75 -13.71
N ILE A 255 8.37 -26.66 -14.11
CA ILE A 255 7.39 -27.75 -14.04
C ILE A 255 7.63 -28.56 -12.75
N ILE A 256 7.24 -27.92 -11.64
CA ILE A 256 7.52 -28.42 -10.29
C ILE A 256 6.18 -28.75 -9.65
N LYS A 257 6.01 -30.00 -9.22
CA LYS A 257 4.79 -30.48 -8.58
C LYS A 257 4.95 -30.56 -7.07
N ALA A 258 4.02 -29.93 -6.33
CA ALA A 258 4.01 -30.04 -4.85
C ALA A 258 3.60 -31.45 -4.54
N PRO A 259 4.17 -32.06 -3.50
CA PRO A 259 3.68 -33.38 -3.12
C PRO A 259 2.21 -33.34 -2.69
N GLU A 260 1.46 -34.39 -3.01
CA GLU A 260 0.17 -34.70 -2.36
C GLU A 260 0.08 -34.23 -0.88
N GLU A 261 1.04 -34.67 -0.07
CA GLU A 261 1.01 -34.44 1.37
C GLU A 261 1.04 -32.93 1.72
N TYR A 262 1.89 -32.17 1.03
CA TYR A 262 1.93 -30.71 1.10
C TYR A 262 0.60 -30.08 0.74
N MET A 263 -0.07 -30.62 -0.27
CA MET A 263 -1.30 -30.02 -0.77
C MET A 263 -2.51 -30.14 0.17
N GLN A 264 -2.67 -31.33 0.78
CA GLN A 264 -3.77 -31.65 1.72
C GLN A 264 -3.58 -30.91 3.05
N LEU A 265 -2.31 -30.68 3.41
CA LEU A 265 -1.89 -29.92 4.59
C LEU A 265 -2.22 -28.44 4.46
N VAL A 266 -1.93 -27.87 3.29
CA VAL A 266 -2.25 -26.49 2.94
C VAL A 266 -3.77 -26.39 2.79
N TYR A 267 -4.37 -27.42 2.15
CA TYR A 267 -5.83 -27.48 1.87
C TYR A 267 -6.68 -27.49 3.13
N LYS A 268 -6.31 -28.32 4.10
CA LYS A 268 -7.04 -28.40 5.36
C LYS A 268 -6.83 -27.08 6.07
N PHE A 269 -5.58 -26.63 6.15
CA PHE A 269 -5.23 -25.32 6.73
C PHE A 269 -6.18 -24.22 6.29
N CYS A 270 -6.46 -24.16 4.99
CA CYS A 270 -7.30 -23.11 4.45
C CYS A 270 -8.73 -23.18 4.98
N HIS A 271 -9.31 -24.39 4.97
CA HIS A 271 -10.67 -24.63 5.46
C HIS A 271 -10.85 -24.52 6.98
N GLU A 272 -9.80 -24.86 7.73
CA GLU A 272 -9.76 -24.70 9.18
C GLU A 272 -9.83 -23.20 9.60
N HIS A 273 -9.17 -22.31 8.84
CA HIS A 273 -8.99 -20.90 9.25
C HIS A 273 -9.84 -19.91 8.45
N GLY A 274 -10.85 -20.43 7.72
CA GLY A 274 -11.69 -19.64 6.81
C GLY A 274 -11.01 -19.05 5.58
N ILE A 275 -9.77 -19.41 5.32
CA ILE A 275 -9.08 -18.93 4.12
C ILE A 275 -9.58 -19.71 2.89
N LEU A 276 -9.94 -18.99 1.83
CA LEU A 276 -10.26 -19.67 0.58
C LEU A 276 -9.02 -20.39 -0.01
N PHE A 277 -9.27 -21.51 -0.70
CA PHE A 277 -8.25 -22.26 -1.46
C PHE A 277 -8.37 -21.93 -2.94
N ALA A 278 -7.39 -21.23 -3.53
CA ALA A 278 -7.51 -20.90 -4.97
C ALA A 278 -6.48 -21.61 -5.83
N ILE A 279 -6.84 -21.92 -7.07
CA ILE A 279 -5.84 -22.43 -8.02
C ILE A 279 -5.73 -21.64 -9.31
N ASP A 280 -4.47 -21.51 -9.77
CA ASP A 280 -4.12 -20.99 -11.09
C ASP A 280 -3.95 -22.24 -11.97
N GLU A 281 -4.83 -22.46 -12.94
CA GLU A 281 -4.71 -23.63 -13.88
C GLU A 281 -4.41 -23.20 -15.34
N VAL A 282 -3.80 -22.01 -15.46
CA VAL A 282 -3.60 -21.35 -16.75
C VAL A 282 -2.63 -22.19 -17.59
N ASN A 283 -1.48 -22.47 -17.01
CA ASN A 283 -0.53 -23.38 -17.60
C ASN A 283 -1.04 -24.82 -17.63
N GLN A 284 -1.62 -25.27 -16.49
CA GLN A 284 -1.64 -26.73 -16.18
C GLN A 284 -2.93 -27.54 -16.39
N GLY A 285 -3.99 -26.89 -16.77
CA GLY A 285 -5.27 -27.52 -16.90
C GLY A 285 -5.56 -27.69 -18.36
N LEU A 286 -6.84 -27.87 -18.65
CA LEU A 286 -7.33 -28.13 -19.99
C LEU A 286 -6.64 -29.28 -20.69
N GLY A 287 -6.46 -30.39 -19.95
CA GLY A 287 -5.87 -31.62 -20.50
C GLY A 287 -4.38 -31.67 -20.35
N ARG A 288 -3.75 -30.51 -20.19
CA ARG A 288 -2.30 -30.40 -20.06
C ARG A 288 -1.60 -31.54 -19.32
N THR A 289 -2.08 -31.86 -18.11
CA THR A 289 -1.34 -32.60 -17.05
C THR A 289 -1.47 -34.12 -17.04
N GLY A 290 -2.64 -34.65 -17.41
CA GLY A 290 -2.90 -36.08 -17.26
C GLY A 290 -4.38 -36.29 -16.97
N LYS A 291 -4.89 -35.53 -16.01
CA LYS A 291 -6.34 -35.34 -15.83
C LYS A 291 -6.71 -33.98 -16.45
N MET A 292 -8.00 -33.74 -16.71
CA MET A 292 -8.51 -32.45 -17.26
C MET A 292 -7.87 -31.20 -16.64
N TRP A 293 -7.68 -31.22 -15.32
CA TRP A 293 -7.06 -30.13 -14.50
C TRP A 293 -5.94 -30.68 -13.62
N ALA A 294 -5.08 -29.78 -13.13
CA ALA A 294 -3.93 -30.18 -12.31
C ALA A 294 -4.25 -30.52 -10.83
N ILE A 295 -5.43 -30.13 -10.35
CA ILE A 295 -5.83 -30.44 -8.99
C ILE A 295 -6.25 -31.92 -8.83
N GLN A 296 -6.64 -32.54 -9.95
CA GLN A 296 -7.21 -33.88 -9.94
C GLN A 296 -6.10 -34.89 -9.97
N GLN A 297 -4.87 -34.37 -9.93
CA GLN A 297 -3.69 -35.17 -9.57
C GLN A 297 -3.61 -35.39 -8.02
N PHE A 298 -4.57 -34.80 -7.29
CA PHE A 298 -4.63 -34.91 -5.81
C PHE A 298 -5.99 -35.38 -5.31
N LYS A 299 -6.00 -36.20 -4.25
CA LYS A 299 -7.23 -36.82 -3.72
C LYS A 299 -8.22 -35.78 -3.16
N ASP A 300 -9.47 -35.89 -3.63
CA ASP A 300 -10.56 -34.91 -3.44
C ASP A 300 -10.16 -33.55 -2.89
N ILE A 301 -9.75 -32.66 -3.80
CA ILE A 301 -9.60 -31.24 -3.50
C ILE A 301 -10.54 -30.56 -4.46
N GLU A 302 -11.07 -29.44 -4.03
CA GLU A 302 -12.04 -28.71 -4.79
C GLU A 302 -11.66 -27.24 -4.65
N PRO A 303 -11.34 -26.53 -5.78
CA PRO A 303 -10.96 -25.09 -5.74
C PRO A 303 -12.15 -24.24 -5.23
N ASP A 304 -11.91 -23.25 -4.36
CA ASP A 304 -12.95 -22.26 -4.06
C ASP A 304 -13.03 -21.40 -5.27
N LEU A 305 -11.84 -21.00 -5.74
CA LEU A 305 -11.64 -20.32 -7.01
C LEU A 305 -10.69 -21.08 -7.92
N MET A 306 -10.75 -20.74 -9.20
CA MET A 306 -9.83 -21.29 -10.21
C MET A 306 -9.72 -20.32 -11.39
N SER A 307 -8.52 -20.17 -11.94
CA SER A 307 -8.30 -19.45 -13.19
C SER A 307 -7.79 -20.34 -14.33
N VAL A 308 -8.15 -19.94 -15.55
CA VAL A 308 -7.63 -20.44 -16.83
C VAL A 308 -7.69 -19.20 -17.75
N GLY A 309 -6.73 -19.07 -18.68
CA GLY A 309 -6.73 -18.03 -19.72
C GLY A 309 -6.47 -18.70 -21.05
N LYS A 310 -5.42 -18.25 -21.73
CA LYS A 310 -4.61 -19.15 -22.57
C LYS A 310 -5.38 -20.18 -23.44
N SER A 311 -5.14 -21.46 -23.18
CA SER A 311 -5.78 -22.53 -23.92
C SER A 311 -7.30 -22.63 -23.79
N LEU A 312 -7.96 -21.70 -23.09
CA LEU A 312 -9.43 -21.72 -23.04
C LEU A 312 -9.96 -21.56 -24.47
N ALA A 313 -9.25 -20.75 -25.26
CA ALA A 313 -9.73 -20.35 -26.54
C ALA A 313 -8.76 -20.62 -27.70
N SER A 314 -8.27 -21.86 -27.80
CA SER A 314 -7.27 -22.29 -28.81
C SER A 314 -6.33 -21.14 -29.19
N GLY A 315 -5.91 -20.40 -28.15
CA GLY A 315 -5.09 -19.21 -28.31
C GLY A 315 -5.71 -17.82 -28.22
N MET A 316 -7.02 -17.66 -28.45
CA MET A 316 -7.67 -16.34 -28.43
C MET A 316 -7.66 -15.66 -27.03
N PRO A 317 -7.78 -14.30 -26.96
CA PRO A 317 -7.72 -13.62 -25.65
C PRO A 317 -9.09 -13.60 -25.01
N LEU A 318 -9.37 -14.70 -24.34
CA LEU A 318 -10.51 -14.83 -23.49
C LEU A 318 -9.96 -15.65 -22.31
N SER A 319 -10.63 -15.51 -21.15
CA SER A 319 -10.20 -16.08 -19.88
C SER A 319 -11.36 -16.19 -18.88
N ALA A 320 -11.29 -17.22 -18.02
CA ALA A 320 -12.32 -17.48 -17.00
C ALA A 320 -11.87 -17.55 -15.54
N VAL A 321 -12.55 -16.76 -14.68
CA VAL A 321 -12.63 -16.99 -13.20
C VAL A 321 -13.72 -18.08 -12.97
N ILE A 322 -13.43 -19.16 -12.23
CA ILE A 322 -14.52 -20.10 -11.83
C ILE A 322 -14.68 -20.32 -10.28
N GLY A 323 -15.42 -19.39 -9.65
CA GLY A 323 -15.68 -19.36 -8.18
C GLY A 323 -16.90 -20.15 -7.70
N LYS A 324 -16.91 -20.50 -6.40
CA LYS A 324 -17.97 -21.37 -5.84
C LYS A 324 -19.11 -20.44 -5.68
N LYS A 325 -20.29 -20.87 -6.12
CA LYS A 325 -21.44 -19.95 -6.34
C LYS A 325 -21.55 -18.79 -5.33
N GLU A 326 -21.29 -19.10 -4.06
CA GLU A 326 -21.25 -18.13 -2.95
C GLU A 326 -20.24 -16.95 -3.15
N VAL A 327 -18.97 -17.27 -3.44
CA VAL A 327 -17.86 -16.33 -3.64
C VAL A 327 -18.15 -15.34 -4.78
N MET A 328 -18.65 -15.88 -5.89
CA MET A 328 -18.98 -15.11 -7.09
C MET A 328 -20.05 -14.02 -6.89
N GLN A 329 -21.03 -14.25 -6.01
CA GLN A 329 -22.25 -13.41 -5.88
C GLN A 329 -22.15 -11.89 -5.56
N SER A 330 -21.03 -11.42 -4.99
CA SER A 330 -20.82 -9.98 -4.67
C SER A 330 -20.85 -9.01 -5.90
N LEU A 331 -19.91 -9.20 -6.84
CA LEU A 331 -19.96 -8.53 -8.15
C LEU A 331 -19.88 -9.57 -9.31
N ASP A 332 -19.73 -9.13 -10.57
CA ASP A 332 -19.71 -10.05 -11.71
C ASP A 332 -18.84 -9.60 -12.88
N THR A 339 -13.54 -5.66 -20.27
CA THR A 339 -14.58 -4.94 -21.00
C THR A 339 -14.85 -5.58 -22.35
N THR A 340 -13.78 -5.94 -23.05
CA THR A 340 -13.81 -6.86 -24.21
C THR A 340 -14.11 -8.32 -23.76
N ALA A 341 -14.23 -8.49 -22.45
CA ALA A 341 -14.59 -9.73 -21.76
C ALA A 341 -15.94 -10.30 -22.21
N GLY A 342 -15.95 -11.62 -22.40
CA GLY A 342 -17.14 -12.37 -22.79
C GLY A 342 -17.20 -12.62 -24.29
N ASN A 343 -16.34 -11.93 -25.03
CA ASN A 343 -16.42 -11.80 -26.50
C ASN A 343 -17.06 -12.93 -27.30
N PRO A 344 -18.01 -12.56 -28.21
CA PRO A 344 -18.77 -13.57 -28.92
C PRO A 344 -17.95 -14.44 -29.89
N VAL A 345 -16.99 -13.82 -30.59
CA VAL A 345 -16.09 -14.56 -31.47
C VAL A 345 -15.24 -15.52 -30.64
N CYS A 346 -14.95 -15.11 -29.40
CA CYS A 346 -13.92 -15.72 -28.57
C CYS A 346 -14.47 -16.97 -27.84
N SER A 347 -15.70 -16.85 -27.36
CA SER A 347 -16.47 -17.92 -26.78
C SER A 347 -16.72 -18.96 -27.84
N ALA A 348 -17.16 -18.51 -29.01
CA ALA A 348 -17.25 -19.38 -30.18
C ALA A 348 -15.97 -20.19 -30.29
N ALA A 349 -14.84 -19.52 -30.44
CA ALA A 349 -13.53 -20.20 -30.46
C ALA A 349 -13.33 -21.22 -29.30
N SER A 350 -13.62 -20.75 -28.07
CA SER A 350 -13.43 -21.53 -26.87
C SER A 350 -14.29 -22.80 -26.80
N LEU A 351 -15.57 -22.66 -27.17
CA LEU A 351 -16.47 -23.81 -27.27
C LEU A 351 -15.84 -24.90 -28.14
N ALA A 352 -15.51 -24.54 -29.40
CA ALA A 352 -14.91 -25.50 -30.34
C ALA A 352 -13.73 -26.24 -29.79
N THR A 353 -12.89 -25.55 -29.02
CA THR A 353 -11.70 -26.19 -28.47
C THR A 353 -11.95 -27.12 -27.26
N LEU A 354 -13.01 -26.86 -26.48
CA LEU A 354 -13.47 -27.86 -25.50
C LEU A 354 -14.03 -29.06 -26.25
N ASP A 355 -14.81 -28.79 -27.30
CA ASP A 355 -15.28 -29.85 -28.21
C ASP A 355 -14.16 -30.87 -28.45
N VAL A 356 -12.99 -30.34 -28.86
CA VAL A 356 -11.87 -31.10 -29.40
C VAL A 356 -11.15 -31.84 -28.29
N ILE A 357 -11.13 -31.23 -27.11
CA ILE A 357 -10.53 -31.86 -25.96
C ILE A 357 -11.35 -33.12 -25.64
N GLU A 358 -12.68 -33.04 -25.80
CA GLU A 358 -13.56 -34.21 -25.64
C GLU A 358 -13.52 -35.14 -26.89
N TYR A 359 -14.07 -34.67 -28.02
CA TYR A 359 -14.08 -35.40 -29.30
C TYR A 359 -12.78 -36.15 -29.57
N GLU A 360 -11.67 -35.41 -29.61
CA GLU A 360 -10.35 -35.95 -30.02
C GLU A 360 -9.59 -36.78 -28.95
N GLY A 361 -10.31 -37.16 -27.89
CA GLY A 361 -9.80 -37.73 -26.66
C GLY A 361 -8.57 -37.07 -26.05
N LEU A 362 -8.49 -35.74 -26.04
CA LEU A 362 -7.18 -35.10 -25.71
C LEU A 362 -6.59 -35.34 -24.30
N VAL A 363 -7.44 -35.48 -23.29
CA VAL A 363 -6.96 -35.73 -21.93
C VAL A 363 -6.39 -37.17 -21.74
N GLU A 364 -7.19 -38.21 -22.04
CA GLU A 364 -6.70 -39.59 -22.05
C GLU A 364 -5.43 -39.75 -22.91
N LYS A 365 -5.36 -39.00 -24.02
CA LYS A 365 -4.20 -38.99 -24.92
C LYS A 365 -3.00 -38.32 -24.27
N SER A 366 -3.27 -37.14 -23.68
CA SER A 366 -2.28 -36.34 -22.99
C SER A 366 -1.49 -37.20 -21.99
N ALA A 367 -2.22 -37.98 -21.18
CA ALA A 367 -1.69 -38.95 -20.21
C ALA A 367 -0.73 -39.97 -20.82
N THR A 368 -1.25 -40.71 -21.80
CA THR A 368 -0.51 -41.78 -22.49
C THR A 368 0.71 -41.26 -23.28
N ASP A 369 0.51 -40.26 -24.12
CA ASP A 369 1.65 -39.66 -24.82
C ASP A 369 2.66 -39.12 -23.81
N GLY A 370 2.12 -38.41 -22.80
CA GLY A 370 2.87 -37.91 -21.63
C GLY A 370 3.77 -38.93 -20.99
N ALA A 371 3.16 -40.00 -20.45
CA ALA A 371 3.86 -41.20 -19.95
C ALA A 371 4.99 -41.71 -20.85
N TYR A 372 4.65 -41.98 -22.12
CA TYR A 372 5.63 -42.33 -23.14
C TYR A 372 6.77 -41.31 -23.20
N ALA A 373 6.44 -40.03 -23.36
CA ALA A 373 7.44 -38.95 -23.41
C ALA A 373 8.34 -38.87 -22.17
N LYS A 374 7.83 -39.34 -21.02
CA LYS A 374 8.56 -39.45 -19.74
C LYS A 374 9.60 -40.58 -19.66
N GLN A 375 9.25 -41.75 -20.23
CA GLN A 375 10.13 -42.92 -20.22
C GLN A 375 11.29 -42.78 -21.20
N ARG A 376 11.06 -42.13 -22.35
CA ARG A 376 12.12 -41.88 -23.33
C ARG A 376 13.17 -40.93 -22.80
N PHE A 377 12.75 -39.98 -21.97
CA PHE A 377 13.67 -39.10 -21.23
C PHE A 377 14.33 -39.83 -20.07
N LEU A 378 13.56 -40.68 -19.41
CA LEU A 378 14.12 -41.54 -18.36
C LEU A 378 15.17 -42.50 -18.96
N GLU A 379 14.88 -43.06 -20.14
CA GLU A 379 15.89 -43.76 -20.96
C GLU A 379 16.99 -42.78 -21.42
N MET A 380 16.61 -41.56 -21.85
CA MET A 380 17.56 -40.53 -22.34
C MET A 380 18.47 -39.96 -21.28
N GLN A 381 17.96 -39.95 -20.05
CA GLN A 381 18.70 -39.63 -18.83
C GLN A 381 19.85 -40.61 -18.62
N GLN A 382 19.59 -41.91 -18.88
CA GLN A 382 20.52 -42.98 -18.54
C GLN A 382 21.82 -42.94 -19.35
N ARG A 383 21.72 -42.66 -20.66
CA ARG A 383 22.93 -42.53 -21.49
C ARG A 383 23.66 -41.23 -21.15
N HIS A 384 22.87 -40.19 -20.94
CA HIS A 384 23.36 -38.85 -20.77
C HIS A 384 23.50 -38.46 -19.28
N PRO A 385 24.74 -38.28 -18.77
CA PRO A 385 24.87 -37.88 -17.35
C PRO A 385 24.17 -36.56 -16.90
N MET A 386 23.88 -35.65 -17.84
CA MET A 386 23.51 -34.25 -17.53
C MET A 386 22.05 -33.95 -17.13
N ILE A 387 21.07 -34.69 -17.69
CA ILE A 387 19.63 -34.41 -17.43
C ILE A 387 19.28 -34.74 -15.97
N GLY A 388 19.49 -33.75 -15.10
CA GLY A 388 19.36 -33.91 -13.63
C GLY A 388 18.01 -34.38 -13.13
N ASP A 389 16.98 -33.59 -13.40
CA ASP A 389 15.60 -34.00 -13.15
C ASP A 389 14.76 -33.97 -14.42
N VAL A 390 14.04 -35.06 -14.58
CA VAL A 390 12.98 -35.25 -15.53
C VAL A 390 11.75 -35.39 -14.61
N ARG A 391 11.03 -34.30 -14.44
CA ARG A 391 9.73 -34.30 -13.75
C ARG A 391 8.69 -34.07 -14.84
N MET A 392 7.63 -34.88 -14.83
CA MET A 392 6.63 -34.85 -15.90
C MET A 392 5.29 -35.47 -15.51
N TRP A 393 4.22 -34.83 -15.98
CA TRP A 393 2.81 -35.27 -15.80
C TRP A 393 2.04 -34.84 -17.06
N GLY A 394 1.56 -35.82 -17.84
CA GLY A 394 1.00 -35.58 -19.18
C GLY A 394 2.09 -35.08 -20.12
N LEU A 395 1.69 -34.57 -21.29
CA LEU A 395 2.64 -33.96 -22.24
C LEU A 395 3.06 -32.60 -21.70
N ASN A 396 3.91 -32.65 -20.67
CA ASN A 396 4.06 -31.52 -19.74
C ASN A 396 5.14 -31.87 -18.72
N GLY A 397 6.38 -31.57 -19.08
CA GLY A 397 7.52 -31.96 -18.27
C GLY A 397 8.62 -30.94 -18.31
N GLY A 398 9.63 -31.14 -17.46
CA GLY A 398 10.71 -30.16 -17.27
C GLY A 398 12.00 -30.93 -17.09
N ILE A 399 13.02 -30.50 -17.82
CA ILE A 399 14.21 -31.25 -18.16
C ILE A 399 15.38 -30.42 -17.62
N GLU A 400 15.41 -30.28 -16.30
CA GLU A 400 16.44 -29.47 -15.65
C GLU A 400 17.80 -30.14 -15.84
N LEU A 401 18.60 -29.52 -16.70
CA LEU A 401 19.97 -29.94 -16.97
C LEU A 401 20.86 -29.28 -15.93
N VAL A 402 21.89 -30.02 -15.50
CA VAL A 402 22.86 -29.60 -14.47
C VAL A 402 24.30 -30.03 -14.81
N LYS A 403 25.31 -29.38 -14.21
CA LYS A 403 26.71 -29.79 -14.41
C LYS A 403 26.91 -31.23 -13.91
N ASP A 404 26.86 -31.44 -12.59
CA ASP A 404 27.01 -32.79 -12.03
C ASP A 404 25.69 -33.22 -11.34
N PRO A 405 25.39 -34.56 -11.34
CA PRO A 405 24.19 -35.08 -10.69
C PRO A 405 24.24 -35.26 -9.17
N LYS A 406 25.34 -34.88 -8.52
CA LYS A 406 25.39 -34.84 -7.04
C LYS A 406 25.30 -33.41 -6.47
N THR A 407 26.22 -32.52 -6.87
CA THR A 407 26.16 -31.08 -6.58
C THR A 407 24.78 -30.49 -6.97
N LYS A 408 24.30 -30.90 -8.15
CA LYS A 408 22.97 -30.51 -8.70
C LYS A 408 22.87 -29.06 -9.24
N GLU A 409 24.04 -28.55 -9.64
CA GLU A 409 24.33 -27.16 -9.98
C GLU A 409 24.00 -26.77 -11.43
N PRO A 410 23.13 -25.75 -11.62
CA PRO A 410 22.67 -25.26 -12.93
C PRO A 410 23.66 -25.27 -14.10
N ASP A 411 23.24 -25.91 -15.19
CA ASP A 411 23.92 -25.78 -16.47
C ASP A 411 23.06 -24.99 -17.47
N SER A 412 23.00 -23.67 -17.24
CA SER A 412 22.45 -22.66 -18.13
C SER A 412 23.06 -22.74 -19.56
N ASP A 413 24.34 -23.09 -19.62
CA ASP A 413 25.10 -23.15 -20.86
C ASP A 413 24.59 -24.26 -21.78
N ALA A 414 24.62 -25.50 -21.27
CA ALA A 414 24.14 -26.69 -21.97
C ALA A 414 22.69 -26.62 -22.48
N ALA A 415 21.82 -25.93 -21.75
CA ALA A 415 20.42 -25.76 -22.17
C ALA A 415 20.32 -24.89 -23.42
N THR A 416 20.78 -23.63 -23.34
CA THR A 416 20.91 -22.77 -24.51
C THR A 416 21.53 -23.54 -25.69
N LYS A 417 22.63 -24.25 -25.43
CA LYS A 417 23.25 -25.12 -26.42
C LYS A 417 22.25 -26.12 -27.02
N VAL A 418 21.53 -26.82 -26.14
CA VAL A 418 20.45 -27.74 -26.59
C VAL A 418 19.40 -27.01 -27.44
N ILE A 419 18.87 -25.89 -26.93
CA ILE A 419 17.73 -25.19 -27.56
C ILE A 419 18.09 -24.55 -28.92
N TYR A 420 19.32 -24.03 -29.05
CA TYR A 420 19.77 -23.36 -30.28
C TYR A 420 19.88 -24.36 -31.41
N TYR A 421 20.72 -25.37 -31.21
CA TYR A 421 20.82 -26.53 -32.09
C TYR A 421 19.46 -27.12 -32.54
N ALA A 422 18.52 -27.24 -31.59
CA ALA A 422 17.17 -27.74 -31.85
C ALA A 422 16.44 -26.85 -32.86
N PHE A 423 16.55 -25.52 -32.68
CA PHE A 423 15.99 -24.51 -33.60
C PHE A 423 16.56 -24.70 -35.03
N ALA A 424 17.88 -24.80 -35.14
CA ALA A 424 18.54 -25.09 -36.41
C ALA A 424 18.56 -26.60 -36.70
N HIS A 425 17.51 -27.29 -36.23
CA HIS A 425 17.19 -28.66 -36.59
C HIS A 425 15.69 -28.97 -36.59
N GLY A 426 14.85 -27.96 -36.42
CA GLY A 426 13.45 -28.05 -36.84
C GLY A 426 12.52 -28.30 -35.69
N VAL A 427 12.91 -27.77 -34.53
CA VAL A 427 12.13 -27.86 -33.29
C VAL A 427 12.38 -26.59 -32.48
N VAL A 428 11.28 -25.93 -32.14
CA VAL A 428 11.31 -24.74 -31.28
C VAL A 428 10.95 -25.09 -29.83
N ILE A 429 11.99 -25.17 -29.02
CA ILE A 429 11.84 -25.36 -27.59
C ILE A 429 12.55 -24.20 -26.90
N ILE A 430 12.11 -23.85 -25.69
CA ILE A 430 12.70 -22.73 -24.91
C ILE A 430 12.94 -23.10 -23.43
N THR A 431 13.73 -22.26 -22.74
CA THR A 431 14.17 -22.54 -21.38
C THR A 431 13.42 -21.77 -20.25
N LEU A 432 13.65 -22.18 -19.01
CA LEU A 432 13.05 -21.55 -17.84
C LEU A 432 14.05 -21.71 -16.70
N ALA A 433 14.09 -20.69 -15.83
CA ALA A 433 14.91 -20.62 -14.62
C ALA A 433 16.37 -20.94 -14.89
N GLY A 434 16.82 -20.46 -16.05
CA GLY A 434 18.14 -20.71 -16.58
C GLY A 434 18.07 -21.97 -17.36
N ASN A 435 18.35 -23.07 -16.65
CA ASN A 435 18.72 -24.42 -17.18
C ASN A 435 17.65 -25.53 -17.40
N ILE A 436 16.37 -25.15 -17.48
CA ILE A 436 15.27 -26.10 -17.53
C ILE A 436 14.60 -26.07 -18.92
N LEU A 437 14.57 -27.21 -19.59
CA LEU A 437 13.83 -27.30 -20.85
C LEU A 437 12.31 -27.48 -20.66
N ARG A 438 11.59 -26.35 -20.76
CA ARG A 438 10.14 -26.24 -20.90
C ARG A 438 9.57 -27.04 -22.09
N PHE A 439 9.05 -28.24 -21.77
CA PHE A 439 8.51 -29.22 -22.71
C PHE A 439 7.03 -29.34 -22.47
N GLN A 440 6.28 -28.47 -23.14
CA GLN A 440 4.81 -28.45 -23.05
C GLN A 440 4.29 -28.22 -24.44
N PRO A 441 4.31 -29.27 -25.29
CA PRO A 441 3.87 -29.20 -26.70
C PRO A 441 2.35 -29.12 -26.92
N PRO A 442 1.89 -28.93 -28.18
CA PRO A 442 0.46 -29.07 -28.41
C PRO A 442 0.04 -30.51 -28.17
N LEU A 443 -1.03 -30.73 -27.40
CA LEU A 443 -1.45 -32.10 -27.02
C LEU A 443 -1.87 -32.96 -28.20
N VAL A 444 -2.20 -32.31 -29.31
CA VAL A 444 -2.72 -32.96 -30.50
C VAL A 444 -1.57 -33.64 -31.24
N ILE A 445 -0.34 -33.26 -30.89
CA ILE A 445 0.87 -33.78 -31.54
C ILE A 445 0.66 -35.20 -32.07
N PRO A 446 0.93 -35.41 -33.36
CA PRO A 446 0.95 -36.77 -33.92
C PRO A 446 2.19 -37.47 -33.43
N ARG A 447 2.15 -38.79 -33.22
CA ARG A 447 3.28 -39.49 -32.64
C ARG A 447 4.54 -39.24 -33.41
N GLU A 448 4.52 -39.55 -34.72
CA GLU A 448 5.67 -39.33 -35.64
C GLU A 448 6.51 -38.05 -35.34
N GLN A 449 5.84 -36.90 -35.25
CA GLN A 449 6.47 -35.62 -34.83
C GLN A 449 6.98 -35.68 -33.38
N LEU A 450 6.16 -36.24 -32.47
CA LEU A 450 6.56 -36.41 -31.06
C LEU A 450 7.83 -37.27 -30.99
N ASP A 451 7.90 -38.31 -31.82
CA ASP A 451 9.14 -39.06 -31.99
C ASP A 451 10.28 -38.26 -32.61
N GLN A 452 9.94 -37.24 -33.39
CA GLN A 452 10.98 -36.51 -34.11
C GLN A 452 11.63 -35.46 -33.26
N ALA A 453 10.81 -34.73 -32.49
CA ALA A 453 11.34 -33.75 -31.53
C ALA A 453 12.20 -34.50 -30.56
N LEU A 454 11.66 -35.58 -29.99
CA LEU A 454 12.42 -36.43 -29.09
C LEU A 454 13.77 -36.82 -29.68
N GLN A 455 13.84 -37.32 -30.92
CA GLN A 455 15.15 -37.69 -31.54
C GLN A 455 16.15 -36.52 -31.67
N VAL A 456 15.68 -35.40 -32.22
CA VAL A 456 16.50 -34.18 -32.28
C VAL A 456 17.20 -33.82 -30.95
N LEU A 457 16.41 -33.85 -29.85
CA LEU A 457 16.87 -33.48 -28.50
C LEU A 457 17.93 -34.45 -27.95
N ASP A 458 17.74 -35.74 -28.19
CA ASP A 458 18.75 -36.80 -27.95
C ASP A 458 20.13 -36.47 -28.54
N ASP A 459 20.17 -36.08 -29.81
CA ASP A 459 21.42 -35.72 -30.49
C ASP A 459 21.98 -34.42 -29.97
N ALA A 460 21.10 -33.47 -29.66
CA ALA A 460 21.48 -32.23 -28.97
C ALA A 460 22.35 -32.54 -27.76
N PHE A 461 21.92 -33.52 -26.96
CA PHE A 461 22.66 -33.96 -25.78
C PHE A 461 24.06 -34.50 -26.14
N THR A 462 24.10 -35.32 -27.17
CA THR A 462 25.35 -35.88 -27.71
C THR A 462 26.38 -34.82 -28.16
N ALA A 463 25.93 -33.84 -28.95
CA ALA A 463 26.78 -32.74 -29.41
C ALA A 463 27.46 -31.92 -28.27
N VAL A 464 26.68 -31.55 -27.25
CA VAL A 464 27.19 -30.76 -26.10
C VAL A 464 28.30 -31.48 -25.36
N GLU A 465 28.11 -32.77 -25.13
CA GLU A 465 29.09 -33.59 -24.43
C GLU A 465 30.40 -33.67 -25.22
N ASN A 466 30.30 -33.53 -26.54
CA ASN A 466 31.46 -33.39 -27.42
C ASN A 466 31.95 -31.94 -27.53
N GLY A 467 31.08 -30.98 -27.18
CA GLY A 467 31.40 -29.56 -27.29
C GLY A 467 31.35 -29.06 -28.73
N GLU A 468 30.68 -29.85 -29.58
CA GLU A 468 30.48 -29.57 -31.01
C GLU A 468 29.44 -28.47 -31.30
N VAL A 469 29.07 -27.70 -30.26
CA VAL A 469 28.08 -26.59 -30.33
C VAL A 469 28.77 -25.29 -29.87
N THR A 470 28.43 -24.17 -30.51
CA THR A 470 29.03 -22.85 -30.18
C THR A 470 28.08 -21.70 -30.53
N ILE A 471 28.22 -20.56 -29.84
CA ILE A 471 27.41 -19.32 -30.07
C ILE A 471 27.63 -18.75 -31.47
N TYR B 57 -31.44 -7.68 -21.86
CA TYR B 57 -32.93 -7.54 -21.85
C TYR B 57 -33.58 -8.91 -22.04
N ASN B 58 -34.77 -9.11 -21.44
CA ASN B 58 -35.48 -10.43 -21.37
C ASN B 58 -35.33 -11.39 -22.57
N LEU B 59 -35.34 -10.80 -23.76
CA LEU B 59 -35.09 -11.50 -25.01
C LEU B 59 -33.63 -11.17 -25.47
N VAL B 60 -32.83 -12.22 -25.71
CA VAL B 60 -31.34 -12.18 -25.77
C VAL B 60 -30.77 -12.14 -27.22
N ILE B 61 -29.55 -11.62 -27.42
CA ILE B 61 -29.01 -11.15 -28.76
C ILE B 61 -28.45 -12.18 -29.80
N ASP B 62 -28.82 -12.01 -31.07
CA ASP B 62 -28.49 -12.95 -32.18
C ASP B 62 -27.30 -12.47 -33.07
N HIS B 63 -27.59 -11.47 -33.91
CA HIS B 63 -26.64 -10.87 -34.85
C HIS B 63 -26.89 -9.36 -34.99
N ALA B 64 -26.04 -8.67 -35.77
CA ALA B 64 -26.05 -7.22 -35.92
C ALA B 64 -25.16 -6.74 -37.08
N HIS B 65 -25.57 -5.68 -37.75
CA HIS B 65 -24.81 -5.12 -38.86
C HIS B 65 -24.96 -3.57 -38.89
N GLY B 66 -23.83 -2.87 -38.86
CA GLY B 66 -23.80 -1.40 -38.72
C GLY B 66 -24.47 -0.93 -37.43
N ALA B 67 -25.68 -0.39 -37.58
CA ALA B 67 -26.49 0.12 -36.46
C ALA B 67 -27.65 -0.78 -36.00
N THR B 68 -28.11 -1.68 -36.88
CA THR B 68 -29.25 -2.55 -36.56
C THR B 68 -28.76 -3.77 -35.77
N LEU B 69 -29.42 -4.03 -34.63
CA LEU B 69 -29.20 -5.21 -33.79
C LEU B 69 -30.40 -6.14 -33.91
N VAL B 70 -30.13 -7.43 -33.99
CA VAL B 70 -31.16 -8.46 -34.17
C VAL B 70 -30.98 -9.51 -33.07
N ASP B 71 -32.05 -9.75 -32.30
CA ASP B 71 -32.03 -10.73 -31.21
C ASP B 71 -32.81 -11.98 -31.61
N VAL B 72 -32.95 -12.93 -30.69
CA VAL B 72 -33.57 -14.25 -30.92
C VAL B 72 -34.91 -14.23 -31.67
N ASP B 73 -35.79 -13.29 -31.35
CA ASP B 73 -37.13 -13.21 -31.96
C ASP B 73 -37.16 -12.54 -33.35
N GLY B 74 -36.04 -11.93 -33.75
CA GLY B 74 -35.91 -11.17 -35.00
C GLY B 74 -36.18 -9.67 -34.80
N ASN B 75 -36.11 -9.22 -33.55
CA ASN B 75 -36.45 -7.85 -33.24
C ASN B 75 -35.32 -6.87 -33.57
N LYS B 76 -35.70 -5.78 -34.26
CA LYS B 76 -34.78 -4.77 -34.77
C LYS B 76 -34.59 -3.65 -33.76
N TYR B 77 -33.33 -3.31 -33.52
CA TYR B 77 -32.96 -2.25 -32.59
C TYR B 77 -31.88 -1.37 -33.16
N ILE B 78 -32.12 -0.07 -33.00
CA ILE B 78 -31.19 0.98 -33.36
C ILE B 78 -30.21 1.13 -32.19
N ASP B 79 -28.92 1.05 -32.48
CA ASP B 79 -27.90 1.14 -31.42
C ASP B 79 -27.35 2.57 -31.18
N LEU B 80 -27.09 2.88 -29.91
CA LEU B 80 -26.52 4.17 -29.48
C LEU B 80 -25.51 4.07 -28.35
N LEU B 81 -25.46 2.92 -27.67
CA LEU B 81 -24.43 2.68 -26.65
C LEU B 81 -23.09 2.31 -27.31
N ALA B 82 -23.16 1.60 -28.44
CA ALA B 82 -22.00 1.13 -29.24
C ALA B 82 -20.91 0.40 -28.45
N SER B 83 -21.36 -0.33 -27.43
CA SER B 83 -20.53 -1.11 -26.50
C SER B 83 -19.43 -0.32 -25.76
N ALA B 84 -19.85 0.77 -25.08
CA ALA B 84 -18.95 1.71 -24.36
C ALA B 84 -17.74 2.18 -25.20
N SER B 85 -18.04 2.51 -26.46
CA SER B 85 -17.10 2.71 -27.58
C SER B 85 -16.30 1.47 -27.96
N ALA B 86 -16.67 0.89 -29.11
CA ALA B 86 -16.01 -0.26 -29.73
C ALA B 86 -16.52 -0.37 -31.18
N ILE B 87 -17.79 0.02 -31.32
CA ILE B 87 -18.60 -0.20 -32.51
C ILE B 87 -18.55 1.07 -33.40
N ASN B 88 -17.55 1.92 -33.12
CA ASN B 88 -17.10 3.01 -33.99
C ASN B 88 -17.40 2.83 -35.48
N VAL B 89 -17.25 1.60 -35.95
CA VAL B 89 -17.32 1.33 -37.38
C VAL B 89 -18.39 0.28 -37.73
N GLY B 90 -19.43 0.25 -36.90
CA GLY B 90 -20.50 -0.75 -37.00
C GLY B 90 -20.08 -2.15 -36.57
N HIS B 91 -21.06 -3.05 -36.49
CA HIS B 91 -20.82 -4.46 -36.33
C HIS B 91 -20.47 -5.06 -37.65
N THR B 92 -20.33 -6.40 -37.66
CA THR B 92 -20.15 -7.24 -38.85
C THR B 92 -19.93 -6.47 -40.16
N HIS B 93 -18.82 -5.73 -40.18
CA HIS B 93 -18.42 -4.94 -41.33
C HIS B 93 -17.56 -5.86 -42.18
N GLU B 94 -17.90 -5.89 -43.47
CA GLU B 94 -17.43 -6.94 -44.39
C GLU B 94 -15.90 -7.08 -44.50
N LYS B 95 -15.18 -5.96 -44.59
CA LYS B 95 -13.69 -5.95 -44.61
C LYS B 95 -13.03 -6.42 -43.29
N VAL B 96 -13.75 -6.32 -42.18
CA VAL B 96 -13.22 -6.64 -40.85
C VAL B 96 -13.55 -8.08 -40.47
N VAL B 97 -14.68 -8.58 -41.00
CA VAL B 97 -15.07 -10.00 -40.91
C VAL B 97 -14.11 -10.85 -41.78
N LYS B 98 -13.85 -10.36 -43.00
CA LYS B 98 -12.99 -11.01 -43.97
C LYS B 98 -11.58 -11.12 -43.38
N ALA B 99 -11.14 -10.04 -42.69
CA ALA B 99 -9.79 -9.97 -42.09
C ALA B 99 -9.65 -10.88 -40.86
N ILE B 100 -10.71 -10.98 -40.05
CA ILE B 100 -10.77 -11.86 -38.90
C ILE B 100 -10.56 -13.29 -39.40
N ALA B 101 -11.58 -13.80 -40.07
CA ALA B 101 -11.64 -15.11 -40.68
C ALA B 101 -10.41 -15.50 -41.50
N ASP B 102 -9.95 -14.62 -42.41
CA ASP B 102 -8.75 -14.92 -43.24
C ASP B 102 -7.48 -15.07 -42.39
N GLN B 103 -7.38 -14.30 -41.31
CA GLN B 103 -6.27 -14.46 -40.37
C GLN B 103 -6.38 -15.75 -39.51
N ALA B 104 -7.57 -16.10 -39.01
CA ALA B 104 -7.77 -17.27 -38.16
C ALA B 104 -7.29 -18.60 -38.78
N GLN B 105 -7.42 -18.69 -40.10
CA GLN B 105 -6.82 -19.73 -40.94
C GLN B 105 -5.31 -19.79 -40.81
N LYS B 106 -4.62 -18.66 -41.04
CA LYS B 106 -3.13 -18.62 -41.02
C LYS B 106 -2.54 -19.00 -39.63
N LEU B 107 -2.89 -18.24 -38.59
CA LEU B 107 -2.39 -18.50 -37.21
C LEU B 107 -3.21 -17.79 -36.14
N ILE B 108 -3.85 -18.56 -35.27
CA ILE B 108 -4.71 -17.98 -34.21
C ILE B 108 -3.94 -17.24 -33.14
N HIS B 109 -2.91 -17.90 -32.58
CA HIS B 109 -2.08 -17.27 -31.54
C HIS B 109 -0.57 -17.57 -31.47
N TYR B 110 0.21 -16.47 -31.49
CA TYR B 110 1.61 -16.43 -31.06
C TYR B 110 1.99 -15.03 -30.50
N THR B 111 2.85 -15.03 -29.49
CA THR B 111 3.10 -13.86 -28.61
C THR B 111 4.31 -13.00 -29.02
N PRO B 112 4.13 -11.64 -29.10
CA PRO B 112 5.19 -10.68 -29.39
C PRO B 112 6.54 -10.91 -28.70
N ALA B 113 6.54 -11.67 -27.60
CA ALA B 113 7.77 -12.02 -26.88
C ALA B 113 8.73 -12.82 -27.74
N TYR B 114 8.35 -14.05 -28.04
CA TYR B 114 9.25 -14.99 -28.68
C TYR B 114 9.33 -14.87 -30.21
N PHE B 115 8.20 -14.58 -30.86
CA PHE B 115 8.13 -14.56 -32.33
C PHE B 115 7.35 -13.37 -32.89
N HIS B 116 7.73 -12.91 -34.08
CA HIS B 116 6.92 -11.88 -34.76
C HIS B 116 5.88 -12.54 -35.66
N HIS B 117 4.73 -11.92 -35.78
CA HIS B 117 3.82 -12.25 -36.87
C HIS B 117 3.79 -10.99 -37.69
N VAL B 118 3.17 -11.03 -38.86
CA VAL B 118 3.20 -9.85 -39.73
C VAL B 118 2.16 -8.80 -39.30
N PRO B 119 0.86 -9.16 -39.20
CA PRO B 119 -0.11 -8.06 -39.08
C PRO B 119 0.16 -7.16 -37.87
N GLY B 120 0.47 -7.76 -36.70
CA GLY B 120 0.85 -7.01 -35.50
C GLY B 120 2.05 -6.10 -35.72
N MET B 121 3.01 -6.62 -36.49
CA MET B 121 4.14 -5.83 -37.01
C MET B 121 3.69 -4.71 -37.93
N GLU B 122 2.77 -5.00 -38.84
CA GLU B 122 2.25 -3.98 -39.80
C GLU B 122 1.42 -2.96 -39.06
N LEU B 123 0.64 -3.45 -38.07
CA LEU B 123 -0.14 -2.65 -37.09
C LEU B 123 0.69 -1.68 -36.30
N SER B 124 1.77 -2.16 -35.66
CA SER B 124 2.63 -1.29 -34.83
C SER B 124 3.03 0.01 -35.56
N GLU B 125 3.63 -0.17 -36.75
CA GLU B 125 3.99 0.95 -37.62
C GLU B 125 2.80 1.91 -37.74
N LYS B 126 1.65 1.40 -38.17
CA LYS B 126 0.46 2.23 -38.46
C LYS B 126 -0.09 2.99 -37.23
N LEU B 127 0.25 2.49 -36.05
CA LEU B 127 -0.18 3.06 -34.78
C LEU B 127 0.76 4.12 -34.22
N ALA B 128 2.04 4.03 -34.53
CA ALA B 128 3.01 5.08 -34.18
C ALA B 128 2.82 6.24 -35.15
N LYS B 129 2.50 5.88 -36.40
CA LYS B 129 2.22 6.80 -37.49
C LYS B 129 0.95 7.62 -37.22
N ILE B 130 -0.12 6.96 -36.77
CA ILE B 130 -1.41 7.68 -36.63
C ILE B 130 -1.56 8.47 -35.33
N ALA B 131 -0.85 7.99 -34.30
CA ALA B 131 -0.69 8.61 -32.99
C ALA B 131 -0.61 10.13 -33.01
N PRO B 132 -1.14 10.78 -31.96
CA PRO B 132 -1.07 12.25 -31.83
C PRO B 132 0.38 12.76 -31.76
N GLY B 133 0.67 13.85 -32.47
CA GLY B 133 2.02 14.41 -32.49
C GLY B 133 3.03 13.77 -33.46
N ASN B 134 4.29 14.23 -33.34
CA ASN B 134 5.37 14.03 -34.31
C ASN B 134 6.62 13.39 -33.76
N SER B 135 6.73 13.35 -32.42
CA SER B 135 7.86 12.73 -31.75
C SER B 135 7.87 11.22 -32.03
N PRO B 136 9.07 10.61 -32.15
CA PRO B 136 9.05 9.19 -32.46
C PRO B 136 8.34 8.40 -31.35
N LYS B 137 7.28 7.73 -31.78
CA LYS B 137 6.44 6.89 -30.92
C LYS B 137 6.90 5.45 -30.93
N MET B 138 6.31 4.66 -30.02
CA MET B 138 6.37 3.20 -29.98
C MET B 138 5.16 2.64 -29.24
N VAL B 139 4.63 1.53 -29.77
CA VAL B 139 3.42 0.93 -29.21
C VAL B 139 3.75 -0.35 -28.45
N SER B 140 3.19 -0.48 -27.25
CA SER B 140 3.02 -1.78 -26.65
C SER B 140 1.57 -2.25 -26.77
N PHE B 141 1.43 -3.56 -26.98
CA PHE B 141 0.11 -4.15 -27.17
C PHE B 141 -0.43 -4.74 -25.88
N GLY B 142 -1.76 -4.81 -25.79
CA GLY B 142 -2.45 -5.42 -24.67
C GLY B 142 -3.72 -6.14 -25.08
N ASN B 143 -4.50 -6.58 -24.09
CA ASN B 143 -5.76 -7.26 -24.37
C ASN B 143 -6.95 -6.31 -24.25
N SER B 144 -6.88 -5.38 -23.30
CA SER B 144 -7.97 -4.47 -23.02
C SER B 144 -7.42 -3.12 -22.60
N GLY B 145 -8.17 -2.06 -22.86
CA GLY B 145 -7.84 -0.75 -22.28
C GLY B 145 -7.57 -0.85 -20.77
N SER B 146 -8.26 -1.78 -20.11
CA SER B 146 -8.03 -2.09 -18.70
C SER B 146 -6.53 -2.36 -18.39
N ASP B 147 -5.89 -3.27 -19.14
CA ASP B 147 -4.48 -3.68 -18.92
C ASP B 147 -3.43 -2.73 -19.52
N ALA B 148 -3.89 -1.91 -20.45
CA ALA B 148 -3.07 -0.88 -21.05
C ALA B 148 -2.96 0.28 -20.10
N ASN B 149 -4.01 0.57 -19.36
CA ASN B 149 -3.83 1.55 -18.31
C ASN B 149 -2.85 1.08 -17.24
N ASP B 150 -2.90 -0.19 -16.83
CA ASP B 150 -1.90 -0.70 -15.89
C ASP B 150 -0.52 -0.34 -16.37
N ALA B 151 -0.26 -0.69 -17.64
CA ALA B 151 1.03 -0.47 -18.29
C ALA B 151 1.51 0.99 -18.23
N ILE B 152 0.63 1.94 -18.60
CA ILE B 152 0.87 3.38 -18.44
C ILE B 152 1.46 3.77 -17.05
N ILE B 153 1.08 3.05 -15.99
CA ILE B 153 1.67 3.27 -14.66
C ILE B 153 3.07 2.66 -14.68
N LYS B 154 3.19 1.46 -15.20
CA LYS B 154 4.47 0.74 -15.18
C LYS B 154 5.49 1.58 -15.87
N PHE B 155 5.08 2.17 -17.00
CA PHE B 155 6.00 2.91 -17.86
C PHE B 155 6.39 4.21 -17.17
N ALA B 156 5.41 5.09 -16.98
CA ALA B 156 5.48 6.28 -16.10
C ALA B 156 6.43 6.12 -14.90
N ARG B 157 6.14 5.14 -14.04
CA ARG B 157 7.00 4.82 -12.88
C ARG B 157 8.41 4.40 -13.27
N ALA B 158 8.56 3.59 -14.32
CA ALA B 158 9.91 3.24 -14.82
C ALA B 158 10.76 4.43 -15.33
N TYR B 159 10.40 5.03 -16.45
CA TYR B 159 11.12 6.21 -16.98
C TYR B 159 11.52 7.30 -15.95
N THR B 160 10.60 7.65 -15.05
CA THR B 160 10.79 8.75 -14.09
C THR B 160 11.42 8.33 -12.79
N GLY B 161 11.48 7.01 -12.54
CA GLY B 161 11.92 6.43 -11.24
C GLY B 161 11.06 6.80 -10.04
N ARG B 162 9.80 7.15 -10.30
CA ARG B 162 8.90 7.84 -9.37
C ARG B 162 7.68 7.00 -9.07
N GLN B 163 7.04 7.27 -7.94
CA GLN B 163 5.89 6.50 -7.45
C GLN B 163 4.48 7.02 -7.82
N TYR B 164 4.11 8.21 -7.34
CA TYR B 164 2.66 8.59 -7.26
C TYR B 164 1.95 8.85 -8.58
N ILE B 165 0.67 8.49 -8.63
CA ILE B 165 -0.14 8.67 -9.82
C ILE B 165 -1.35 9.50 -9.53
N VAL B 166 -1.41 10.61 -10.26
CA VAL B 166 -2.52 11.56 -10.27
C VAL B 166 -3.51 11.20 -11.40
N SER B 167 -4.64 10.62 -10.99
CA SER B 167 -5.74 10.19 -11.87
C SER B 167 -6.95 10.96 -11.42
N TYR B 168 -8.13 10.73 -12.00
CA TYR B 168 -9.30 11.67 -11.80
C TYR B 168 -10.66 11.21 -11.16
N MET B 169 -11.36 12.15 -10.54
CA MET B 169 -12.80 12.04 -10.28
C MET B 169 -13.62 12.09 -11.57
N GLY B 170 -14.68 11.27 -11.60
CA GLY B 170 -15.51 11.13 -12.79
C GLY B 170 -14.98 10.11 -13.79
N SER B 171 -13.68 9.78 -13.71
CA SER B 171 -12.92 9.01 -14.71
C SER B 171 -13.13 7.51 -14.58
N TYR B 172 -12.84 6.75 -15.64
CA TYR B 172 -12.80 5.27 -15.58
C TYR B 172 -11.72 4.58 -16.47
N HIS B 173 -10.49 4.55 -15.97
CA HIS B 173 -9.40 4.01 -16.74
C HIS B 173 -9.39 2.47 -16.83
N GLY B 174 -10.18 1.79 -16.00
CA GLY B 174 -10.35 0.31 -16.11
C GLY B 174 -10.57 -0.56 -14.85
N SER B 175 -10.15 -1.83 -14.93
CA SER B 175 -10.71 -2.88 -14.06
C SER B 175 -9.75 -3.94 -13.48
N THR B 176 -8.47 -3.68 -13.70
CA THR B 176 -7.41 -4.48 -13.17
C THR B 176 -6.95 -3.68 -12.00
N TYR B 177 -6.20 -4.28 -11.07
CA TYR B 177 -5.87 -3.58 -9.83
C TYR B 177 -5.33 -2.14 -9.96
N GLY B 178 -4.49 -1.90 -10.95
CA GLY B 178 -3.96 -0.56 -11.20
C GLY B 178 -4.95 0.40 -11.84
N SER B 179 -5.69 -0.10 -12.83
CA SER B 179 -6.64 0.75 -13.55
C SER B 179 -7.97 0.89 -12.82
N GLN B 180 -8.27 -0.06 -11.93
CA GLN B 180 -9.38 0.10 -11.00
C GLN B 180 -9.07 1.12 -9.92
N THR B 181 -7.78 1.32 -9.62
CA THR B 181 -7.38 2.25 -8.55
C THR B 181 -7.39 3.69 -9.06
N LEU B 182 -7.04 3.85 -10.34
CA LEU B 182 -7.00 5.12 -11.04
C LEU B 182 -8.35 5.75 -11.27
N SER B 183 -9.42 4.95 -11.21
CA SER B 183 -10.77 5.40 -11.56
C SER B 183 -11.55 5.96 -10.37
N GLY B 184 -12.75 6.47 -10.66
CA GLY B 184 -13.65 6.99 -9.64
C GLY B 184 -14.93 7.43 -10.31
N SER B 185 -15.68 6.45 -10.79
CA SER B 185 -17.00 6.69 -11.41
C SER B 185 -18.11 6.15 -10.52
N SER B 186 -19.27 6.84 -10.56
CA SER B 186 -20.49 6.52 -9.77
C SER B 186 -20.69 5.04 -9.40
N LEU B 187 -21.22 4.28 -10.36
CA LEU B 187 -21.40 2.83 -10.22
C LEU B 187 -20.10 2.11 -9.84
N ASN B 188 -18.99 2.49 -10.50
CA ASN B 188 -17.65 1.89 -10.30
C ASN B 188 -17.17 2.13 -8.88
N MET B 189 -17.66 1.27 -8.00
CA MET B 189 -17.38 1.35 -6.61
C MET B 189 -16.53 0.16 -6.23
N THR B 190 -15.26 0.45 -6.00
CA THR B 190 -14.30 -0.54 -5.50
C THR B 190 -14.50 -0.69 -4.01
N ARG B 191 -15.64 -1.27 -3.65
CA ARG B 191 -15.91 -1.75 -2.30
C ARG B 191 -15.33 -3.15 -2.13
N LYS B 192 -15.12 -3.54 -0.86
CA LYS B 192 -14.76 -4.91 -0.41
C LYS B 192 -13.45 -5.50 -0.92
N ILE B 193 -12.78 -4.79 -1.82
CA ILE B 193 -11.68 -5.34 -2.64
C ILE B 193 -10.37 -4.61 -2.43
N GLY B 194 -10.42 -3.57 -1.57
CA GLY B 194 -9.22 -2.85 -1.15
C GLY B 194 -8.42 -3.77 -0.23
N PRO B 195 -7.22 -3.34 0.21
CA PRO B 195 -6.61 -2.07 -0.21
C PRO B 195 -6.25 -2.07 -1.68
N MET B 196 -6.41 -0.88 -2.29
CA MET B 196 -6.09 -0.61 -3.68
C MET B 196 -4.57 -0.54 -3.99
N LEU B 197 -4.24 -0.23 -5.26
CA LEU B 197 -2.84 -0.05 -5.64
C LEU B 197 -2.28 1.21 -4.95
N PRO B 198 -1.20 1.09 -4.15
CA PRO B 198 -0.79 2.23 -3.31
C PRO B 198 -0.20 3.40 -4.09
N SER B 199 -0.21 4.58 -3.47
CA SER B 199 0.38 5.82 -4.02
C SER B 199 -0.37 6.31 -5.23
N VAL B 200 -1.67 6.46 -5.04
CA VAL B 200 -2.51 7.08 -6.06
C VAL B 200 -3.27 8.23 -5.44
N VAL B 201 -3.17 9.41 -6.07
CA VAL B 201 -3.97 10.62 -5.70
C VAL B 201 -5.01 10.94 -6.77
N HIS B 202 -6.23 11.25 -6.31
CA HIS B 202 -7.32 11.79 -7.17
C HIS B 202 -7.55 13.31 -7.11
N VAL B 203 -8.02 13.82 -8.24
CA VAL B 203 -8.17 15.26 -8.41
C VAL B 203 -9.47 15.50 -9.20
N PRO B 204 -10.15 16.62 -8.94
CA PRO B 204 -11.48 16.74 -9.54
C PRO B 204 -11.41 17.03 -11.03
N TYR B 205 -12.48 16.70 -11.77
CA TYR B 205 -12.60 16.98 -13.19
C TYR B 205 -13.50 18.25 -13.49
N PRO B 206 -13.04 19.16 -14.39
CA PRO B 206 -13.78 20.37 -14.66
C PRO B 206 -15.24 20.18 -15.11
N ASP B 207 -16.11 20.24 -14.11
CA ASP B 207 -17.53 20.28 -14.28
C ASP B 207 -17.89 21.64 -14.86
N SER B 208 -18.81 21.64 -15.83
CA SER B 208 -19.13 22.83 -16.60
C SER B 208 -20.58 23.19 -16.44
N TYR B 209 -21.38 22.18 -16.13
CA TYR B 209 -22.78 22.35 -15.96
C TYR B 209 -23.09 22.89 -14.58
N ARG B 210 -22.39 22.37 -13.58
CA ARG B 210 -22.71 22.65 -12.20
C ARG B 210 -21.65 23.54 -11.58
N THR B 211 -22.05 24.78 -11.34
CA THR B 211 -21.14 25.89 -11.06
C THR B 211 -21.64 26.84 -9.96
N TYR B 212 -20.73 27.70 -9.53
CA TYR B 212 -21.06 28.84 -8.73
C TYR B 212 -21.65 29.96 -9.58
N PRO B 213 -22.47 30.86 -8.98
CA PRO B 213 -22.96 32.03 -9.68
C PRO B 213 -21.87 32.80 -10.43
N GLY B 214 -22.16 33.01 -11.72
CA GLY B 214 -21.42 33.94 -12.57
C GLY B 214 -20.02 33.48 -12.97
N GLU B 215 -19.73 32.19 -12.82
CA GLU B 215 -18.47 31.70 -13.29
C GLU B 215 -18.47 31.65 -14.80
N THR B 216 -17.46 32.28 -15.35
CA THR B 216 -17.10 32.11 -16.74
C THR B 216 -16.43 30.72 -16.93
N GLU B 217 -16.19 30.36 -18.20
CA GLU B 217 -15.46 29.13 -18.52
C GLU B 217 -13.95 29.34 -18.26
N HIS B 218 -13.48 30.59 -18.33
CA HIS B 218 -12.13 30.94 -17.84
C HIS B 218 -11.97 30.66 -16.35
N ASP B 219 -13.03 30.93 -15.59
CA ASP B 219 -13.06 30.76 -14.14
C ASP B 219 -13.03 29.29 -13.73
N VAL B 220 -13.89 28.46 -14.37
CA VAL B 220 -13.84 27.00 -14.14
C VAL B 220 -12.40 26.49 -14.17
N SER B 221 -11.71 26.69 -15.30
CA SER B 221 -10.30 26.29 -15.51
C SER B 221 -9.34 26.87 -14.47
N LEU B 222 -9.74 27.93 -13.79
CA LEU B 222 -8.89 28.49 -12.74
C LEU B 222 -9.17 27.80 -11.42
N ARG B 223 -10.45 27.63 -11.09
CA ARG B 223 -10.92 27.02 -9.86
C ARG B 223 -10.59 25.53 -9.79
N TYR B 224 -10.74 24.81 -10.91
CA TYR B 224 -10.32 23.39 -10.95
C TYR B 224 -8.83 23.22 -11.02
N PHE B 225 -8.14 24.13 -11.70
CA PHE B 225 -6.67 24.11 -11.69
C PHE B 225 -6.15 24.39 -10.31
N ASN B 226 -6.80 25.33 -9.59
CA ASN B 226 -6.44 25.50 -8.18
C ASN B 226 -6.60 24.19 -7.42
N GLU B 227 -7.77 23.54 -7.55
CA GLU B 227 -7.98 22.24 -6.85
C GLU B 227 -6.86 21.23 -7.13
N PHE B 228 -6.41 21.19 -8.38
CA PHE B 228 -5.39 20.28 -8.91
C PHE B 228 -4.03 20.61 -8.29
N LYS B 229 -3.68 21.90 -8.29
CA LYS B 229 -2.51 22.36 -7.53
C LYS B 229 -2.48 21.90 -6.05
N LYS B 230 -3.64 21.88 -5.38
CA LYS B 230 -3.80 21.75 -3.91
C LYS B 230 -3.04 20.65 -3.15
N PRO B 231 -2.98 19.41 -3.67
CA PRO B 231 -2.12 18.37 -3.06
C PRO B 231 -0.64 18.61 -3.26
N PHE B 232 -0.27 19.32 -4.33
CA PHE B 232 1.13 19.63 -4.62
C PHE B 232 1.65 20.81 -3.81
N GLU B 233 0.73 21.56 -3.21
CA GLU B 233 1.07 22.55 -2.19
C GLU B 233 0.82 22.02 -0.74
N SER B 234 0.81 20.68 -0.61
CA SER B 234 0.54 20.03 0.69
C SER B 234 1.39 18.80 1.07
N PHE B 235 1.09 17.65 0.44
CA PHE B 235 1.56 16.32 0.91
C PHE B 235 2.20 15.51 -0.24
N LEU B 236 1.72 15.77 -1.45
CA LEU B 236 2.27 15.18 -2.66
C LEU B 236 3.37 16.06 -3.25
N PRO B 237 4.64 15.60 -3.23
CA PRO B 237 5.65 16.39 -3.96
C PRO B 237 5.33 16.41 -5.47
N ALA B 238 6.00 17.24 -6.24
CA ALA B 238 5.80 17.16 -7.68
C ALA B 238 6.87 16.29 -8.31
N ASP B 239 8.09 16.33 -7.75
CA ASP B 239 9.25 15.56 -8.26
C ASP B 239 9.12 14.09 -7.92
N GLU B 240 7.94 13.69 -7.45
CA GLU B 240 7.69 12.34 -7.02
C GLU B 240 6.56 11.70 -7.81
N THR B 241 5.68 12.52 -8.35
CA THR B 241 4.54 12.02 -9.10
C THR B 241 4.95 11.76 -10.56
N ALA B 242 4.75 10.51 -10.98
CA ALA B 242 5.33 10.00 -12.21
C ALA B 242 4.43 10.31 -13.38
N CYS B 243 3.15 10.57 -13.09
CA CYS B 243 2.16 10.56 -14.13
C CYS B 243 0.81 11.08 -13.72
N VAL B 244 0.32 11.98 -14.56
CA VAL B 244 -1.07 12.40 -14.63
C VAL B 244 -1.82 11.63 -15.75
N LEU B 245 -2.72 10.73 -15.38
CA LEU B 245 -3.65 10.17 -16.36
C LEU B 245 -4.94 11.00 -16.43
N ILE B 246 -5.20 11.50 -17.63
CA ILE B 246 -6.37 12.28 -17.92
C ILE B 246 -7.21 11.72 -19.11
N GLU B 247 -8.52 11.66 -18.92
CA GLU B 247 -9.41 11.56 -20.05
C GLU B 247 -9.59 12.91 -20.72
N PRO B 248 -9.15 13.02 -21.99
CA PRO B 248 -9.28 14.32 -22.65
C PRO B 248 -10.73 14.75 -22.53
N ILE B 249 -11.64 13.79 -22.81
CA ILE B 249 -13.10 13.86 -22.54
C ILE B 249 -13.46 12.60 -21.74
N GLN B 250 -14.17 12.76 -20.63
CA GLN B 250 -14.55 11.62 -19.80
C GLN B 250 -15.69 10.82 -20.37
N GLY B 251 -15.58 9.48 -20.31
CA GLY B 251 -16.63 8.59 -20.76
C GLY B 251 -17.66 8.52 -19.66
N ASP B 252 -17.57 7.47 -18.88
CA ASP B 252 -18.44 7.20 -17.73
C ASP B 252 -18.85 8.37 -16.80
N GLY B 253 -18.01 9.38 -16.64
CA GLY B 253 -18.34 10.58 -15.87
C GLY B 253 -19.38 11.51 -16.50
N GLY B 254 -19.68 11.29 -17.77
CA GLY B 254 -20.91 11.80 -18.35
C GLY B 254 -20.64 12.67 -19.55
N ILE B 255 -19.74 12.19 -20.41
CA ILE B 255 -19.36 12.87 -21.63
C ILE B 255 -19.14 14.37 -21.29
N ILE B 256 -18.10 14.54 -20.45
CA ILE B 256 -17.63 15.80 -19.93
C ILE B 256 -16.26 16.09 -20.54
N LYS B 257 -16.06 17.33 -20.97
CA LYS B 257 -14.78 17.75 -21.46
C LYS B 257 -14.17 18.72 -20.45
N ALA B 258 -12.85 18.81 -20.48
CA ALA B 258 -12.14 19.78 -19.71
C ALA B 258 -11.89 20.97 -20.66
N PRO B 259 -11.91 22.21 -20.11
CA PRO B 259 -11.63 23.36 -20.98
C PRO B 259 -10.18 23.37 -21.42
N GLU B 260 -9.94 23.97 -22.58
CA GLU B 260 -8.59 23.98 -23.08
C GLU B 260 -7.69 24.79 -22.16
N GLU B 261 -8.22 25.92 -21.65
CA GLU B 261 -7.42 26.76 -20.73
C GLU B 261 -6.89 25.96 -19.56
N TYR B 262 -7.64 24.95 -19.13
CA TYR B 262 -7.30 24.01 -18.03
C TYR B 262 -6.26 22.95 -18.39
N MET B 263 -6.53 22.20 -19.46
CA MET B 263 -5.61 21.17 -19.99
C MET B 263 -4.20 21.72 -20.27
N GLN B 264 -4.12 22.97 -20.73
CA GLN B 264 -2.83 23.56 -21.05
C GLN B 264 -2.07 23.81 -19.80
N LEU B 265 -2.79 24.32 -18.81
CA LEU B 265 -2.26 24.52 -17.48
C LEU B 265 -1.79 23.19 -16.87
N VAL B 266 -2.57 22.13 -17.10
CA VAL B 266 -2.20 20.84 -16.59
C VAL B 266 -1.04 20.27 -17.39
N TYR B 267 -1.09 20.47 -18.72
CA TYR B 267 0.00 20.13 -19.66
C TYR B 267 1.23 21.05 -19.52
N LYS B 268 1.20 22.02 -18.61
CA LYS B 268 2.41 22.81 -18.36
C LYS B 268 3.05 22.32 -17.10
N PHE B 269 2.22 22.12 -16.09
CA PHE B 269 2.63 21.75 -14.76
C PHE B 269 3.29 20.39 -14.82
N CYS B 270 2.66 19.49 -15.59
CA CYS B 270 3.24 18.21 -15.92
C CYS B 270 4.64 18.35 -16.54
N HIS B 271 4.75 19.26 -17.53
CA HIS B 271 6.01 19.49 -18.27
C HIS B 271 7.09 20.20 -17.47
N GLU B 272 6.65 21.14 -16.62
CA GLU B 272 7.53 21.89 -15.71
C GLU B 272 8.16 21.07 -14.57
N HIS B 273 7.43 20.07 -14.06
CA HIS B 273 7.92 19.33 -12.90
C HIS B 273 8.43 17.91 -13.25
N GLY B 274 8.43 17.60 -14.56
CA GLY B 274 8.92 16.32 -15.08
C GLY B 274 7.95 15.18 -14.96
N ILE B 275 6.73 15.44 -14.52
CA ILE B 275 5.70 14.42 -14.36
C ILE B 275 5.06 14.06 -15.72
N LEU B 276 5.20 12.78 -16.13
CA LEU B 276 4.68 12.31 -17.44
C LEU B 276 3.20 12.66 -17.68
N PHE B 277 2.91 13.20 -18.86
CA PHE B 277 1.51 13.52 -19.26
C PHE B 277 0.90 12.47 -20.18
N ALA B 278 0.08 11.58 -19.58
CA ALA B 278 -0.58 10.41 -20.20
C ALA B 278 -2.05 10.66 -20.47
N ILE B 279 -2.55 10.27 -21.64
CA ILE B 279 -3.98 10.48 -21.96
C ILE B 279 -4.71 9.21 -22.30
N ASP B 280 -5.94 9.08 -21.84
CA ASP B 280 -6.71 7.86 -21.93
C ASP B 280 -7.75 7.98 -23.02
N GLU B 281 -7.48 7.26 -24.11
CA GLU B 281 -8.20 7.41 -25.40
C GLU B 281 -9.04 6.17 -25.76
N VAL B 282 -9.27 5.33 -24.73
CA VAL B 282 -9.96 4.03 -24.87
C VAL B 282 -11.40 4.18 -25.38
N ASN B 283 -12.07 5.21 -24.89
CA ASN B 283 -13.45 5.55 -25.22
C ASN B 283 -13.52 6.70 -26.25
N GLN B 284 -12.63 7.67 -26.16
CA GLN B 284 -12.79 8.91 -26.97
C GLN B 284 -11.89 9.00 -28.24
N GLY B 285 -11.32 7.87 -28.63
CA GLY B 285 -10.41 7.81 -29.78
C GLY B 285 -11.09 7.57 -31.10
N LEU B 286 -10.27 7.32 -32.12
CA LEU B 286 -10.67 6.75 -33.39
C LEU B 286 -11.91 7.44 -33.92
N GLY B 287 -11.80 8.76 -34.01
CA GLY B 287 -12.82 9.58 -34.67
C GLY B 287 -14.03 9.95 -33.82
N ARG B 288 -14.27 9.22 -32.71
CA ARG B 288 -15.46 9.42 -31.81
C ARG B 288 -15.77 10.90 -31.55
N THR B 289 -14.72 11.72 -31.45
CA THR B 289 -14.82 13.14 -31.16
C THR B 289 -15.07 14.06 -32.39
N GLY B 290 -14.67 13.60 -33.59
CA GLY B 290 -14.73 14.39 -34.84
C GLY B 290 -13.36 14.66 -35.44
N LYS B 291 -12.33 14.65 -34.56
CA LYS B 291 -10.89 14.52 -34.88
C LYS B 291 -10.55 13.04 -34.56
N MET B 292 -9.32 12.60 -34.79
CA MET B 292 -8.99 11.18 -34.65
C MET B 292 -8.72 10.79 -33.20
N TRP B 293 -8.31 11.79 -32.42
CA TRP B 293 -8.01 11.58 -31.02
C TRP B 293 -8.61 12.70 -30.26
N ALA B 294 -9.22 12.36 -29.13
CA ALA B 294 -9.83 13.39 -28.29
C ALA B 294 -8.81 14.49 -27.94
N ILE B 295 -7.53 14.13 -27.79
CA ILE B 295 -6.49 15.09 -27.39
C ILE B 295 -6.26 16.20 -28.41
N GLN B 296 -6.54 15.86 -29.67
CA GLN B 296 -6.38 16.78 -30.77
C GLN B 296 -7.40 17.92 -30.73
N GLN B 297 -8.46 17.75 -29.93
CA GLN B 297 -9.51 18.74 -29.77
C GLN B 297 -8.97 19.95 -29.02
N PHE B 298 -7.77 19.76 -28.49
CA PHE B 298 -7.01 20.80 -27.85
C PHE B 298 -5.84 21.06 -28.79
N LYS B 299 -5.44 22.33 -28.88
CA LYS B 299 -4.22 22.78 -29.56
C LYS B 299 -2.84 22.33 -28.98
N ASP B 300 -2.01 21.73 -29.83
CA ASP B 300 -0.60 21.41 -29.53
C ASP B 300 -0.42 20.54 -28.28
N ILE B 301 -0.93 19.31 -28.28
CA ILE B 301 -0.63 18.46 -27.13
C ILE B 301 0.02 17.13 -27.52
N GLU B 302 1.25 16.90 -27.01
CA GLU B 302 1.99 15.65 -27.29
C GLU B 302 2.10 14.70 -26.09
N PRO B 303 1.04 13.88 -25.88
CA PRO B 303 1.04 12.97 -24.72
C PRO B 303 2.32 12.18 -24.71
N ASP B 304 2.92 12.07 -23.52
CA ASP B 304 4.05 11.19 -23.24
C ASP B 304 3.69 9.75 -23.43
N LEU B 305 2.41 9.46 -23.15
CA LEU B 305 1.90 8.13 -23.02
C LEU B 305 0.40 8.17 -23.28
N MET B 306 -0.11 7.29 -24.14
CA MET B 306 -1.55 7.19 -24.45
C MET B 306 -2.07 5.73 -24.47
N SER B 307 -3.29 5.51 -23.94
CA SER B 307 -3.95 4.20 -24.00
C SER B 307 -5.12 4.22 -24.93
N VAL B 308 -5.29 3.11 -25.65
CA VAL B 308 -6.49 2.81 -26.42
C VAL B 308 -6.69 1.31 -26.28
N GLY B 309 -7.95 0.90 -26.21
CA GLY B 309 -8.30 -0.49 -26.17
C GLY B 309 -9.55 -0.68 -26.98
N LYS B 310 -10.49 -1.41 -26.39
CA LYS B 310 -11.84 -1.61 -26.92
C LYS B 310 -11.86 -1.44 -28.44
N SER B 311 -12.19 -0.20 -28.81
CA SER B 311 -12.62 0.24 -30.11
C SER B 311 -11.66 -0.22 -31.18
N LEU B 312 -10.38 -0.27 -30.83
CA LEU B 312 -9.27 -0.48 -31.77
C LEU B 312 -9.57 -1.48 -32.88
N ALA B 313 -10.33 -2.53 -32.57
CA ALA B 313 -10.52 -3.63 -33.49
C ALA B 313 -11.97 -4.10 -33.51
N SER B 314 -12.91 -3.15 -33.52
CA SER B 314 -14.36 -3.46 -33.45
C SER B 314 -14.68 -4.55 -32.40
N GLY B 315 -14.17 -4.36 -31.18
CA GLY B 315 -14.56 -5.17 -30.04
C GLY B 315 -13.79 -6.47 -29.80
N MET B 316 -12.84 -6.77 -30.67
CA MET B 316 -11.93 -7.86 -30.42
C MET B 316 -10.97 -7.42 -29.32
N PRO B 317 -10.72 -8.30 -28.34
CA PRO B 317 -9.74 -8.10 -27.26
C PRO B 317 -8.31 -7.73 -27.76
N LEU B 318 -8.16 -6.46 -28.12
CA LEU B 318 -6.85 -5.83 -28.39
C LEU B 318 -6.74 -4.51 -27.61
N SER B 319 -5.51 -4.08 -27.34
CA SER B 319 -5.27 -2.72 -26.83
C SER B 319 -3.86 -2.25 -27.11
N ALA B 320 -3.70 -0.91 -27.23
CA ALA B 320 -2.39 -0.32 -27.36
C ALA B 320 -2.03 0.76 -26.30
N VAL B 321 -0.74 0.80 -25.97
CA VAL B 321 -0.11 1.90 -25.25
C VAL B 321 0.83 2.62 -26.22
N ILE B 322 0.44 3.82 -26.69
CA ILE B 322 1.34 4.66 -27.54
C ILE B 322 1.97 5.85 -26.81
N GLY B 323 3.30 5.82 -26.70
CA GLY B 323 4.06 6.84 -25.97
C GLY B 323 5.38 7.18 -26.64
N LYS B 324 6.29 7.84 -25.92
CA LYS B 324 7.58 8.26 -26.49
C LYS B 324 8.63 7.14 -26.42
N LYS B 325 9.54 7.14 -27.39
CA LYS B 325 10.53 6.08 -27.56
C LYS B 325 11.37 5.88 -26.29
N GLU B 326 11.89 7.00 -25.78
CA GLU B 326 12.68 7.06 -24.52
C GLU B 326 11.91 6.65 -23.25
N VAL B 327 10.60 6.87 -23.29
CA VAL B 327 9.70 6.43 -22.22
C VAL B 327 9.50 4.90 -22.33
N MET B 328 9.35 4.41 -23.57
CA MET B 328 9.00 3.00 -23.83
C MET B 328 10.19 2.03 -23.59
N GLN B 329 11.35 2.56 -23.21
CA GLN B 329 12.57 1.74 -23.05
C GLN B 329 13.25 1.88 -21.70
N SER B 330 12.45 1.96 -20.63
CA SER B 330 12.95 1.96 -19.24
C SER B 330 12.73 0.58 -18.56
N LEU B 331 11.64 -0.07 -18.95
CA LEU B 331 11.51 -1.53 -18.92
C LEU B 331 11.82 -2.08 -20.33
N ASP B 332 12.02 -3.40 -20.43
CA ASP B 332 12.36 -4.07 -21.72
C ASP B 332 11.75 -5.47 -21.99
N ALA B 333 10.78 -5.87 -21.16
CA ALA B 333 10.13 -7.22 -21.10
C ALA B 333 10.82 -8.22 -20.14
N PRO B 334 10.07 -9.13 -19.48
CA PRO B 334 8.62 -9.26 -19.59
C PRO B 334 7.94 -8.47 -18.50
N ALA B 335 8.71 -7.64 -17.81
CA ALA B 335 8.15 -6.79 -16.80
C ALA B 335 6.67 -7.01 -16.64
N GLY B 342 -1.47 -8.10 -28.78
CA GLY B 342 -0.44 -8.47 -29.76
C GLY B 342 -1.04 -9.40 -30.77
N ASN B 343 -1.83 -10.36 -30.25
CA ASN B 343 -2.61 -11.40 -30.98
C ASN B 343 -3.03 -11.09 -32.43
N PRO B 344 -2.76 -12.02 -33.38
CA PRO B 344 -2.90 -11.89 -34.85
C PRO B 344 -4.28 -11.56 -35.43
N VAL B 345 -5.33 -12.25 -34.98
CA VAL B 345 -6.70 -12.05 -35.47
C VAL B 345 -7.25 -10.66 -35.14
N CYS B 346 -6.93 -10.17 -33.95
CA CYS B 346 -7.36 -8.82 -33.53
C CYS B 346 -6.41 -7.73 -34.09
N SER B 347 -5.16 -8.11 -34.37
CA SER B 347 -4.24 -7.26 -35.14
C SER B 347 -4.84 -7.10 -36.52
N ALA B 348 -5.13 -8.24 -37.17
CA ALA B 348 -5.81 -8.25 -38.46
C ALA B 348 -7.11 -7.43 -38.43
N ALA B 349 -7.92 -7.57 -37.36
CA ALA B 349 -9.17 -6.77 -37.20
C ALA B 349 -8.87 -5.29 -37.07
N SER B 350 -7.79 -4.96 -36.34
CA SER B 350 -7.40 -3.57 -36.09
C SER B 350 -7.12 -2.84 -37.42
N LEU B 351 -6.05 -3.25 -38.11
CA LEU B 351 -5.81 -3.01 -39.54
C LEU B 351 -7.04 -2.91 -40.42
N ALA B 352 -8.02 -3.79 -40.21
CA ALA B 352 -9.23 -3.69 -41.00
C ALA B 352 -10.12 -2.50 -40.60
N THR B 353 -10.27 -2.23 -39.28
CA THR B 353 -11.03 -1.08 -38.77
C THR B 353 -10.36 0.26 -39.06
N LEU B 354 -9.01 0.26 -38.99
CA LEU B 354 -8.23 1.49 -39.26
C LEU B 354 -8.45 1.97 -40.69
N ASP B 355 -8.39 1.01 -41.62
CA ASP B 355 -8.68 1.18 -43.06
C ASP B 355 -10.05 1.76 -43.28
N VAL B 356 -11.03 1.23 -42.53
CA VAL B 356 -12.41 1.68 -42.65
C VAL B 356 -12.61 3.11 -42.12
N ILE B 357 -11.89 3.45 -41.06
CA ILE B 357 -11.92 4.79 -40.48
C ILE B 357 -11.46 5.77 -41.53
N GLU B 358 -10.32 5.48 -42.16
CA GLU B 358 -9.77 6.34 -43.21
C GLU B 358 -10.58 6.37 -44.52
N TYR B 359 -11.06 5.22 -44.99
CA TYR B 359 -11.75 5.11 -46.30
C TYR B 359 -13.14 5.79 -46.35
N GLU B 360 -13.95 5.53 -45.32
CA GLU B 360 -15.34 6.00 -45.27
C GLU B 360 -15.49 7.43 -44.74
N GLY B 361 -14.38 8.18 -44.69
CA GLY B 361 -14.32 9.53 -44.14
C GLY B 361 -14.92 9.61 -42.76
N LEU B 362 -14.57 8.64 -41.91
CA LEU B 362 -15.33 8.36 -40.69
C LEU B 362 -15.14 9.37 -39.58
N VAL B 363 -13.88 9.78 -39.37
CA VAL B 363 -13.51 10.91 -38.54
C VAL B 363 -14.38 12.13 -38.90
N GLU B 364 -14.58 12.37 -40.20
CA GLU B 364 -15.45 13.46 -40.66
C GLU B 364 -16.92 13.16 -40.40
N LYS B 365 -17.33 11.90 -40.62
CA LYS B 365 -18.72 11.50 -40.39
C LYS B 365 -19.03 11.72 -38.92
N SER B 366 -18.10 11.34 -38.06
CA SER B 366 -18.13 11.68 -36.64
C SER B 366 -18.40 13.15 -36.31
N ALA B 367 -17.78 14.06 -37.08
CA ALA B 367 -17.86 15.52 -36.95
C ALA B 367 -19.08 16.21 -37.60
N THR B 368 -19.53 15.69 -38.73
CA THR B 368 -20.56 16.34 -39.54
C THR B 368 -21.95 15.99 -38.99
N ASP B 369 -22.15 14.68 -38.76
CA ASP B 369 -23.26 14.12 -38.00
C ASP B 369 -23.24 14.61 -36.55
N GLY B 370 -22.03 14.90 -36.04
CA GLY B 370 -21.83 15.34 -34.68
C GLY B 370 -22.32 16.75 -34.43
N ALA B 371 -22.01 17.65 -35.36
CA ALA B 371 -22.55 18.98 -35.33
C ALA B 371 -24.08 18.92 -35.49
N TYR B 372 -24.55 18.18 -36.51
CA TYR B 372 -26.00 18.05 -36.79
C TYR B 372 -26.84 17.62 -35.55
N ALA B 373 -26.41 16.53 -34.89
CA ALA B 373 -27.06 15.98 -33.69
C ALA B 373 -27.07 16.96 -32.53
N LYS B 374 -26.00 17.72 -32.37
CA LYS B 374 -25.97 18.80 -31.39
C LYS B 374 -27.18 19.71 -31.68
N GLN B 375 -27.33 20.15 -32.94
CA GLN B 375 -28.39 21.06 -33.37
C GLN B 375 -29.79 20.47 -33.19
N ARG B 376 -29.86 19.12 -33.19
CA ARG B 376 -31.12 18.41 -32.97
C ARG B 376 -31.45 18.27 -31.48
N PHE B 377 -30.44 18.15 -30.65
CA PHE B 377 -30.67 18.09 -29.21
C PHE B 377 -30.89 19.47 -28.59
N LEU B 378 -30.42 20.52 -29.28
CA LEU B 378 -30.60 21.90 -28.82
C LEU B 378 -32.05 22.40 -28.95
N GLU B 379 -32.59 22.32 -30.15
CA GLU B 379 -34.02 22.49 -30.41
C GLU B 379 -34.93 21.56 -29.55
N MET B 380 -34.46 20.33 -29.29
CA MET B 380 -35.26 19.35 -28.56
C MET B 380 -35.27 19.63 -27.07
N GLN B 381 -34.19 20.24 -26.58
CA GLN B 381 -34.11 20.82 -25.24
C GLN B 381 -35.10 21.99 -25.08
N GLN B 382 -35.28 22.78 -26.14
CA GLN B 382 -36.19 23.95 -26.12
C GLN B 382 -37.67 23.58 -25.81
N ARG B 383 -38.14 22.53 -26.49
CA ARG B 383 -39.48 21.94 -26.32
C ARG B 383 -39.64 21.06 -25.08
N HIS B 384 -38.54 20.66 -24.46
CA HIS B 384 -38.55 19.72 -23.31
C HIS B 384 -37.55 20.25 -22.32
N PRO B 385 -37.98 21.13 -21.39
CA PRO B 385 -36.98 21.86 -20.61
C PRO B 385 -36.21 20.97 -19.63
N MET B 386 -36.65 19.72 -19.51
CA MET B 386 -36.01 18.67 -18.70
C MET B 386 -34.56 18.33 -19.10
N ILE B 387 -34.23 18.48 -20.38
CA ILE B 387 -32.88 18.30 -20.89
C ILE B 387 -32.06 19.43 -20.28
N GLY B 388 -31.22 19.07 -19.32
CA GLY B 388 -30.53 20.06 -18.51
C GLY B 388 -29.31 20.61 -19.18
N ASP B 389 -28.60 19.74 -19.88
CA ASP B 389 -27.43 20.13 -20.62
C ASP B 389 -27.39 19.22 -21.80
N VAL B 390 -26.53 19.55 -22.76
CA VAL B 390 -26.32 18.77 -23.96
C VAL B 390 -24.86 18.96 -24.32
N ARG B 391 -24.10 17.89 -24.18
CA ARG B 391 -22.67 17.98 -24.33
C ARG B 391 -22.25 17.03 -25.44
N MET B 392 -22.22 17.58 -26.66
CA MET B 392 -21.97 16.85 -27.89
C MET B 392 -20.67 17.34 -28.47
N TRP B 393 -19.75 16.41 -28.76
CA TRP B 393 -18.54 16.71 -29.53
C TRP B 393 -18.23 15.54 -30.46
N GLY B 394 -18.81 15.56 -31.65
CA GLY B 394 -18.87 14.39 -32.54
C GLY B 394 -20.21 13.71 -32.29
N LEU B 395 -20.39 12.51 -32.85
CA LEU B 395 -21.45 11.56 -32.42
C LEU B 395 -21.08 11.07 -31.04
N ASN B 396 -21.43 11.86 -30.03
CA ASN B 396 -20.73 11.84 -28.75
C ASN B 396 -21.41 12.73 -27.71
N GLY B 397 -22.65 12.37 -27.39
CA GLY B 397 -23.51 13.26 -26.62
C GLY B 397 -23.43 13.01 -25.14
N GLY B 398 -23.87 14.02 -24.40
CA GLY B 398 -24.11 13.91 -22.96
C GLY B 398 -25.39 14.69 -22.77
N ILE B 399 -26.51 13.97 -22.75
CA ILE B 399 -27.81 14.59 -22.78
C ILE B 399 -28.49 14.21 -21.49
N GLU B 400 -28.36 15.15 -20.56
CA GLU B 400 -28.60 14.97 -19.15
C GLU B 400 -29.89 15.64 -18.67
N LEU B 401 -30.68 14.88 -17.91
CA LEU B 401 -32.02 15.31 -17.48
C LEU B 401 -32.05 15.84 -16.04
N VAL B 402 -32.85 16.89 -15.84
CA VAL B 402 -32.93 17.62 -14.57
C VAL B 402 -34.39 17.93 -14.13
N LYS B 403 -34.64 17.89 -12.81
CA LYS B 403 -35.98 18.15 -12.26
C LYS B 403 -36.42 19.58 -12.60
N ASP B 404 -35.46 20.51 -12.53
CA ASP B 404 -35.68 21.93 -12.83
C ASP B 404 -34.41 22.51 -13.47
N PRO B 405 -34.54 23.57 -14.30
CA PRO B 405 -33.30 24.02 -14.93
C PRO B 405 -32.49 24.93 -14.04
N LYS B 406 -33.13 25.47 -13.01
CA LYS B 406 -32.49 26.34 -12.05
C LYS B 406 -31.68 25.47 -11.10
N THR B 407 -32.37 24.51 -10.49
CA THR B 407 -31.81 23.68 -9.43
C THR B 407 -30.82 22.67 -10.01
N LYS B 408 -31.08 22.23 -11.26
CA LYS B 408 -30.26 21.25 -12.02
C LYS B 408 -30.06 19.87 -11.33
N GLU B 409 -31.00 19.51 -10.46
CA GLU B 409 -31.00 18.25 -9.70
C GLU B 409 -31.14 17.04 -10.62
N PRO B 410 -30.38 15.95 -10.40
CA PRO B 410 -30.51 14.80 -11.31
C PRO B 410 -31.94 14.28 -11.37
N ASP B 411 -32.31 13.72 -12.53
CA ASP B 411 -33.60 13.08 -12.76
C ASP B 411 -33.31 11.70 -13.35
N SER B 412 -32.82 10.83 -12.47
CA SER B 412 -32.47 9.45 -12.80
C SER B 412 -33.74 8.68 -13.03
N ASP B 413 -34.80 9.12 -12.35
CA ASP B 413 -36.16 8.65 -12.57
C ASP B 413 -36.52 8.87 -14.04
N ALA B 414 -36.24 10.08 -14.54
CA ALA B 414 -36.63 10.48 -15.89
C ALA B 414 -35.69 9.95 -16.97
N ALA B 415 -34.42 9.77 -16.61
CA ALA B 415 -33.45 9.12 -17.51
C ALA B 415 -33.69 7.61 -17.73
N THR B 416 -34.18 6.89 -16.72
CA THR B 416 -34.47 5.45 -16.87
C THR B 416 -35.77 5.20 -17.64
N LYS B 417 -36.82 5.97 -17.34
CA LYS B 417 -38.05 5.92 -18.15
C LYS B 417 -37.76 6.04 -19.66
N VAL B 418 -36.90 7.01 -20.03
CA VAL B 418 -36.54 7.27 -21.44
C VAL B 418 -35.75 6.11 -22.07
N ILE B 419 -35.00 5.38 -21.24
CA ILE B 419 -34.33 4.16 -21.67
C ILE B 419 -35.39 3.10 -22.01
N TYR B 420 -36.46 3.06 -21.19
CA TYR B 420 -37.57 2.13 -21.36
C TYR B 420 -38.34 2.47 -22.65
N TYR B 421 -38.67 3.74 -22.86
CA TYR B 421 -39.43 4.08 -24.06
C TYR B 421 -38.59 3.77 -25.29
N ALA B 422 -37.32 4.16 -25.25
CA ALA B 422 -36.38 3.92 -26.32
C ALA B 422 -36.37 2.44 -26.67
N PHE B 423 -35.92 1.60 -25.73
CA PHE B 423 -35.84 0.17 -25.95
C PHE B 423 -37.17 -0.48 -26.43
N ALA B 424 -38.29 -0.13 -25.79
CA ALA B 424 -39.63 -0.62 -26.22
C ALA B 424 -40.11 -0.11 -27.61
N HIS B 425 -39.63 1.05 -28.04
CA HIS B 425 -39.95 1.55 -29.37
C HIS B 425 -38.75 1.61 -30.33
N GLY B 426 -38.06 0.46 -30.40
CA GLY B 426 -37.06 0.10 -31.41
C GLY B 426 -35.73 0.83 -31.51
N VAL B 427 -35.10 1.11 -30.37
CA VAL B 427 -33.86 1.91 -30.31
C VAL B 427 -33.22 1.69 -28.95
N VAL B 428 -31.91 1.43 -28.92
CA VAL B 428 -31.21 1.06 -27.68
C VAL B 428 -30.18 2.10 -27.31
N ILE B 429 -30.30 2.56 -26.06
CA ILE B 429 -29.46 3.62 -25.44
C ILE B 429 -29.39 3.33 -23.94
N ILE B 430 -28.43 3.97 -23.26
CA ILE B 430 -28.28 3.90 -21.80
C ILE B 430 -27.85 5.23 -21.18
N THR B 431 -28.11 5.34 -19.86
CA THR B 431 -27.67 6.43 -18.98
C THR B 431 -26.27 6.21 -18.36
N LEU B 432 -25.52 7.29 -18.18
CA LEU B 432 -24.37 7.31 -17.28
C LEU B 432 -24.68 8.05 -15.96
N ALA B 433 -23.83 7.85 -14.95
CA ALA B 433 -24.08 8.28 -13.56
C ALA B 433 -25.46 8.92 -13.36
N GLY B 434 -26.49 8.08 -13.48
CA GLY B 434 -27.86 8.38 -13.04
C GLY B 434 -28.82 8.98 -14.03
N ASN B 435 -28.55 10.23 -14.40
CA ASN B 435 -29.43 11.09 -15.23
C ASN B 435 -28.93 11.50 -16.64
N ILE B 436 -27.63 11.39 -16.93
CA ILE B 436 -27.10 11.72 -18.26
C ILE B 436 -27.26 10.52 -19.16
N LEU B 437 -27.86 10.72 -20.33
CA LEU B 437 -27.96 9.64 -21.35
C LEU B 437 -26.71 9.63 -22.22
N ARG B 438 -25.98 8.52 -22.29
CA ARG B 438 -24.81 8.50 -23.20
C ARG B 438 -25.14 8.17 -24.63
N PHE B 439 -24.87 9.17 -25.47
CA PHE B 439 -25.22 9.10 -26.88
C PHE B 439 -23.94 8.87 -27.63
N GLN B 440 -23.71 7.60 -27.94
CA GLN B 440 -22.44 7.20 -28.54
C GLN B 440 -22.60 6.26 -29.76
N PRO B 441 -23.52 6.58 -30.69
CA PRO B 441 -23.99 5.62 -31.72
C PRO B 441 -22.88 5.19 -32.64
N PRO B 442 -23.03 4.03 -33.31
CA PRO B 442 -21.99 3.64 -34.31
C PRO B 442 -21.86 4.69 -35.43
N LEU B 443 -20.63 4.98 -35.79
CA LEU B 443 -20.30 6.08 -36.68
C LEU B 443 -20.53 5.78 -38.16
N VAL B 444 -21.34 4.76 -38.43
CA VAL B 444 -21.71 4.38 -39.80
C VAL B 444 -23.22 4.20 -39.76
N ILE B 445 -23.84 4.74 -38.72
CA ILE B 445 -25.31 4.93 -38.67
C ILE B 445 -25.69 5.74 -39.92
N PRO B 446 -26.49 5.13 -40.83
CA PRO B 446 -26.98 5.98 -41.93
C PRO B 446 -27.84 7.09 -41.32
N ARG B 447 -27.69 8.31 -41.85
CA ARG B 447 -28.41 9.50 -41.38
C ARG B 447 -29.91 9.21 -41.20
N GLU B 448 -30.48 8.43 -42.12
CA GLU B 448 -31.82 7.84 -41.98
C GLU B 448 -32.05 7.25 -40.57
N GLN B 449 -31.46 6.09 -40.27
CA GLN B 449 -31.48 5.41 -38.96
C GLN B 449 -31.30 6.32 -37.73
N LEU B 450 -30.31 7.20 -37.84
CA LEU B 450 -30.11 8.22 -36.84
C LEU B 450 -31.39 9.03 -36.58
N ASP B 451 -32.09 9.50 -37.63
CA ASP B 451 -33.34 10.29 -37.42
C ASP B 451 -34.46 9.49 -36.73
N GLN B 452 -34.63 8.26 -37.16
CA GLN B 452 -35.49 7.32 -36.48
C GLN B 452 -35.08 7.09 -35.01
N ALA B 453 -33.78 7.20 -34.70
CA ALA B 453 -33.37 7.23 -33.30
C ALA B 453 -33.88 8.54 -32.64
N LEU B 454 -33.67 9.65 -33.35
CA LEU B 454 -33.93 11.00 -32.82
C LEU B 454 -35.40 11.23 -32.55
N GLN B 455 -36.23 10.97 -33.55
CA GLN B 455 -37.66 10.67 -33.42
C GLN B 455 -38.09 9.95 -32.14
N VAL B 456 -37.53 8.76 -31.89
CA VAL B 456 -37.96 7.97 -30.73
C VAL B 456 -37.49 8.59 -29.44
N LEU B 457 -36.26 9.12 -29.46
CA LEU B 457 -35.71 9.88 -28.35
C LEU B 457 -36.56 11.11 -28.02
N ASP B 458 -37.39 11.55 -28.96
CA ASP B 458 -38.17 12.79 -28.89
C ASP B 458 -39.61 12.53 -28.38
N ASP B 459 -40.30 11.57 -28.98
CA ASP B 459 -41.60 11.11 -28.47
C ASP B 459 -41.43 10.72 -27.00
N ALA B 460 -40.37 9.98 -26.71
CA ALA B 460 -40.01 9.54 -25.34
C ALA B 460 -39.86 10.71 -24.39
N PHE B 461 -39.35 11.84 -24.88
CA PHE B 461 -39.27 12.99 -24.01
C PHE B 461 -40.67 13.45 -23.61
N THR B 462 -41.46 13.84 -24.62
CA THR B 462 -42.93 14.05 -24.53
C THR B 462 -43.69 12.93 -23.81
N ALA B 463 -43.32 11.67 -23.99
CA ALA B 463 -43.96 10.56 -23.24
C ALA B 463 -43.88 10.80 -21.72
N VAL B 464 -42.64 10.83 -21.19
CA VAL B 464 -42.39 11.11 -19.79
C VAL B 464 -42.96 12.46 -19.33
N GLU B 465 -42.91 13.47 -20.22
CA GLU B 465 -43.56 14.76 -20.00
C GLU B 465 -45.08 14.64 -19.79
N ASN B 466 -45.79 14.11 -20.78
CA ASN B 466 -47.23 13.78 -20.70
C ASN B 466 -47.55 12.71 -19.65
N GLY B 467 -46.49 12.14 -19.05
CA GLY B 467 -46.58 11.16 -17.96
C GLY B 467 -47.08 9.82 -18.46
N GLU B 468 -46.46 9.33 -19.53
CA GLU B 468 -46.86 8.09 -20.21
C GLU B 468 -46.29 6.83 -19.52
N VAL B 469 -45.24 6.22 -20.09
CA VAL B 469 -44.68 4.91 -19.63
C VAL B 469 -44.30 4.83 -18.14
N THR B 470 -44.73 3.72 -17.52
CA THR B 470 -44.38 3.34 -16.14
C THR B 470 -43.43 2.11 -16.19
N ILE B 471 -43.06 1.58 -15.02
CA ILE B 471 -42.16 0.42 -14.88
C ILE B 471 -42.81 -0.71 -14.09
N TYR C 57 19.57 30.68 14.35
CA TYR C 57 20.66 31.43 15.04
C TYR C 57 21.54 30.50 15.92
N ASN C 58 21.39 29.19 15.72
CA ASN C 58 21.97 28.09 16.55
C ASN C 58 21.70 28.25 18.06
N LEU C 59 20.57 28.89 18.39
CA LEU C 59 20.31 29.46 19.73
C LEU C 59 20.29 28.43 20.85
N VAL C 60 21.36 28.44 21.65
CA VAL C 60 21.50 27.55 22.80
C VAL C 60 20.79 28.15 24.01
N ILE C 61 19.69 27.52 24.43
CA ILE C 61 18.97 27.90 25.66
C ILE C 61 19.54 27.10 26.84
N ASP C 62 19.87 27.82 27.91
CA ASP C 62 20.39 27.23 29.14
C ASP C 62 19.21 26.86 30.04
N HIS C 63 18.54 27.87 30.60
CA HIS C 63 17.44 27.65 31.53
C HIS C 63 16.23 28.53 31.18
N ALA C 64 15.06 28.19 31.74
CA ALA C 64 13.84 28.92 31.45
C ALA C 64 12.85 28.87 32.59
N HIS C 65 11.90 29.82 32.59
CA HIS C 65 10.80 29.87 33.57
C HIS C 65 9.72 30.82 33.05
N GLY C 66 8.46 30.39 33.17
CA GLY C 66 7.28 31.12 32.70
C GLY C 66 7.23 31.33 31.19
N ALA C 67 7.37 32.60 30.77
CA ALA C 67 7.39 32.98 29.36
C ALA C 67 8.76 33.56 28.96
N THR C 68 9.82 33.05 29.60
CA THR C 68 11.18 33.60 29.46
C THR C 68 12.24 32.53 29.14
N LEU C 69 12.51 32.36 27.84
CA LEU C 69 13.72 31.73 27.37
C LEU C 69 14.86 32.70 27.65
N VAL C 70 15.81 32.24 28.47
CA VAL C 70 17.07 32.89 28.71
C VAL C 70 18.12 31.94 28.19
N ASP C 71 19.13 32.45 27.48
CA ASP C 71 20.11 31.58 26.84
C ASP C 71 21.37 31.38 27.72
N VAL C 72 22.53 31.26 27.07
CA VAL C 72 23.81 30.89 27.69
C VAL C 72 24.73 32.10 27.87
N ASP C 73 24.53 33.12 27.04
CA ASP C 73 25.26 34.37 27.19
C ASP C 73 24.58 35.33 28.19
N GLY C 74 23.49 34.87 28.81
CA GLY C 74 22.69 35.68 29.74
C GLY C 74 21.50 36.43 29.12
N ASN C 75 21.24 36.24 27.84
CA ASN C 75 20.16 36.95 27.14
C ASN C 75 18.78 36.54 27.61
N LYS C 76 17.79 37.40 27.38
CA LYS C 76 16.42 37.19 27.83
C LYS C 76 15.51 37.26 26.62
N TYR C 77 14.71 36.22 26.42
CA TYR C 77 13.76 36.21 25.30
C TYR C 77 12.29 35.98 25.73
N ILE C 78 11.37 36.54 24.93
CA ILE C 78 9.89 36.47 25.10
C ILE C 78 9.36 35.36 24.15
N ASP C 79 8.97 34.22 24.73
CA ASP C 79 8.83 32.94 23.98
C ASP C 79 7.89 32.93 22.76
N LEU C 80 6.57 32.96 22.96
CA LEU C 80 5.55 32.89 21.88
C LEU C 80 5.94 31.93 20.75
N LEU C 81 6.32 30.70 21.14
CA LEU C 81 7.12 29.92 20.23
C LEU C 81 6.41 29.19 19.12
N ALA C 82 5.81 28.01 19.46
CA ALA C 82 5.18 27.12 18.47
C ALA C 82 5.79 25.73 18.43
N SER C 83 6.22 25.32 17.22
CA SER C 83 6.47 23.92 16.84
C SER C 83 5.46 23.05 17.57
N ALA C 84 4.21 23.47 17.37
CA ALA C 84 3.03 22.85 17.91
C ALA C 84 2.90 22.93 19.47
N SER C 85 1.86 23.66 19.89
CA SER C 85 1.38 23.87 21.30
C SER C 85 2.37 23.94 22.47
N ALA C 86 3.25 22.95 22.56
CA ALA C 86 4.26 22.72 23.62
C ALA C 86 4.16 23.36 25.02
N ILE C 87 4.08 24.70 25.05
CA ILE C 87 4.21 25.51 26.29
C ILE C 87 2.89 26.22 26.64
N ASN C 88 1.82 25.44 26.85
CA ASN C 88 0.52 26.00 27.24
C ASN C 88 0.57 26.59 28.64
N VAL C 89 1.03 25.75 29.58
CA VAL C 89 1.19 26.09 30.99
C VAL C 89 2.31 27.10 31.17
N GLY C 90 3.53 26.74 30.79
CA GLY C 90 4.69 27.65 30.92
C GLY C 90 5.98 26.90 31.10
N HIS C 91 7.09 27.64 31.17
CA HIS C 91 8.43 27.06 31.35
C HIS C 91 8.69 26.78 32.83
N THR C 92 9.19 25.59 33.12
CA THR C 92 9.54 25.17 34.49
C THR C 92 8.64 25.69 35.62
N HIS C 93 7.32 25.61 35.42
CA HIS C 93 6.37 26.10 36.44
C HIS C 93 6.59 25.35 37.74
N GLU C 94 6.77 26.11 38.82
CA GLU C 94 7.16 25.55 40.11
C GLU C 94 6.27 24.36 40.45
N LYS C 95 4.97 24.47 40.14
CA LYS C 95 4.01 23.38 40.33
C LYS C 95 4.50 22.10 39.66
N VAL C 96 4.69 22.19 38.35
CA VAL C 96 5.10 21.07 37.51
C VAL C 96 6.45 20.49 37.98
N VAL C 97 7.49 21.34 37.99
CA VAL C 97 8.84 20.96 38.43
C VAL C 97 8.85 20.06 39.66
N LYS C 98 8.23 20.56 40.73
CA LYS C 98 8.15 19.90 42.03
C LYS C 98 7.61 18.48 41.88
N ALA C 99 6.46 18.37 41.20
CA ALA C 99 5.83 17.08 40.88
C ALA C 99 6.77 16.08 40.18
N ILE C 100 7.50 16.53 39.14
CA ILE C 100 8.51 15.69 38.41
C ILE C 100 9.61 15.29 39.37
N ALA C 101 10.21 16.31 40.01
CA ALA C 101 11.29 16.15 40.97
C ALA C 101 10.91 15.09 41.98
N ASP C 102 9.73 15.21 42.58
CA ASP C 102 9.33 14.30 43.65
C ASP C 102 8.76 13.02 43.12
N GLN C 103 8.20 13.05 41.91
CA GLN C 103 7.86 11.80 41.25
C GLN C 103 9.10 10.99 40.84
N ALA C 104 10.12 11.71 40.36
CA ALA C 104 11.44 11.11 40.06
C ALA C 104 12.02 10.29 41.22
N GLN C 105 11.73 10.72 42.44
CA GLN C 105 12.23 10.09 43.69
C GLN C 105 11.65 8.72 43.86
N LYS C 106 10.34 8.66 43.61
CA LYS C 106 9.53 7.46 43.68
C LYS C 106 9.78 6.59 42.47
N LEU C 107 9.31 7.05 41.31
CA LEU C 107 9.37 6.27 40.08
C LEU C 107 9.87 7.02 38.86
N ILE C 108 10.88 6.42 38.22
CA ILE C 108 11.32 6.81 36.88
C ILE C 108 10.34 6.18 35.88
N HIS C 109 10.42 4.85 35.71
CA HIS C 109 9.60 4.15 34.71
C HIS C 109 9.39 2.68 35.06
N TYR C 110 8.13 2.28 35.07
CA TYR C 110 7.78 0.86 35.03
C TYR C 110 6.52 0.71 34.21
N THR C 111 6.72 0.22 32.99
CA THR C 111 5.68 0.17 31.95
C THR C 111 4.41 -0.50 32.44
N PRO C 112 3.27 0.24 32.39
CA PRO C 112 1.94 -0.22 32.82
C PRO C 112 1.44 -1.55 32.22
N ALA C 113 2.06 -2.02 31.13
CA ALA C 113 1.73 -3.32 30.54
C ALA C 113 2.21 -4.51 31.39
N TYR C 114 2.67 -4.21 32.62
CA TYR C 114 3.22 -5.19 33.55
C TYR C 114 2.63 -5.03 34.95
N PHE C 115 3.13 -4.02 35.67
CA PHE C 115 2.54 -3.55 36.91
C PHE C 115 1.73 -2.29 36.57
N HIS C 116 0.97 -1.78 37.54
CA HIS C 116 0.28 -0.49 37.43
C HIS C 116 0.92 0.48 38.42
N HIS C 117 0.61 1.78 38.32
CA HIS C 117 1.19 2.84 39.17
C HIS C 117 0.22 4.02 39.36
N VAL C 118 0.34 4.75 40.48
CA VAL C 118 -0.66 5.78 40.88
C VAL C 118 -0.84 7.01 39.93
N PRO C 119 0.23 7.76 39.59
CA PRO C 119 -0.05 8.94 38.74
C PRO C 119 -0.76 8.62 37.42
N GLY C 120 -0.30 7.57 36.71
CA GLY C 120 -0.95 7.07 35.48
C GLY C 120 -2.45 6.90 35.66
N MET C 121 -2.81 6.12 36.70
CA MET C 121 -4.20 5.85 37.13
C MET C 121 -5.05 7.06 37.48
N GLU C 122 -4.47 8.05 38.15
CA GLU C 122 -5.23 9.28 38.42
C GLU C 122 -5.45 10.02 37.11
N LEU C 123 -4.38 10.18 36.34
CA LEU C 123 -4.43 10.84 35.03
C LEU C 123 -5.20 10.06 33.94
N SER C 124 -5.41 8.75 34.08
CA SER C 124 -6.37 8.06 33.21
C SER C 124 -7.84 8.48 33.48
N GLU C 125 -8.19 8.64 34.76
CA GLU C 125 -9.52 9.04 35.17
C GLU C 125 -9.67 10.53 34.97
N LYS C 126 -8.69 11.32 35.41
CA LYS C 126 -8.70 12.76 35.24
C LYS C 126 -9.04 13.10 33.80
N LEU C 127 -8.20 12.68 32.84
CA LEU C 127 -8.46 12.93 31.40
C LEU C 127 -9.77 12.37 30.86
N ALA C 128 -10.24 11.26 31.42
CA ALA C 128 -11.48 10.64 30.93
C ALA C 128 -12.76 11.42 31.27
N LYS C 129 -12.73 12.18 32.38
CA LYS C 129 -13.88 13.02 32.78
C LYS C 129 -13.82 14.38 32.10
N ILE C 130 -12.59 14.93 32.00
CA ILE C 130 -12.36 16.33 31.59
C ILE C 130 -12.30 16.56 30.08
N ALA C 131 -12.43 15.48 29.31
CA ALA C 131 -12.48 15.52 27.85
C ALA C 131 -13.93 15.52 27.38
N PRO C 132 -14.26 16.33 26.34
CA PRO C 132 -15.60 16.88 26.08
C PRO C 132 -16.71 15.87 25.77
N GLY C 133 -17.84 16.04 26.45
CA GLY C 133 -19.02 15.25 26.20
C GLY C 133 -19.63 14.70 27.47
N ASN C 134 -20.27 13.55 27.34
CA ASN C 134 -20.91 12.86 28.45
C ASN C 134 -20.46 11.39 28.47
N SER C 135 -20.60 10.76 27.28
CA SER C 135 -20.19 9.38 27.03
C SER C 135 -18.93 9.06 27.80
N PRO C 136 -18.98 7.96 28.60
CA PRO C 136 -17.76 7.37 29.18
C PRO C 136 -16.63 7.29 28.16
N LYS C 137 -15.46 7.77 28.58
CA LYS C 137 -14.24 7.65 27.80
C LYS C 137 -13.36 6.58 28.46
N MET C 138 -12.47 5.96 27.69
CA MET C 138 -11.25 5.35 28.23
C MET C 138 -10.10 5.96 27.46
N VAL C 139 -8.93 6.02 28.11
CA VAL C 139 -7.79 6.80 27.56
C VAL C 139 -6.49 5.98 27.46
N SER C 140 -5.92 5.97 26.27
CA SER C 140 -4.70 5.20 25.96
C SER C 140 -3.48 6.11 25.82
N PHE C 141 -2.35 5.66 26.35
CA PHE C 141 -1.22 6.55 26.60
C PHE C 141 -0.05 6.40 25.64
N GLY C 142 0.10 7.40 24.76
CA GLY C 142 1.22 7.46 23.83
C GLY C 142 2.35 8.33 24.34
N ASN C 143 3.53 8.22 23.70
CA ASN C 143 4.74 8.99 24.08
C ASN C 143 4.87 10.35 23.46
N SER C 144 4.03 10.64 22.46
CA SER C 144 4.12 11.83 21.59
C SER C 144 2.88 11.93 20.72
N GLY C 145 2.63 13.13 20.18
CA GLY C 145 1.51 13.37 19.25
C GLY C 145 1.39 12.34 18.15
N SER C 146 2.52 12.04 17.50
CA SER C 146 2.63 10.98 16.50
C SER C 146 1.91 9.73 16.91
N ASP C 147 2.38 9.12 18.00
CA ASP C 147 1.80 7.86 18.47
C ASP C 147 0.49 8.02 19.30
N ALA C 148 -0.23 9.11 19.05
CA ALA C 148 -1.65 9.18 19.41
C ALA C 148 -2.47 9.12 18.11
N ASN C 149 -2.03 9.93 17.14
CA ASN C 149 -2.58 9.90 15.79
C ASN C 149 -2.38 8.63 14.98
N ASP C 150 -1.27 7.92 15.18
CA ASP C 150 -1.11 6.55 14.64
C ASP C 150 -2.21 5.60 15.25
N ALA C 151 -2.73 5.97 16.42
CA ALA C 151 -3.56 5.02 17.16
C ALA C 151 -5.02 5.29 16.97
N ILE C 152 -5.33 6.51 16.55
CA ILE C 152 -6.65 6.83 16.04
C ILE C 152 -6.94 5.93 14.84
N ILE C 153 -5.94 5.76 13.97
CA ILE C 153 -6.10 4.96 12.77
C ILE C 153 -6.25 3.50 13.23
N LYS C 154 -5.40 3.05 14.15
CA LYS C 154 -5.62 1.74 14.72
C LYS C 154 -7.06 1.70 15.25
N PHE C 155 -7.32 2.44 16.33
CA PHE C 155 -8.62 2.54 16.99
C PHE C 155 -9.84 2.65 16.15
N ALA C 156 -9.73 3.37 15.03
CA ALA C 156 -10.87 3.49 14.12
C ALA C 156 -10.95 2.25 13.24
N ARG C 157 -9.83 1.82 12.65
CA ARG C 157 -9.75 0.58 11.85
C ARG C 157 -10.19 -0.71 12.57
N ALA C 158 -10.03 -0.73 13.89
CA ALA C 158 -10.31 -1.95 14.62
C ALA C 158 -11.79 -2.01 15.00
N TYR C 159 -12.34 -0.86 15.40
CA TYR C 159 -13.71 -0.74 15.84
C TYR C 159 -14.72 -0.83 14.68
N THR C 160 -14.49 -0.04 13.63
CA THR C 160 -15.43 0.05 12.47
C THR C 160 -15.38 -1.16 11.55
N GLY C 161 -14.16 -1.67 11.36
CA GLY C 161 -13.87 -2.73 10.39
C GLY C 161 -13.51 -2.18 9.01
N ARG C 162 -13.09 -0.92 8.97
CA ARG C 162 -12.95 -0.18 7.73
C ARG C 162 -11.53 0.36 7.57
N GLN C 163 -10.96 0.17 6.38
CA GLN C 163 -9.58 0.59 6.08
C GLN C 163 -9.33 2.10 5.89
N TYR C 164 -10.18 2.80 5.11
CA TYR C 164 -9.93 4.18 4.62
C TYR C 164 -9.99 5.30 5.68
N ILE C 165 -9.00 6.21 5.62
CA ILE C 165 -8.92 7.39 6.52
C ILE C 165 -8.97 8.71 5.75
N VAL C 166 -9.81 9.65 6.20
CA VAL C 166 -9.97 10.91 5.48
C VAL C 166 -9.43 12.08 6.24
N SER C 167 -8.43 12.74 5.66
CA SER C 167 -7.71 13.79 6.39
C SER C 167 -7.46 15.01 5.52
N TYR C 168 -6.93 16.06 6.16
CA TYR C 168 -6.96 17.39 5.55
C TYR C 168 -5.63 17.91 5.02
N MET C 169 -5.74 18.81 4.04
CA MET C 169 -4.65 19.51 3.37
C MET C 169 -4.27 20.78 4.18
N GLY C 170 -2.99 21.15 4.19
CA GLY C 170 -2.49 22.17 5.12
C GLY C 170 -2.57 21.83 6.62
N SER C 171 -2.79 20.56 6.94
CA SER C 171 -2.79 20.09 8.33
C SER C 171 -1.43 19.44 8.67
N TYR C 172 -1.27 19.02 9.93
CA TYR C 172 -0.09 18.29 10.39
C TYR C 172 -0.52 17.52 11.59
N HIS C 173 -0.58 16.19 11.52
CA HIS C 173 -0.95 15.36 12.70
C HIS C 173 0.17 14.49 13.33
N GLY C 174 1.42 14.69 12.94
CA GLY C 174 2.50 13.78 13.37
C GLY C 174 3.49 13.32 12.30
N SER C 175 4.62 12.78 12.75
CA SER C 175 5.81 12.59 11.94
C SER C 175 6.22 11.13 11.64
N THR C 176 5.55 10.17 12.31
CA THR C 176 5.72 8.72 12.06
C THR C 176 4.94 8.26 10.82
N TYR C 177 5.22 7.05 10.32
CA TYR C 177 4.54 6.57 9.09
C TYR C 177 3.01 6.58 8.99
N GLY C 178 2.28 6.34 10.08
CA GLY C 178 0.80 6.50 10.05
C GLY C 178 0.40 7.95 9.82
N SER C 179 0.79 8.79 10.77
CA SER C 179 0.31 10.19 10.84
C SER C 179 0.87 11.15 9.80
N GLN C 180 2.15 11.01 9.48
CA GLN C 180 2.78 11.63 8.30
C GLN C 180 1.95 11.52 7.01
N THR C 181 1.39 10.34 6.75
CA THR C 181 0.40 10.19 5.64
C THR C 181 -0.71 11.23 5.82
N LEU C 182 -1.37 11.17 7.01
CA LEU C 182 -2.50 12.05 7.38
C LEU C 182 -2.22 13.53 7.21
N SER C 183 -1.04 13.92 7.68
CA SER C 183 -0.48 15.29 7.50
C SER C 183 -0.50 15.78 6.03
N GLY C 184 -0.37 17.08 5.83
CA GLY C 184 -0.24 17.61 4.48
C GLY C 184 0.05 19.08 4.43
N SER C 185 1.30 19.45 4.71
CA SER C 185 1.75 20.83 4.66
C SER C 185 3.21 20.82 4.24
N SER C 186 4.00 20.02 4.97
CA SER C 186 5.43 19.90 4.74
C SER C 186 5.74 18.93 3.58
N LEU C 187 6.00 19.50 2.40
CA LEU C 187 6.45 18.72 1.22
C LEU C 187 7.81 18.10 1.46
N ASN C 188 8.70 18.88 2.08
CA ASN C 188 9.96 18.39 2.66
C ASN C 188 9.78 17.01 3.26
N MET C 189 8.86 16.91 4.21
CA MET C 189 8.65 15.72 5.05
C MET C 189 8.29 14.42 4.33
N THR C 190 7.74 14.52 3.11
CA THR C 190 7.22 13.36 2.33
C THR C 190 8.01 13.09 0.99
N ARG C 191 9.28 13.51 0.99
CA ARG C 191 10.17 13.35 -0.15
C ARG C 191 11.11 12.18 0.07
N LYS C 192 11.26 11.36 -0.97
CA LYS C 192 12.15 10.21 -0.97
C LYS C 192 11.91 9.22 0.21
N ILE C 193 10.68 9.14 0.75
CA ILE C 193 10.32 8.14 1.79
C ILE C 193 9.16 7.21 1.45
N GLY C 194 8.49 7.46 0.32
CA GLY C 194 7.47 6.54 -0.18
C GLY C 194 7.88 5.07 -0.16
N PRO C 195 6.92 4.13 -0.08
CA PRO C 195 5.49 4.43 0.00
C PRO C 195 5.00 4.60 1.44
N MET C 196 3.93 5.37 1.57
CA MET C 196 3.32 5.66 2.86
C MET C 196 2.21 4.65 3.08
N LEU C 197 1.68 4.67 4.29
CA LEU C 197 0.40 4.03 4.65
C LEU C 197 -0.66 4.00 3.54
N PRO C 198 -1.15 2.81 3.16
CA PRO C 198 -2.16 2.77 2.12
C PRO C 198 -3.56 3.12 2.66
N SER C 199 -4.51 3.32 1.73
CA SER C 199 -5.88 3.85 1.99
C SER C 199 -6.08 5.27 2.61
N VAL C 200 -5.27 6.29 2.32
CA VAL C 200 -5.53 7.61 2.97
C VAL C 200 -5.84 8.72 1.97
N VAL C 201 -7.03 9.33 2.09
CA VAL C 201 -7.50 10.41 1.20
C VAL C 201 -7.49 11.80 1.86
N HIS C 202 -7.04 12.78 1.06
CA HIS C 202 -6.91 14.16 1.46
C HIS C 202 -7.95 15.04 0.83
N VAL C 203 -8.52 15.91 1.67
CA VAL C 203 -9.62 16.78 1.29
C VAL C 203 -9.27 18.17 1.73
N PRO C 204 -9.56 19.18 0.91
CA PRO C 204 -9.06 20.53 1.28
C PRO C 204 -9.71 21.15 2.54
N TYR C 205 -8.92 21.39 3.60
CA TYR C 205 -9.40 22.25 4.72
C TYR C 205 -10.05 23.55 4.22
N PRO C 206 -11.10 24.05 4.95
CA PRO C 206 -11.72 25.36 4.63
C PRO C 206 -10.83 26.56 4.85
N ASP C 207 -10.77 27.35 3.78
CA ASP C 207 -10.02 28.60 3.66
C ASP C 207 -11.03 29.74 3.59
N SER C 208 -11.25 30.38 4.74
CA SER C 208 -12.11 31.60 4.88
C SER C 208 -11.47 32.95 4.48
N TYR C 209 -10.16 32.96 4.13
CA TYR C 209 -9.44 34.16 3.68
C TYR C 209 -9.42 34.32 2.18
N ARG C 210 -8.74 33.41 1.48
CA ARG C 210 -8.76 33.43 0.03
C ARG C 210 -10.03 32.79 -0.53
N THR C 211 -11.10 33.60 -0.51
CA THR C 211 -12.44 33.20 -0.96
C THR C 211 -12.54 33.21 -2.50
N TYR C 212 -13.75 33.47 -3.00
CA TYR C 212 -14.01 33.92 -4.37
C TYR C 212 -14.89 35.18 -4.30
N PRO C 213 -14.64 36.18 -5.18
CA PRO C 213 -15.18 37.54 -5.09
C PRO C 213 -16.42 37.74 -4.20
N GLY C 214 -16.18 38.28 -2.99
CA GLY C 214 -17.22 38.43 -1.96
C GLY C 214 -18.19 37.26 -1.73
N GLU C 215 -17.71 36.21 -1.05
CA GLU C 215 -18.50 35.05 -0.66
C GLU C 215 -18.70 35.04 0.84
N THR C 216 -19.75 34.34 1.27
CA THR C 216 -20.15 34.31 2.67
C THR C 216 -19.59 33.11 3.37
N GLU C 217 -19.60 33.16 4.70
CA GLU C 217 -19.32 32.01 5.54
C GLU C 217 -20.20 30.78 5.21
N HIS C 218 -21.40 31.06 4.68
CA HIS C 218 -22.30 30.02 4.25
C HIS C 218 -21.91 29.46 2.87
N ASP C 219 -21.40 30.31 1.96
CA ASP C 219 -20.99 29.87 0.62
C ASP C 219 -19.80 28.89 0.72
N VAL C 220 -18.77 29.31 1.48
CA VAL C 220 -17.56 28.56 1.81
C VAL C 220 -17.82 27.14 2.33
N SER C 221 -18.72 27.02 3.31
CA SER C 221 -19.00 25.74 3.95
C SER C 221 -19.56 24.79 2.89
N LEU C 222 -20.52 25.26 2.10
CA LEU C 222 -21.02 24.43 0.99
C LEU C 222 -19.88 24.00 0.06
N ARG C 223 -19.20 24.98 -0.53
CA ARG C 223 -18.13 24.74 -1.49
C ARG C 223 -17.13 23.77 -0.95
N TYR C 224 -16.74 23.96 0.31
CA TYR C 224 -15.72 23.11 0.93
C TYR C 224 -16.24 21.72 1.37
N PHE C 225 -17.55 21.59 1.58
CA PHE C 225 -18.19 20.33 1.96
C PHE C 225 -18.57 19.54 0.70
N ASN C 226 -18.83 20.26 -0.38
CA ASN C 226 -18.90 19.65 -1.70
C ASN C 226 -17.67 18.86 -2.05
N GLU C 227 -16.50 19.50 -1.87
CA GLU C 227 -15.18 18.89 -2.10
C GLU C 227 -14.95 17.67 -1.19
N PHE C 228 -15.17 17.88 0.11
CA PHE C 228 -15.31 16.82 1.09
C PHE C 228 -16.11 15.59 0.58
N LYS C 229 -17.29 15.76 -0.02
CA LYS C 229 -18.07 14.66 -0.64
C LYS C 229 -17.59 14.17 -2.03
N LYS C 230 -16.73 14.93 -2.72
CA LYS C 230 -16.33 14.56 -4.08
C LYS C 230 -15.70 13.18 -4.12
N PRO C 231 -14.59 12.94 -3.36
CA PRO C 231 -14.21 11.60 -2.93
C PRO C 231 -15.37 10.62 -2.64
N PHE C 232 -16.24 10.92 -1.68
CA PHE C 232 -17.30 9.96 -1.37
C PHE C 232 -18.22 9.61 -2.55
N GLU C 233 -18.19 10.46 -3.57
CA GLU C 233 -19.10 10.34 -4.69
C GLU C 233 -18.47 9.67 -5.89
N SER C 234 -17.14 9.60 -5.89
CA SER C 234 -16.38 8.98 -6.97
C SER C 234 -15.74 7.61 -6.62
N PHE C 235 -14.82 7.58 -5.65
CA PHE C 235 -13.93 6.42 -5.49
C PHE C 235 -13.79 5.89 -4.08
N LEU C 236 -13.88 6.82 -3.11
CA LEU C 236 -13.94 6.48 -1.71
C LEU C 236 -15.35 5.99 -1.30
N PRO C 237 -15.45 4.81 -0.66
CA PRO C 237 -16.76 4.38 -0.17
C PRO C 237 -16.93 4.81 1.29
N ALA C 238 -18.00 5.56 1.55
CA ALA C 238 -18.26 6.13 2.87
C ALA C 238 -18.32 5.04 3.92
N ASP C 239 -18.83 3.87 3.51
CA ASP C 239 -19.07 2.70 4.36
C ASP C 239 -17.83 1.85 4.54
N GLU C 240 -16.73 2.28 3.92
CA GLU C 240 -15.46 1.61 4.09
C GLU C 240 -14.42 2.59 4.63
N THR C 241 -14.92 3.76 5.02
CA THR C 241 -14.17 4.87 5.60
C THR C 241 -14.27 4.82 7.13
N ALA C 242 -13.16 4.44 7.78
CA ALA C 242 -13.07 4.28 9.24
C ALA C 242 -13.32 5.56 10.00
N CYS C 243 -12.75 6.67 9.51
CA CYS C 243 -12.84 7.93 10.21
C CYS C 243 -12.21 9.08 9.42
N VAL C 244 -12.63 10.30 9.77
CA VAL C 244 -12.02 11.53 9.31
C VAL C 244 -11.21 12.08 10.48
N LEU C 245 -9.90 12.27 10.30
CA LEU C 245 -9.18 13.15 11.22
C LEU C 245 -9.28 14.60 10.77
N ILE C 246 -9.34 15.47 11.78
CA ILE C 246 -9.47 16.90 11.57
C ILE C 246 -8.97 17.60 12.81
N GLU C 247 -8.05 18.54 12.61
CA GLU C 247 -7.73 19.55 13.62
C GLU C 247 -8.96 20.48 13.58
N PRO C 248 -9.59 20.78 14.75
CA PRO C 248 -10.62 21.85 14.85
C PRO C 248 -10.12 23.23 14.43
N ILE C 249 -8.83 23.48 14.60
CA ILE C 249 -8.15 24.58 13.93
C ILE C 249 -6.77 23.99 13.56
N GLN C 250 -6.40 24.12 12.29
CA GLN C 250 -5.13 23.61 11.79
C GLN C 250 -4.02 24.38 12.51
N GLY C 251 -3.18 23.63 13.24
CA GLY C 251 -2.02 24.20 13.92
C GLY C 251 -0.93 24.66 12.98
N ASP C 252 -0.20 23.67 12.46
CA ASP C 252 1.03 23.88 11.72
C ASP C 252 0.83 24.42 10.30
N GLY C 253 -0.37 24.97 10.04
CA GLY C 253 -0.79 25.42 8.72
C GLY C 253 -1.41 26.81 8.62
N GLY C 254 -1.43 27.53 9.76
CA GLY C 254 -1.74 28.97 9.78
C GLY C 254 -2.89 29.39 10.66
N ILE C 255 -3.18 28.59 11.68
CA ILE C 255 -4.22 28.88 12.67
C ILE C 255 -5.53 29.22 11.92
N ILE C 256 -6.16 28.19 11.36
CA ILE C 256 -7.31 28.31 10.42
C ILE C 256 -8.48 27.46 10.90
N LYS C 257 -9.63 28.11 11.04
CA LYS C 257 -10.83 27.55 11.66
C LYS C 257 -11.94 27.33 10.64
N ALA C 258 -12.46 26.10 10.63
CA ALA C 258 -13.70 25.81 9.91
C ALA C 258 -14.84 26.77 10.34
N PRO C 259 -15.61 27.31 9.38
CA PRO C 259 -16.89 27.93 9.74
C PRO C 259 -17.76 26.95 10.49
N GLU C 260 -18.67 27.45 11.32
CA GLU C 260 -19.60 26.60 12.07
C GLU C 260 -20.36 25.58 11.19
N GLU C 261 -20.87 26.04 10.06
CA GLU C 261 -21.69 25.17 9.19
C GLU C 261 -20.91 23.94 8.73
N TYR C 262 -19.66 24.16 8.30
CA TYR C 262 -18.77 23.12 7.78
C TYR C 262 -18.58 21.95 8.77
N MET C 263 -18.50 22.29 10.05
CA MET C 263 -18.23 21.28 11.05
C MET C 263 -19.43 20.36 11.28
N GLN C 264 -20.63 20.94 11.15
CA GLN C 264 -21.87 20.19 11.39
C GLN C 264 -22.21 19.38 10.16
N LEU C 265 -21.92 19.94 8.98
CA LEU C 265 -22.00 19.21 7.71
C LEU C 265 -21.12 17.95 7.73
N VAL C 266 -19.83 18.10 8.05
CA VAL C 266 -18.94 16.93 8.23
C VAL C 266 -19.39 15.97 9.31
N TYR C 267 -19.48 16.46 10.57
CA TYR C 267 -19.93 15.67 11.76
C TYR C 267 -21.20 14.90 11.45
N LYS C 268 -22.12 15.52 10.73
CA LYS C 268 -23.40 14.90 10.40
C LYS C 268 -23.19 13.76 9.40
N PHE C 269 -22.30 14.01 8.40
CA PHE C 269 -21.88 13.03 7.38
C PHE C 269 -21.16 11.90 8.05
N CYS C 270 -20.26 12.24 8.97
CA CYS C 270 -19.52 11.24 9.70
C CYS C 270 -20.46 10.21 10.31
N HIS C 271 -21.32 10.66 11.23
CA HIS C 271 -22.20 9.78 12.02
C HIS C 271 -23.19 8.96 11.20
N GLU C 272 -23.79 9.59 10.19
CA GLU C 272 -24.78 8.97 9.30
C GLU C 272 -24.22 7.80 8.46
N HIS C 273 -22.95 7.89 8.11
CA HIS C 273 -22.31 6.95 7.20
C HIS C 273 -21.45 5.97 7.95
N GLY C 274 -21.45 6.11 9.28
CA GLY C 274 -20.79 5.18 10.18
C GLY C 274 -19.31 5.44 10.33
N ILE C 275 -18.90 6.66 9.99
CA ILE C 275 -17.49 7.08 10.02
C ILE C 275 -17.30 7.78 11.37
N LEU C 276 -16.25 7.39 12.09
CA LEU C 276 -15.90 7.99 13.38
C LEU C 276 -15.46 9.40 13.09
N PHE C 277 -15.67 10.27 14.07
CA PHE C 277 -15.31 11.64 13.91
C PHE C 277 -14.20 12.06 14.86
N ALA C 278 -13.01 12.16 14.26
CA ALA C 278 -11.78 12.44 14.97
C ALA C 278 -11.41 13.92 15.04
N ILE C 279 -11.02 14.32 16.25
CA ILE C 279 -10.39 15.60 16.53
C ILE C 279 -8.94 15.43 17.06
N ASP C 280 -8.15 16.48 16.82
CA ASP C 280 -6.75 16.54 17.21
C ASP C 280 -6.61 17.78 18.09
N GLU C 281 -6.38 17.55 19.37
CA GLU C 281 -6.16 18.65 20.31
C GLU C 281 -4.69 18.72 20.68
N VAL C 282 -3.86 18.27 19.75
CA VAL C 282 -2.42 18.26 19.95
C VAL C 282 -2.04 19.74 20.09
N ASN C 283 -2.36 20.51 19.07
CA ASN C 283 -1.97 21.92 18.99
C ASN C 283 -2.94 22.87 19.67
N GLN C 284 -4.20 22.47 19.69
CA GLN C 284 -5.28 23.42 19.87
C GLN C 284 -6.10 23.25 21.13
N GLY C 285 -5.69 22.30 21.95
CA GLY C 285 -6.43 21.95 23.15
C GLY C 285 -6.03 22.77 24.35
N LEU C 286 -6.04 22.13 25.53
CA LEU C 286 -5.49 22.68 26.77
C LEU C 286 -5.63 24.19 26.86
N GLY C 287 -6.87 24.65 26.78
CA GLY C 287 -7.24 26.06 26.91
C GLY C 287 -6.57 27.03 25.99
N ARG C 288 -6.08 26.55 24.85
CA ARG C 288 -5.37 27.38 23.92
C ARG C 288 -6.39 28.27 23.26
N THR C 289 -7.48 27.66 22.78
CA THR C 289 -8.51 28.41 22.04
C THR C 289 -9.31 29.27 22.97
N GLY C 290 -9.22 29.01 24.28
CA GLY C 290 -9.90 29.82 25.26
C GLY C 290 -11.02 29.08 25.93
N LYS C 291 -11.39 27.95 25.32
CA LYS C 291 -12.17 26.91 25.96
C LYS C 291 -11.17 25.77 26.15
N MET C 292 -11.49 24.80 27.00
CA MET C 292 -10.56 23.72 27.34
C MET C 292 -10.09 22.87 26.11
N TRP C 293 -10.95 22.86 25.08
CA TRP C 293 -10.75 22.05 23.88
C TRP C 293 -11.25 22.78 22.65
N ALA C 294 -10.49 22.71 21.56
CA ALA C 294 -10.85 23.44 20.33
C ALA C 294 -12.19 23.02 19.73
N ILE C 295 -12.53 21.75 19.91
CA ILE C 295 -13.81 21.21 19.45
C ILE C 295 -15.02 21.86 20.13
N GLN C 296 -14.78 22.48 21.29
CA GLN C 296 -15.83 23.20 22.06
C GLN C 296 -15.95 24.67 21.69
N GLN C 297 -15.32 25.04 20.57
CA GLN C 297 -15.57 26.29 19.86
C GLN C 297 -16.72 26.05 18.89
N PHE C 298 -16.94 24.78 18.57
CA PHE C 298 -18.14 24.33 17.88
C PHE C 298 -19.24 23.87 18.87
N LYS C 299 -20.46 23.82 18.38
CA LYS C 299 -21.66 23.43 19.12
C LYS C 299 -21.85 21.92 19.21
N ASP C 300 -22.28 21.44 20.39
CA ASP C 300 -22.60 20.00 20.68
C ASP C 300 -22.02 18.91 19.74
N ILE C 301 -20.71 19.00 19.62
CA ILE C 301 -19.84 18.07 18.93
C ILE C 301 -18.98 17.46 20.03
N GLU C 302 -19.28 16.19 20.32
CA GLU C 302 -18.49 15.28 21.16
C GLU C 302 -17.75 14.36 20.19
N PRO C 303 -16.40 14.33 20.29
CA PRO C 303 -15.56 13.55 19.38
C PRO C 303 -15.90 12.08 19.55
N ASP C 304 -15.46 11.23 18.61
CA ASP C 304 -15.41 9.78 18.88
C ASP C 304 -13.99 9.42 19.34
N LEU C 305 -13.04 10.27 18.92
CA LEU C 305 -11.62 10.13 19.21
C LEU C 305 -10.95 11.50 19.28
N MET C 306 -9.83 11.55 20.02
CA MET C 306 -9.22 12.82 20.39
C MET C 306 -7.78 12.63 20.81
N SER C 307 -6.88 13.35 20.15
CA SER C 307 -5.45 13.16 20.40
C SER C 307 -4.89 14.40 21.03
N VAL C 308 -4.00 14.20 22.01
CA VAL C 308 -3.27 15.28 22.65
C VAL C 308 -1.79 14.91 22.85
N GLY C 309 -0.90 15.88 22.69
CA GLY C 309 0.51 15.72 23.07
C GLY C 309 1.06 16.93 23.80
N LYS C 310 2.37 17.12 23.66
CA LYS C 310 3.08 18.32 24.15
C LYS C 310 2.68 18.71 25.57
N SER C 311 1.95 19.82 25.69
CA SER C 311 1.69 20.41 27.01
C SER C 311 0.87 19.55 27.97
N LEU C 312 0.38 18.39 27.51
CA LEU C 312 -0.23 17.43 28.41
C LEU C 312 0.66 17.31 29.66
N ALA C 313 1.98 17.19 29.46
CA ALA C 313 2.94 17.31 30.57
C ALA C 313 3.96 18.48 30.48
N SER C 314 3.46 19.69 30.17
CA SER C 314 4.26 20.94 29.97
C SER C 314 5.39 20.84 28.94
N GLY C 315 5.75 19.60 28.59
CA GLY C 315 6.74 19.28 27.59
C GLY C 315 7.20 17.85 27.68
N MET C 316 7.14 17.28 28.88
CA MET C 316 7.56 15.90 29.16
C MET C 316 6.75 14.93 28.31
N PRO C 317 7.44 14.04 27.53
CA PRO C 317 6.83 13.36 26.38
C PRO C 317 5.59 12.55 26.76
N LEU C 318 4.45 13.16 26.49
CA LEU C 318 3.18 12.55 26.79
C LEU C 318 2.14 12.93 25.75
N SER C 319 1.37 11.92 25.36
CA SER C 319 0.21 12.09 24.53
C SER C 319 -0.88 11.12 24.94
N ALA C 320 -2.12 11.47 24.58
CA ALA C 320 -3.27 10.67 24.98
C ALA C 320 -4.19 10.49 23.80
N VAL C 321 -4.90 9.38 23.82
CA VAL C 321 -6.02 9.17 22.90
C VAL C 321 -7.20 9.07 23.82
N ILE C 322 -8.17 9.95 23.62
CA ILE C 322 -9.39 9.95 24.42
C ILE C 322 -10.64 9.86 23.52
N GLY C 323 -11.14 8.65 23.36
CA GLY C 323 -12.39 8.41 22.66
C GLY C 323 -13.49 7.88 23.55
N LYS C 324 -14.39 7.07 22.98
CA LYS C 324 -15.56 6.50 23.69
C LYS C 324 -15.26 5.12 24.24
N LYS C 325 -15.98 4.71 25.29
CA LYS C 325 -15.72 3.44 26.01
C LYS C 325 -15.63 2.28 25.04
N GLU C 326 -16.67 2.15 24.21
CA GLU C 326 -16.79 1.03 23.28
C GLU C 326 -15.62 1.00 22.29
N VAL C 327 -15.34 2.17 21.70
CA VAL C 327 -14.36 2.39 20.62
C VAL C 327 -12.95 1.97 20.99
N MET C 328 -12.64 2.19 22.26
CA MET C 328 -11.31 2.10 22.81
C MET C 328 -10.94 0.67 23.18
N GLN C 329 -11.90 -0.25 23.06
CA GLN C 329 -11.70 -1.65 23.48
C GLN C 329 -11.59 -2.55 22.26
N SER C 330 -11.72 -1.97 21.09
CA SER C 330 -11.59 -2.67 19.82
C SER C 330 -10.32 -3.55 19.73
N LEU C 331 -9.21 -3.06 20.25
CA LEU C 331 -7.93 -3.75 20.17
C LEU C 331 -7.65 -4.51 21.45
N ASP C 332 -6.74 -5.49 21.38
CA ASP C 332 -6.33 -6.28 22.53
C ASP C 332 -5.12 -5.64 23.23
N ALA C 333 -5.39 -4.70 24.15
CA ALA C 333 -4.33 -4.03 24.91
C ALA C 333 -4.45 -4.29 26.41
N GLY C 342 2.17 7.17 29.58
CA GLY C 342 1.94 6.24 30.67
C GLY C 342 3.22 6.09 31.47
N ASN C 343 4.05 7.13 31.40
CA ASN C 343 5.27 7.24 32.19
C ASN C 343 4.98 7.97 33.51
N PRO C 344 5.33 7.34 34.67
CA PRO C 344 5.20 7.92 36.04
C PRO C 344 5.55 9.41 36.17
N VAL C 345 6.82 9.78 35.92
CA VAL C 345 7.31 11.17 35.96
C VAL C 345 6.44 12.03 35.04
N CYS C 346 6.34 11.60 33.77
CA CYS C 346 5.61 12.30 32.76
C CYS C 346 4.17 12.52 33.16
N SER C 347 3.59 11.54 33.86
CA SER C 347 2.21 11.62 34.33
C SER C 347 2.07 12.53 35.56
N ALA C 348 3.12 12.61 36.39
CA ALA C 348 3.07 13.51 37.56
C ALA C 348 3.20 14.96 37.13
N ALA C 349 4.07 15.19 36.14
CA ALA C 349 4.18 16.49 35.46
C ALA C 349 2.82 16.89 34.88
N SER C 350 2.21 15.96 34.14
CA SER C 350 0.89 16.14 33.58
C SER C 350 -0.17 16.46 34.62
N LEU C 351 -0.29 15.60 35.63
CA LEU C 351 -1.25 15.72 36.74
C LEU C 351 -1.14 17.06 37.46
N ALA C 352 0.09 17.56 37.64
CA ALA C 352 0.30 18.97 37.99
C ALA C 352 -0.24 19.91 36.92
N THR C 353 0.24 19.77 35.66
CA THR C 353 -0.12 20.76 34.60
C THR C 353 -1.61 20.89 34.39
N LEU C 354 -2.34 19.84 34.78
CA LEU C 354 -3.80 19.87 34.73
C LEU C 354 -4.39 20.68 35.89
N ASP C 355 -3.77 20.63 37.06
CA ASP C 355 -4.22 21.43 38.20
C ASP C 355 -3.94 22.91 37.96
N VAL C 356 -2.85 23.22 37.22
CA VAL C 356 -2.43 24.59 36.95
C VAL C 356 -3.44 25.28 36.06
N ILE C 357 -3.91 24.59 35.00
CA ILE C 357 -4.82 25.23 34.06
C ILE C 357 -6.17 25.55 34.70
N GLU C 358 -6.61 24.69 35.62
CA GLU C 358 -7.78 25.04 36.43
C GLU C 358 -7.49 26.15 37.45
N TYR C 359 -6.32 26.09 38.09
CA TYR C 359 -6.00 26.94 39.25
C TYR C 359 -5.72 28.37 38.79
N GLU C 360 -4.74 28.52 37.92
CA GLU C 360 -4.44 29.82 37.34
C GLU C 360 -5.45 30.18 36.25
N GLY C 361 -6.44 29.30 36.07
CA GLY C 361 -7.61 29.54 35.22
C GLY C 361 -7.28 29.98 33.81
N LEU C 362 -6.40 29.21 33.16
CA LEU C 362 -5.72 29.63 31.94
C LEU C 362 -6.61 29.49 30.72
N VAL C 363 -7.68 28.73 30.87
CA VAL C 363 -8.71 28.61 29.82
C VAL C 363 -9.41 29.99 29.67
N GLU C 364 -9.86 30.51 30.81
CA GLU C 364 -10.51 31.79 30.97
C GLU C 364 -9.58 32.96 30.62
N LYS C 365 -8.30 32.80 30.93
CA LYS C 365 -7.30 33.85 30.69
C LYS C 365 -7.09 34.04 29.18
N SER C 366 -6.80 32.93 28.51
CA SER C 366 -6.64 32.93 27.07
C SER C 366 -7.76 33.69 26.35
N ALA C 367 -9.04 33.33 26.58
CA ALA C 367 -10.18 33.95 25.85
C ALA C 367 -10.14 35.48 25.85
N THR C 368 -10.03 36.02 27.06
CA THR C 368 -9.97 37.45 27.33
C THR C 368 -8.72 38.12 26.77
N ASP C 369 -7.54 37.78 27.30
CA ASP C 369 -6.23 38.13 26.73
C ASP C 369 -6.24 38.07 25.19
N GLY C 370 -6.86 37.01 24.66
CA GLY C 370 -6.91 36.71 23.23
C GLY C 370 -7.68 37.70 22.40
N ALA C 371 -8.90 38.06 22.86
CA ALA C 371 -9.78 39.03 22.19
C ALA C 371 -9.25 40.45 22.36
N TYR C 372 -8.81 40.76 23.59
CA TYR C 372 -8.08 42.00 23.85
C TYR C 372 -7.02 42.19 22.77
N ALA C 373 -6.11 41.18 22.67
CA ALA C 373 -4.99 41.12 21.70
C ALA C 373 -5.44 41.09 20.24
N LYS C 374 -6.71 40.76 19.99
CA LYS C 374 -7.31 40.71 18.64
C LYS C 374 -7.55 42.13 18.09
N GLN C 375 -8.26 42.96 18.87
CA GLN C 375 -8.43 44.39 18.58
C GLN C 375 -7.07 45.10 18.52
N ARG C 376 -6.15 44.73 19.44
CA ARG C 376 -4.76 45.23 19.43
C ARG C 376 -4.00 44.83 18.16
N PHE C 377 -4.11 43.55 17.80
CA PHE C 377 -3.56 43.04 16.54
C PHE C 377 -4.30 43.53 15.30
N LEU C 378 -5.44 44.25 15.48
CA LEU C 378 -6.28 44.70 14.33
C LEU C 378 -6.21 46.20 14.00
N GLU C 379 -5.96 47.06 14.98
CA GLU C 379 -5.71 48.49 14.69
C GLU C 379 -4.29 48.66 14.12
N MET C 380 -3.39 47.73 14.50
CA MET C 380 -2.09 47.55 13.82
C MET C 380 -2.23 47.42 12.30
N GLN C 381 -3.35 46.83 11.88
CA GLN C 381 -3.64 46.51 10.50
C GLN C 381 -4.13 47.70 9.68
N GLN C 382 -4.73 48.68 10.37
CA GLN C 382 -5.31 49.89 9.75
C GLN C 382 -4.33 51.09 9.70
N ARG C 383 -3.23 50.98 10.43
CA ARG C 383 -2.10 51.90 10.28
C ARG C 383 -1.06 51.30 9.34
N HIS C 384 -0.71 50.02 9.58
CA HIS C 384 0.24 49.21 8.80
C HIS C 384 -0.50 48.15 7.97
N PRO C 385 -0.56 48.35 6.63
CA PRO C 385 -1.55 47.56 5.90
C PRO C 385 -1.07 46.16 5.51
N MET C 386 0.24 45.97 5.45
CA MET C 386 0.87 44.69 5.05
C MET C 386 0.17 43.45 5.60
N ILE C 387 -0.32 43.52 6.85
CA ILE C 387 -1.21 42.48 7.43
C ILE C 387 -2.51 42.42 6.63
N GLY C 388 -2.67 41.30 5.91
CA GLY C 388 -3.89 41.04 5.17
C GLY C 388 -4.99 40.68 6.14
N ASP C 389 -4.67 39.78 7.06
CA ASP C 389 -5.67 39.07 7.84
C ASP C 389 -5.26 38.89 9.29
N VAL C 390 -6.20 39.06 10.22
CA VAL C 390 -5.93 38.87 11.64
C VAL C 390 -6.81 37.71 12.06
N ARG C 391 -6.17 36.57 12.27
CA ARG C 391 -6.85 35.37 12.77
C ARG C 391 -6.42 35.16 14.19
N MET C 392 -7.43 35.08 15.07
CA MET C 392 -7.27 34.90 16.52
C MET C 392 -8.54 34.34 17.16
N TRP C 393 -8.38 33.23 17.89
CA TRP C 393 -9.40 32.60 18.71
C TRP C 393 -8.73 32.19 20.01
N GLY C 394 -8.90 33.03 21.04
CA GLY C 394 -8.18 32.89 22.32
C GLY C 394 -6.77 33.39 22.13
N LEU C 395 -5.84 32.99 23.00
CA LEU C 395 -4.42 33.36 22.78
C LEU C 395 -3.80 32.49 21.68
N ASN C 396 -4.55 32.38 20.60
CA ASN C 396 -4.31 31.41 19.56
C ASN C 396 -4.66 32.09 18.24
N GLY C 397 -3.66 32.71 17.64
CA GLY C 397 -3.83 33.43 16.41
C GLY C 397 -2.71 33.28 15.42
N GLY C 398 -2.96 33.73 14.19
CA GLY C 398 -1.99 33.71 13.12
C GLY C 398 -2.13 34.94 12.26
N ILE C 399 -1.13 35.82 12.34
CA ILE C 399 -1.09 37.11 11.67
C ILE C 399 -0.38 36.94 10.33
N GLU C 400 -1.10 37.26 9.25
CA GLU C 400 -0.80 36.82 7.87
C GLU C 400 -0.47 38.02 6.95
N LEU C 401 0.72 37.99 6.35
CA LEU C 401 1.27 39.15 5.64
C LEU C 401 1.31 39.00 4.11
N VAL C 402 0.82 40.03 3.42
CA VAL C 402 0.57 40.00 1.97
C VAL C 402 1.13 41.23 1.20
N LYS C 403 1.28 41.11 -0.12
CA LYS C 403 1.73 42.26 -0.94
C LYS C 403 0.70 43.38 -0.83
N ASP C 404 -0.53 43.07 -1.26
CA ASP C 404 -1.66 43.99 -1.36
C ASP C 404 -2.98 43.24 -1.01
N PRO C 405 -3.80 43.81 -0.08
CA PRO C 405 -5.12 43.24 0.27
C PRO C 405 -6.13 42.94 -0.85
N LYS C 406 -5.83 43.33 -2.10
CA LYS C 406 -6.57 42.86 -3.29
C LYS C 406 -5.90 41.61 -3.89
N THR C 407 -4.57 41.57 -3.88
CA THR C 407 -3.83 40.41 -4.43
C THR C 407 -3.69 39.28 -3.43
N LYS C 408 -3.63 39.64 -2.16
CA LYS C 408 -3.44 38.71 -1.04
C LYS C 408 -2.22 37.77 -1.21
N GLU C 409 -1.33 38.10 -2.15
CA GLU C 409 -0.16 37.27 -2.47
C GLU C 409 0.76 37.26 -1.27
N PRO C 410 1.20 36.07 -0.82
CA PRO C 410 2.08 36.03 0.37
C PRO C 410 3.27 36.96 0.22
N ASP C 411 3.59 37.64 1.31
CA ASP C 411 4.85 38.34 1.42
C ASP C 411 5.56 37.72 2.60
N SER C 412 6.14 36.55 2.32
CA SER C 412 6.96 35.82 3.28
C SER C 412 8.29 36.52 3.51
N ASP C 413 8.72 37.30 2.51
CA ASP C 413 9.90 38.17 2.64
C ASP C 413 9.77 38.97 3.93
N ALA C 414 8.79 39.89 3.95
CA ALA C 414 8.52 40.76 5.10
C ALA C 414 8.46 39.98 6.41
N ALA C 415 7.75 38.85 6.41
CA ALA C 415 7.59 38.04 7.63
C ALA C 415 8.94 37.61 8.29
N THR C 416 9.82 36.92 7.54
CA THR C 416 11.13 36.43 8.09
C THR C 416 12.05 37.59 8.48
N LYS C 417 11.65 38.81 8.11
CA LYS C 417 12.37 40.01 8.52
C LYS C 417 11.90 40.46 9.90
N VAL C 418 10.58 40.39 10.11
CA VAL C 418 9.93 40.71 11.41
C VAL C 418 10.41 39.70 12.43
N ILE C 419 10.52 38.43 12.04
CA ILE C 419 11.04 37.40 12.94
C ILE C 419 12.49 37.69 13.32
N TYR C 420 13.21 38.36 12.43
CA TYR C 420 14.61 38.73 12.67
C TYR C 420 14.74 40.07 13.40
N TYR C 421 13.98 41.09 12.96
CA TYR C 421 13.81 42.35 13.72
C TYR C 421 13.43 42.06 15.17
N ALA C 422 12.38 41.25 15.34
CA ALA C 422 11.88 40.87 16.66
C ALA C 422 12.83 39.98 17.47
N PHE C 423 13.60 39.09 16.80
CA PHE C 423 14.67 38.27 17.44
C PHE C 423 15.85 39.12 17.93
N ALA C 424 15.93 40.36 17.45
CA ALA C 424 16.95 41.31 17.86
C ALA C 424 16.48 42.22 18.98
N HIS C 425 15.17 42.14 19.30
CA HIS C 425 14.53 43.01 20.31
C HIS C 425 13.80 42.20 21.42
N GLY C 426 14.38 41.04 21.74
CA GLY C 426 13.97 40.19 22.87
C GLY C 426 12.73 39.33 22.71
N VAL C 427 12.23 39.21 21.47
CA VAL C 427 10.97 38.48 21.16
C VAL C 427 11.11 37.40 20.03
N VAL C 428 11.29 36.14 20.47
CA VAL C 428 11.27 34.96 19.57
C VAL C 428 9.88 34.75 18.96
N ILE C 429 9.81 34.63 17.63
CA ILE C 429 8.56 34.30 16.94
C ILE C 429 8.82 33.63 15.56
N ILE C 430 8.34 32.39 15.43
CA ILE C 430 8.64 31.57 14.24
C ILE C 430 7.45 31.44 13.31
N THR C 431 7.72 31.22 12.02
CA THR C 431 6.72 31.41 10.96
C THR C 431 6.08 30.17 10.38
N LEU C 432 4.86 30.34 9.86
CA LEU C 432 4.11 29.24 9.25
C LEU C 432 3.84 29.51 7.80
N ALA C 433 4.21 28.53 6.97
CA ALA C 433 4.07 28.58 5.53
C ALA C 433 4.68 29.87 4.93
N GLY C 434 5.83 30.27 5.48
CA GLY C 434 6.54 31.48 5.06
C GLY C 434 6.07 32.80 5.65
N ASN C 435 4.91 33.27 5.18
CA ASN C 435 4.26 34.52 5.61
C ASN C 435 3.52 34.53 6.99
N ILE C 436 2.82 33.46 7.35
CA ILE C 436 2.04 33.45 8.62
C ILE C 436 2.85 33.33 9.93
N LEU C 437 2.99 34.46 10.64
CA LEU C 437 3.55 34.50 11.98
C LEU C 437 2.55 33.90 12.95
N ARG C 438 2.90 32.76 13.54
CA ARG C 438 2.05 32.15 14.54
C ARG C 438 2.20 32.78 15.93
N PHE C 439 1.09 32.83 16.64
CA PHE C 439 1.02 33.58 17.87
C PHE C 439 0.55 32.71 19.03
N GLN C 440 1.49 32.05 19.70
CA GLN C 440 1.10 31.11 20.75
C GLN C 440 2.02 31.29 21.96
N PRO C 441 1.88 32.42 22.69
CA PRO C 441 2.67 32.61 23.93
C PRO C 441 2.33 31.56 24.99
N PRO C 442 3.14 31.43 26.06
CA PRO C 442 2.61 30.63 27.16
C PRO C 442 1.49 31.36 27.88
N LEU C 443 0.39 30.65 28.16
CA LEU C 443 -0.86 31.31 28.61
C LEU C 443 -0.70 32.07 29.93
N VAL C 444 0.28 31.67 30.74
CA VAL C 444 0.66 32.34 32.00
C VAL C 444 1.13 33.79 31.81
N ILE C 445 1.45 34.17 30.56
CA ILE C 445 2.06 35.45 30.22
C ILE C 445 1.40 36.69 30.89
N PRO C 446 2.20 37.58 31.54
CA PRO C 446 1.62 38.79 32.13
C PRO C 446 1.52 39.94 31.13
N ARG C 447 0.61 40.86 31.39
CA ARG C 447 0.21 41.86 30.42
C ARG C 447 1.32 42.79 29.99
N GLU C 448 2.26 43.05 30.90
CA GLU C 448 3.38 43.96 30.64
C GLU C 448 4.30 43.39 29.55
N GLN C 449 4.50 42.06 29.61
CA GLN C 449 5.21 41.31 28.56
C GLN C 449 4.42 41.25 27.27
N LEU C 450 3.18 40.74 27.33
CA LEU C 450 2.24 40.72 26.21
C LEU C 450 2.26 42.02 25.39
N ASP C 451 2.21 43.16 26.08
CA ASP C 451 2.34 44.50 25.48
C ASP C 451 3.76 44.84 25.09
N GLN C 452 4.74 44.35 25.87
CA GLN C 452 6.16 44.59 25.62
C GLN C 452 6.61 43.74 24.43
N ALA C 453 5.76 42.80 24.05
CA ALA C 453 5.95 41.93 22.89
C ALA C 453 5.08 42.42 21.75
N LEU C 454 3.85 42.85 22.08
CA LEU C 454 2.95 43.47 21.10
C LEU C 454 3.42 44.83 20.55
N GLN C 455 4.02 45.69 21.40
CA GLN C 455 4.56 47.00 20.92
C GLN C 455 5.69 46.77 19.92
N VAL C 456 6.70 45.98 20.31
CA VAL C 456 7.77 45.47 19.43
C VAL C 456 7.34 45.12 17.98
N LEU C 457 6.31 44.27 17.86
CA LEU C 457 5.82 43.73 16.60
C LEU C 457 5.28 44.83 15.69
N ASP C 458 4.63 45.81 16.33
CA ASP C 458 4.17 47.04 15.72
C ASP C 458 5.40 47.80 15.24
N ASP C 459 6.32 48.15 16.17
CA ASP C 459 7.63 48.77 15.79
C ASP C 459 8.28 48.13 14.56
N ALA C 460 8.04 46.81 14.39
CA ALA C 460 8.58 45.97 13.30
C ALA C 460 7.89 46.31 11.99
N PHE C 461 6.58 46.42 12.05
CA PHE C 461 5.74 46.78 10.91
C PHE C 461 6.20 48.11 10.31
N THR C 462 6.38 49.11 11.17
CA THR C 462 7.14 50.34 10.88
C THR C 462 8.48 50.01 10.17
N ALA C 463 9.29 49.15 10.78
CA ALA C 463 10.67 48.96 10.36
C ALA C 463 10.79 48.25 9.02
N VAL C 464 9.89 47.28 8.77
CA VAL C 464 9.89 46.49 7.53
C VAL C 464 9.12 47.22 6.44
N GLU C 465 8.50 48.32 6.82
CA GLU C 465 7.86 49.24 5.90
C GLU C 465 8.85 50.28 5.45
N ASN C 466 10.10 50.15 5.92
CA ASN C 466 11.13 51.15 5.70
C ASN C 466 12.26 50.59 4.90
N GLY C 467 12.41 49.28 5.01
CA GLY C 467 13.63 48.59 4.60
C GLY C 467 14.79 48.88 5.55
N GLU C 468 14.45 49.34 6.77
CA GLU C 468 15.38 49.41 7.91
C GLU C 468 15.90 48.01 8.24
N VAL C 469 15.02 47.01 8.15
CA VAL C 469 15.37 45.61 8.35
C VAL C 469 16.01 45.01 7.09
N THR C 470 17.33 44.79 7.17
CA THR C 470 18.10 44.07 6.14
C THR C 470 18.87 42.88 6.75
N ILE C 471 19.25 41.91 5.91
CA ILE C 471 19.89 40.64 6.32
C ILE C 471 21.36 40.65 5.84
N TYR D 57 -2.23 -8.79 35.39
CA TYR D 57 -1.47 -8.93 36.68
C TYR D 57 -2.25 -8.48 37.93
N ASN D 58 -2.96 -7.35 37.81
CA ASN D 58 -3.85 -6.76 38.86
C ASN D 58 -3.18 -6.21 40.15
N LEU D 59 -2.19 -5.31 39.97
CA LEU D 59 -1.27 -4.84 41.05
C LEU D 59 -0.74 -3.41 40.80
N VAL D 60 -0.87 -2.52 41.79
CA VAL D 60 -0.45 -1.11 41.67
C VAL D 60 0.84 -0.83 42.45
N ILE D 61 1.81 -0.21 41.78
CA ILE D 61 3.15 0.09 42.31
C ILE D 61 3.32 1.54 42.82
N ASP D 62 4.26 1.68 43.74
CA ASP D 62 4.46 2.91 44.49
C ASP D 62 5.92 3.36 44.34
N HIS D 63 6.86 2.54 44.84
CA HIS D 63 8.28 2.84 44.60
C HIS D 63 9.13 1.63 44.26
N ALA D 64 10.25 1.90 43.60
CA ALA D 64 11.28 0.91 43.32
C ALA D 64 12.66 1.57 43.43
N HIS D 65 13.64 0.81 43.89
CA HIS D 65 15.04 1.23 43.86
C HIS D 65 15.85 0.09 43.27
N GLY D 66 16.75 0.44 42.35
CA GLY D 66 17.57 -0.52 41.65
C GLY D 66 16.82 -1.78 41.23
N ALA D 67 17.09 -2.86 41.95
CA ALA D 67 16.52 -4.18 41.69
C ALA D 67 15.15 -4.36 42.31
N THR D 68 14.91 -3.62 43.37
CA THR D 68 13.80 -3.93 44.25
C THR D 68 12.62 -3.07 43.91
N LEU D 69 11.43 -3.66 43.96
CA LEU D 69 10.16 -2.98 43.73
C LEU D 69 9.26 -3.04 45.01
N VAL D 70 8.33 -2.09 45.17
CA VAL D 70 7.29 -2.12 46.26
C VAL D 70 5.89 -1.53 45.85
N ASP D 71 4.86 -2.39 45.91
CA ASP D 71 3.45 -1.97 45.74
C ASP D 71 2.89 -1.18 46.96
N VAL D 72 1.65 -0.69 46.82
CA VAL D 72 1.13 0.36 47.75
C VAL D 72 0.76 -0.17 49.12
N ASP D 73 0.67 -1.50 49.22
CA ASP D 73 0.51 -2.20 50.49
C ASP D 73 1.85 -2.37 51.27
N GLY D 74 2.89 -2.82 50.58
CA GLY D 74 4.27 -2.86 51.15
C GLY D 74 5.03 -4.15 50.90
N ASN D 75 4.42 -5.03 50.10
CA ASN D 75 5.04 -6.28 49.65
C ASN D 75 6.25 -5.99 48.73
N LYS D 76 7.47 -6.29 49.20
CA LYS D 76 8.70 -6.08 48.39
C LYS D 76 8.91 -7.24 47.39
N TYR D 77 9.17 -6.88 46.13
CA TYR D 77 9.44 -7.83 45.05
C TYR D 77 10.87 -7.63 44.50
N ILE D 78 11.26 -8.44 43.53
CA ILE D 78 12.61 -8.37 42.92
C ILE D 78 12.45 -8.38 41.41
N ASP D 79 13.15 -7.47 40.75
CA ASP D 79 13.00 -7.29 39.30
C ASP D 79 13.78 -8.33 38.50
N LEU D 80 13.15 -8.83 37.45
CA LEU D 80 13.81 -9.75 36.53
C LEU D 80 13.24 -9.50 35.14
N LEU D 81 11.97 -9.11 35.11
CA LEU D 81 11.35 -8.48 33.97
C LEU D 81 12.10 -7.18 33.61
N ALA D 82 12.27 -6.28 34.59
CA ALA D 82 13.02 -5.00 34.49
C ALA D 82 12.48 -3.90 33.54
N SER D 83 11.15 -3.89 33.34
CA SER D 83 10.44 -2.99 32.41
C SER D 83 10.89 -3.20 30.95
N ALA D 84 10.68 -4.42 30.43
CA ALA D 84 11.21 -4.90 29.12
C ALA D 84 12.65 -4.47 28.78
N SER D 85 13.50 -4.53 29.81
CA SER D 85 14.90 -4.02 29.83
C SER D 85 15.01 -2.55 29.42
N ALA D 86 14.33 -1.72 30.21
CA ALA D 86 14.43 -0.27 30.18
C ALA D 86 15.15 0.21 31.46
N ILE D 87 15.34 -0.73 32.38
CA ILE D 87 15.90 -0.44 33.69
C ILE D 87 17.25 -1.19 33.80
N ASN D 88 18.24 -0.67 33.09
CA ASN D 88 19.55 -1.31 33.10
C ASN D 88 20.39 -0.82 34.26
N VAL D 89 20.22 0.46 34.54
CA VAL D 89 20.94 1.17 35.57
C VAL D 89 20.33 0.90 36.96
N GLY D 90 19.17 0.24 36.98
CA GLY D 90 18.40 0.04 38.20
C GLY D 90 17.38 1.17 38.35
N HIS D 91 16.34 0.93 39.15
CA HIS D 91 15.35 1.95 39.43
C HIS D 91 15.96 3.06 40.24
N THR D 92 15.30 4.21 40.24
CA THR D 92 15.75 5.46 40.94
C THR D 92 17.22 5.53 41.49
N HIS D 93 18.21 5.17 40.66
CA HIS D 93 19.63 5.42 40.97
C HIS D 93 19.77 6.92 41.17
N GLU D 94 20.53 7.32 42.20
CA GLU D 94 20.60 8.74 42.60
C GLU D 94 21.09 9.73 41.55
N LYS D 95 22.12 9.31 40.78
CA LYS D 95 22.78 10.15 39.76
C LYS D 95 21.79 10.53 38.69
N VAL D 96 20.82 9.65 38.50
CA VAL D 96 19.78 9.75 37.48
C VAL D 96 18.63 10.61 38.01
N VAL D 97 18.22 10.34 39.25
CA VAL D 97 17.22 11.17 39.97
C VAL D 97 17.80 12.57 40.13
N LYS D 98 19.01 12.69 40.68
CA LYS D 98 19.71 14.02 40.76
C LYS D 98 19.82 14.78 39.42
N ALA D 99 19.87 14.03 38.30
CA ALA D 99 19.94 14.61 36.97
C ALA D 99 18.61 15.23 36.50
N ILE D 100 17.52 14.45 36.64
CA ILE D 100 16.17 14.91 36.32
C ILE D 100 15.82 16.07 37.26
N ALA D 101 16.09 15.88 38.55
CA ALA D 101 15.92 16.94 39.54
C ALA D 101 16.57 18.22 39.01
N ASP D 102 17.90 18.21 38.87
CA ASP D 102 18.62 19.39 38.47
C ASP D 102 18.07 20.03 37.19
N GLN D 103 18.01 19.25 36.09
CA GLN D 103 17.60 19.80 34.80
C GLN D 103 16.12 20.24 34.68
N ALA D 104 15.20 19.55 35.34
CA ALA D 104 13.79 19.98 35.35
C ALA D 104 13.57 21.35 36.01
N GLN D 105 14.48 21.74 36.91
CA GLN D 105 14.52 23.09 37.47
C GLN D 105 15.01 24.07 36.39
N LYS D 106 15.93 23.59 35.56
CA LYS D 106 16.58 24.36 34.50
C LYS D 106 15.74 24.46 33.22
N LEU D 107 15.17 23.35 32.75
CA LEU D 107 14.21 23.36 31.60
C LEU D 107 13.37 22.07 31.44
N ILE D 108 12.03 22.20 31.50
CA ILE D 108 11.09 21.07 31.29
C ILE D 108 11.22 20.56 29.84
N HIS D 109 10.81 21.40 28.90
CA HIS D 109 10.91 21.14 27.46
C HIS D 109 10.59 22.40 26.70
N TYR D 110 11.52 22.72 25.79
CA TYR D 110 11.30 23.65 24.70
C TYR D 110 11.44 22.85 23.39
N THR D 111 10.75 23.33 22.35
CA THR D 111 10.62 22.64 21.04
C THR D 111 11.92 22.48 20.20
N PRO D 112 12.35 21.21 19.96
CA PRO D 112 13.64 20.96 19.28
C PRO D 112 13.64 21.36 17.78
N ALA D 113 12.48 21.22 17.13
CA ALA D 113 12.24 21.60 15.74
C ALA D 113 12.80 22.98 15.35
N TYR D 114 13.08 23.80 16.36
CA TYR D 114 13.78 25.06 16.14
C TYR D 114 15.19 25.09 16.68
N PHE D 115 15.41 25.85 17.76
CA PHE D 115 16.76 26.16 18.24
C PHE D 115 17.32 25.11 19.25
N HIS D 116 18.51 25.35 19.83
CA HIS D 116 19.33 24.30 20.51
C HIS D 116 19.27 24.25 22.08
N HIS D 117 19.93 23.26 22.68
CA HIS D 117 20.08 23.17 24.17
C HIS D 117 21.19 22.19 24.60
N VAL D 118 21.66 22.33 25.83
CA VAL D 118 22.96 21.74 26.20
C VAL D 118 23.01 20.22 26.51
N PRO D 119 22.11 19.67 27.38
CA PRO D 119 22.11 18.21 27.58
C PRO D 119 22.05 17.35 26.29
N GLY D 120 21.31 17.78 25.28
CA GLY D 120 21.21 17.06 24.02
C GLY D 120 22.54 16.91 23.29
N MET D 121 23.19 18.07 23.09
CA MET D 121 24.52 18.21 22.47
C MET D 121 25.58 17.31 23.11
N GLU D 122 25.73 17.44 24.43
CA GLU D 122 26.61 16.58 25.21
C GLU D 122 26.35 15.10 25.02
N LEU D 123 25.08 14.72 24.91
CA LEU D 123 24.71 13.32 24.69
C LEU D 123 25.00 12.91 23.27
N SER D 124 24.73 13.84 22.34
CA SER D 124 24.90 13.60 20.90
C SER D 124 26.34 13.61 20.42
N GLU D 125 27.26 14.01 21.31
CA GLU D 125 28.68 13.73 21.09
C GLU D 125 29.12 12.49 21.89
N LYS D 126 28.46 12.24 23.02
CA LYS D 126 28.74 11.04 23.82
C LYS D 126 28.36 9.78 23.05
N LEU D 127 27.09 9.68 22.67
CA LEU D 127 26.58 8.49 22.00
C LEU D 127 27.40 8.21 20.75
N ALA D 128 27.39 9.19 19.84
CA ALA D 128 28.25 9.29 18.65
C ALA D 128 29.61 8.61 18.72
N LYS D 129 30.23 8.58 19.90
CA LYS D 129 31.56 7.96 20.08
C LYS D 129 31.51 6.53 20.58
N ILE D 130 30.58 6.26 21.50
CA ILE D 130 30.42 4.96 22.11
C ILE D 130 29.65 4.01 21.20
N ALA D 131 29.35 4.48 20.00
CA ALA D 131 28.77 3.68 18.93
C ALA D 131 29.69 2.50 18.60
N PRO D 132 29.16 1.45 17.94
CA PRO D 132 30.09 0.41 17.49
C PRO D 132 30.74 0.86 16.19
N GLY D 133 32.01 0.53 15.98
CA GLY D 133 32.71 0.90 14.73
C GLY D 133 33.41 2.25 14.76
N ASN D 134 34.43 2.39 13.91
CA ASN D 134 35.37 3.53 13.92
C ASN D 134 34.97 4.69 13.00
N SER D 135 34.01 4.44 12.10
CA SER D 135 33.55 5.46 11.12
C SER D 135 32.76 6.59 11.80
N PRO D 136 32.75 7.81 11.19
CA PRO D 136 32.04 8.94 11.80
C PRO D 136 30.53 8.71 11.88
N LYS D 137 29.90 9.30 12.89
CA LYS D 137 28.47 9.11 13.18
C LYS D 137 27.70 10.44 13.29
N MET D 138 26.38 10.35 13.19
CA MET D 138 25.44 11.42 13.57
C MET D 138 24.26 10.79 14.26
N VAL D 139 23.77 11.42 15.32
CA VAL D 139 22.59 10.89 16.01
C VAL D 139 21.27 11.66 15.64
N SER D 140 20.13 10.92 15.65
CA SER D 140 18.82 11.55 15.60
C SER D 140 17.94 11.05 16.76
N PHE D 141 17.16 11.96 17.36
CA PHE D 141 16.41 11.66 18.59
C PHE D 141 14.91 11.54 18.36
N GLY D 142 14.33 10.50 18.99
CA GLY D 142 12.86 10.31 19.11
C GLY D 142 12.39 10.20 20.56
N ASN D 143 11.09 9.99 20.73
CA ASN D 143 10.50 9.84 22.05
C ASN D 143 10.39 8.38 22.55
N SER D 144 10.77 7.43 21.72
CA SER D 144 10.49 6.02 21.92
C SER D 144 11.27 5.22 20.90
N GLY D 145 11.63 3.98 21.27
CA GLY D 145 12.21 2.96 20.37
C GLY D 145 11.36 2.58 19.18
N SER D 146 10.05 2.71 19.34
CA SER D 146 9.11 2.59 18.21
C SER D 146 9.31 3.64 17.10
N ASP D 147 9.42 4.93 17.45
CA ASP D 147 9.46 5.98 16.41
C ASP D 147 10.87 6.19 15.84
N ALA D 148 11.81 5.60 16.55
CA ALA D 148 13.22 5.57 16.22
C ALA D 148 13.46 4.66 15.02
N ASN D 149 12.84 3.48 15.01
CA ASN D 149 12.92 2.58 13.84
C ASN D 149 12.08 3.02 12.66
N ASP D 150 10.97 3.70 12.96
CA ASP D 150 10.25 4.53 11.98
C ASP D 150 11.15 5.47 11.20
N ALA D 151 12.04 6.20 11.90
CA ALA D 151 13.18 6.89 11.24
C ALA D 151 14.14 5.98 10.41
N ILE D 152 14.49 4.77 10.90
CA ILE D 152 15.37 3.80 10.21
C ILE D 152 14.81 3.37 8.85
N ILE D 153 13.50 3.11 8.77
CA ILE D 153 12.81 2.95 7.50
C ILE D 153 13.07 4.22 6.66
N LYS D 154 12.66 5.39 7.17
CA LYS D 154 12.78 6.69 6.50
C LYS D 154 14.16 6.99 5.97
N PHE D 155 15.13 7.02 6.89
CA PHE D 155 16.51 7.37 6.58
C PHE D 155 17.05 6.53 5.45
N ALA D 156 16.99 5.19 5.61
CA ALA D 156 17.41 4.24 4.58
C ALA D 156 16.83 4.59 3.20
N ARG D 157 15.53 4.84 3.19
CA ARG D 157 14.80 5.18 1.97
C ARG D 157 15.21 6.48 1.28
N ALA D 158 15.65 7.47 2.07
CA ALA D 158 16.21 8.72 1.55
C ALA D 158 17.60 8.45 0.95
N TYR D 159 18.57 8.04 1.79
CA TYR D 159 19.94 7.63 1.33
C TYR D 159 19.93 6.77 0.06
N THR D 160 19.38 5.54 0.12
CA THR D 160 19.42 4.60 -1.01
C THR D 160 18.54 5.00 -2.19
N GLY D 161 17.37 5.57 -1.90
CA GLY D 161 16.35 5.88 -2.91
C GLY D 161 15.44 4.67 -3.15
N ARG D 162 15.50 3.69 -2.24
CA ARG D 162 14.79 2.45 -2.43
C ARG D 162 13.66 2.27 -1.45
N GLN D 163 12.68 1.49 -1.89
CA GLN D 163 11.48 1.18 -1.17
C GLN D 163 11.55 -0.01 -0.19
N TYR D 164 12.03 -1.15 -0.67
CA TYR D 164 11.78 -2.41 0.07
C TYR D 164 12.58 -2.55 1.36
N ILE D 165 11.88 -2.64 2.48
CA ILE D 165 12.50 -2.93 3.74
C ILE D 165 12.29 -4.42 4.04
N VAL D 166 13.29 -5.02 4.67
CA VAL D 166 13.30 -6.45 4.96
C VAL D 166 13.46 -6.62 6.45
N SER D 167 12.45 -7.22 7.09
CA SER D 167 12.48 -7.40 8.55
C SER D 167 12.30 -8.88 8.97
N TYR D 168 12.67 -9.23 10.20
CA TYR D 168 12.59 -10.65 10.60
C TYR D 168 11.33 -11.08 11.39
N MET D 169 10.89 -12.30 11.10
CA MET D 169 9.82 -12.96 11.82
C MET D 169 10.23 -13.18 13.29
N GLY D 170 9.29 -13.00 14.21
CA GLY D 170 9.60 -12.86 15.64
C GLY D 170 10.25 -11.53 16.05
N SER D 171 10.30 -10.52 15.17
CA SER D 171 10.99 -9.27 15.55
C SER D 171 10.13 -8.29 16.29
N TYR D 172 10.67 -7.64 17.31
CA TYR D 172 9.97 -6.52 17.94
C TYR D 172 10.56 -5.10 17.72
N HIS D 173 10.13 -4.43 16.67
CA HIS D 173 10.70 -3.11 16.45
C HIS D 173 9.82 -2.02 17.04
N GLY D 174 8.55 -2.36 17.30
CA GLY D 174 7.68 -1.55 18.12
C GLY D 174 6.23 -1.57 17.68
N SER D 175 5.61 -0.37 17.73
CA SER D 175 4.17 -0.21 17.90
C SER D 175 3.50 0.91 17.03
N THR D 176 4.26 1.83 16.46
CA THR D 176 3.73 2.70 15.38
C THR D 176 3.74 1.94 14.03
N TYR D 177 2.97 2.42 13.06
CA TYR D 177 2.69 1.67 11.80
C TYR D 177 3.96 1.29 11.01
N GLY D 178 5.00 2.12 11.13
CA GLY D 178 6.33 1.81 10.63
C GLY D 178 6.88 0.54 11.27
N SER D 179 7.24 0.60 12.57
CA SER D 179 7.89 -0.52 13.26
C SER D 179 6.93 -1.64 13.73
N GLN D 180 5.65 -1.50 13.36
CA GLN D 180 4.68 -2.57 13.54
C GLN D 180 4.49 -3.37 12.26
N THR D 181 4.92 -2.82 11.12
CA THR D 181 5.02 -3.66 9.93
C THR D 181 6.30 -4.47 10.05
N LEU D 182 7.40 -3.80 10.38
CA LEU D 182 8.65 -4.49 10.62
C LEU D 182 8.52 -5.69 11.58
N SER D 183 7.83 -5.48 12.69
CA SER D 183 7.62 -6.49 13.72
C SER D 183 7.01 -7.81 13.24
N GLY D 184 7.33 -8.89 13.93
CA GLY D 184 6.88 -10.22 13.56
C GLY D 184 6.59 -11.09 14.78
N SER D 185 6.32 -10.43 15.91
CA SER D 185 5.98 -11.11 17.15
C SER D 185 4.46 -11.34 17.21
N SER D 186 4.08 -12.63 17.23
CA SER D 186 2.68 -13.11 17.22
C SER D 186 1.75 -12.43 18.23
N LEU D 187 2.20 -12.34 19.48
CA LEU D 187 1.39 -11.78 20.56
C LEU D 187 1.39 -10.24 20.52
N ASN D 188 2.09 -9.70 19.53
CA ASN D 188 2.26 -8.26 19.34
C ASN D 188 1.64 -7.81 17.99
N MET D 189 0.84 -8.70 17.40
CA MET D 189 0.42 -8.59 16.01
C MET D 189 -0.84 -7.74 15.76
N THR D 190 -1.06 -7.48 14.47
CA THR D 190 -1.69 -6.25 13.98
C THR D 190 -3.06 -6.50 13.35
N ARG D 191 -3.92 -7.16 14.11
CA ARG D 191 -5.28 -7.51 13.66
C ARG D 191 -6.14 -6.25 13.54
N LYS D 192 -7.05 -6.24 12.57
CA LYS D 192 -8.02 -5.13 12.34
C LYS D 192 -7.40 -3.73 12.08
N ILE D 193 -6.07 -3.62 11.94
CA ILE D 193 -5.39 -2.31 11.74
C ILE D 193 -4.59 -2.19 10.43
N GLY D 194 -4.43 -3.32 9.74
CA GLY D 194 -4.10 -3.36 8.31
C GLY D 194 -5.09 -2.50 7.51
N PRO D 195 -4.72 -1.92 6.36
CA PRO D 195 -3.48 -2.24 5.61
C PRO D 195 -2.22 -1.65 6.23
N MET D 196 -1.19 -2.48 6.31
CA MET D 196 0.07 -2.12 6.93
C MET D 196 0.97 -1.51 5.87
N LEU D 197 2.00 -0.79 6.32
CA LEU D 197 2.92 -0.05 5.44
C LEU D 197 3.54 -0.87 4.29
N PRO D 198 3.41 -0.41 3.03
CA PRO D 198 3.79 -1.36 1.96
C PRO D 198 5.28 -1.69 1.92
N SER D 199 5.63 -2.71 1.13
CA SER D 199 7.02 -3.07 0.76
C SER D 199 7.92 -3.55 1.91
N VAL D 200 7.28 -4.03 2.97
CA VAL D 200 7.98 -4.68 4.07
C VAL D 200 7.95 -6.20 3.82
N VAL D 201 9.13 -6.81 3.72
CA VAL D 201 9.22 -8.27 3.58
C VAL D 201 9.85 -9.01 4.82
N HIS D 202 9.35 -10.23 5.08
CA HIS D 202 9.67 -10.95 6.29
C HIS D 202 10.30 -12.25 5.93
N VAL D 203 11.62 -12.26 6.11
CA VAL D 203 12.46 -13.40 5.93
C VAL D 203 12.60 -13.96 7.33
N PRO D 204 12.65 -15.32 7.46
CA PRO D 204 12.65 -15.95 8.81
C PRO D 204 14.00 -16.00 9.55
N TYR D 205 13.94 -15.79 10.88
CA TYR D 205 15.10 -15.71 11.78
C TYR D 205 15.69 -17.06 12.15
N PRO D 206 17.04 -17.16 12.26
CA PRO D 206 17.60 -18.47 12.63
C PRO D 206 17.17 -18.86 14.00
N ASP D 207 16.35 -19.92 14.08
CA ASP D 207 16.04 -20.62 15.35
C ASP D 207 17.10 -21.76 15.54
N SER D 208 18.04 -21.54 16.46
CA SER D 208 19.04 -22.55 16.81
C SER D 208 18.59 -23.41 17.99
N TYR D 209 17.36 -23.96 17.91
CA TYR D 209 16.87 -24.94 18.88
C TYR D 209 15.91 -25.95 18.23
N ARG D 210 15.05 -25.47 17.34
CA ARG D 210 14.23 -26.36 16.49
C ARG D 210 15.00 -26.62 15.22
N THR D 211 15.75 -27.70 15.24
CA THR D 211 16.52 -28.11 14.10
C THR D 211 15.97 -29.44 13.55
N TYR D 212 16.43 -29.82 12.37
CA TYR D 212 16.12 -31.15 11.81
C TYR D 212 17.25 -32.08 12.20
N PRO D 213 16.93 -33.32 12.64
CA PRO D 213 17.95 -34.16 13.33
C PRO D 213 19.39 -33.95 12.85
N GLY D 214 20.24 -33.43 13.73
CA GLY D 214 21.71 -33.47 13.56
C GLY D 214 22.38 -32.44 12.66
N GLU D 215 21.96 -31.19 12.80
CA GLU D 215 22.49 -30.08 12.02
C GLU D 215 23.50 -29.28 12.80
N THR D 216 24.68 -29.06 12.20
CA THR D 216 25.74 -28.20 12.76
C THR D 216 25.25 -26.75 12.97
N GLU D 217 26.05 -25.90 13.61
CA GLU D 217 25.78 -24.46 13.60
C GLU D 217 25.80 -24.03 12.15
N HIS D 218 26.96 -24.13 11.51
CA HIS D 218 27.08 -23.98 10.04
C HIS D 218 25.83 -24.38 9.22
N ASP D 219 25.15 -25.46 9.59
CA ASP D 219 23.98 -25.92 8.82
C ASP D 219 22.80 -24.95 8.88
N VAL D 220 22.42 -24.59 10.11
CA VAL D 220 21.46 -23.54 10.44
C VAL D 220 21.81 -22.18 9.75
N SER D 221 23.06 -21.75 9.86
CA SER D 221 23.54 -20.57 9.16
C SER D 221 23.40 -20.68 7.62
N LEU D 222 23.87 -21.78 7.02
CA LEU D 222 23.54 -22.10 5.62
C LEU D 222 22.03 -22.05 5.29
N ARG D 223 21.20 -22.73 6.10
CA ARG D 223 19.80 -22.88 5.78
C ARG D 223 18.98 -21.58 5.95
N TYR D 224 19.14 -20.87 7.07
CA TYR D 224 18.43 -19.60 7.25
C TYR D 224 18.90 -18.54 6.29
N PHE D 225 20.17 -18.58 5.89
CA PHE D 225 20.65 -17.71 4.79
C PHE D 225 20.07 -18.15 3.46
N ASN D 226 19.94 -19.46 3.24
CA ASN D 226 19.27 -19.99 2.04
C ASN D 226 17.78 -19.57 1.99
N GLU D 227 17.17 -19.43 3.16
CA GLU D 227 15.86 -18.80 3.29
C GLU D 227 15.92 -17.28 2.99
N PHE D 228 16.87 -16.57 3.62
CA PHE D 228 17.10 -15.15 3.37
C PHE D 228 17.00 -14.77 1.89
N LYS D 229 17.91 -15.26 1.06
CA LYS D 229 17.89 -15.10 -0.43
C LYS D 229 16.60 -15.49 -1.20
N LYS D 230 15.79 -16.42 -0.68
CA LYS D 230 14.65 -16.92 -1.45
C LYS D 230 13.67 -15.85 -1.94
N PRO D 231 13.39 -14.80 -1.14
CA PRO D 231 12.80 -13.57 -1.68
C PRO D 231 13.48 -12.98 -2.91
N PHE D 232 14.81 -12.90 -2.87
CA PHE D 232 15.59 -12.13 -3.85
C PHE D 232 15.87 -12.97 -5.08
N GLU D 233 15.87 -14.29 -4.89
CA GLU D 233 16.19 -15.22 -5.95
C GLU D 233 14.87 -15.54 -6.63
N SER D 234 13.81 -14.75 -6.30
CA SER D 234 12.41 -14.91 -6.83
C SER D 234 11.50 -13.64 -7.10
N PHE D 235 11.08 -12.88 -6.09
CA PHE D 235 10.19 -11.71 -6.34
C PHE D 235 10.69 -10.32 -5.88
N LEU D 236 11.67 -10.31 -4.97
CA LEU D 236 12.19 -9.09 -4.32
C LEU D 236 13.45 -8.53 -4.98
N PRO D 237 13.35 -7.41 -5.75
CA PRO D 237 14.59 -6.84 -6.38
C PRO D 237 15.60 -6.31 -5.35
N ALA D 238 16.63 -7.12 -5.03
CA ALA D 238 17.72 -6.76 -4.07
C ALA D 238 18.29 -5.39 -4.24
N ASP D 239 18.24 -4.87 -5.46
CA ASP D 239 18.78 -3.54 -5.76
C ASP D 239 17.74 -2.42 -5.54
N GLU D 240 16.57 -2.84 -5.11
CA GLU D 240 15.49 -1.96 -4.71
C GLU D 240 15.07 -2.23 -3.25
N THR D 241 15.95 -2.83 -2.44
CA THR D 241 15.70 -2.97 -1.00
C THR D 241 16.51 -1.96 -0.16
N ALA D 242 15.81 -0.95 0.35
CA ALA D 242 16.38 0.12 1.21
C ALA D 242 17.30 -0.32 2.37
N CYS D 243 17.04 -1.48 2.97
CA CYS D 243 17.68 -1.87 4.22
C CYS D 243 17.21 -3.22 4.73
N VAL D 244 18.14 -4.02 5.28
CA VAL D 244 17.77 -5.14 6.19
C VAL D 244 17.92 -4.71 7.66
N LEU D 245 16.80 -4.63 8.38
CA LEU D 245 16.83 -4.31 9.80
C LEU D 245 16.90 -5.57 10.58
N ILE D 246 17.93 -5.72 11.39
CA ILE D 246 18.02 -6.91 12.26
C ILE D 246 18.22 -6.57 13.74
N GLU D 247 17.51 -7.30 14.60
CA GLU D 247 17.93 -7.52 16.01
C GLU D 247 19.04 -8.60 16.04
N PRO D 248 20.23 -8.27 16.55
CA PRO D 248 21.29 -9.30 16.67
C PRO D 248 20.96 -10.53 17.55
N ILE D 249 20.49 -10.27 18.78
CA ILE D 249 19.83 -11.25 19.66
C ILE D 249 18.36 -10.78 19.81
N GLN D 250 17.41 -11.64 19.38
CA GLN D 250 15.97 -11.28 19.32
C GLN D 250 15.42 -11.25 20.70
N GLY D 251 14.93 -10.09 21.13
CA GLY D 251 14.37 -9.92 22.47
C GLY D 251 13.07 -10.71 22.67
N ASP D 252 11.98 -10.09 22.23
CA ASP D 252 10.64 -10.67 22.30
C ASP D 252 10.43 -12.01 21.58
N GLY D 253 11.25 -12.28 20.56
CA GLY D 253 11.32 -13.62 19.92
C GLY D 253 11.72 -14.81 20.82
N GLY D 254 12.53 -14.56 21.86
CA GLY D 254 12.74 -15.55 22.92
C GLY D 254 14.15 -15.64 23.45
N ILE D 255 14.85 -14.52 23.37
CA ILE D 255 16.31 -14.42 23.54
C ILE D 255 16.99 -15.36 22.56
N ILE D 256 16.97 -14.95 21.29
CA ILE D 256 17.46 -15.79 20.16
C ILE D 256 18.63 -15.07 19.46
N LYS D 257 19.86 -15.56 19.67
CA LYS D 257 21.03 -15.01 18.96
C LYS D 257 21.22 -15.65 17.59
N ALA D 258 21.29 -14.81 16.56
CA ALA D 258 21.84 -15.22 15.26
C ALA D 258 23.28 -15.74 15.39
N PRO D 259 23.56 -16.93 14.80
CA PRO D 259 24.92 -17.49 14.60
C PRO D 259 25.93 -16.53 13.93
N GLU D 260 27.22 -16.77 14.22
CA GLU D 260 28.29 -15.86 13.78
C GLU D 260 28.33 -15.78 12.24
N GLU D 261 28.32 -16.95 11.61
CA GLU D 261 28.30 -17.09 10.17
C GLU D 261 27.12 -16.38 9.49
N TYR D 262 25.91 -16.52 10.05
CA TYR D 262 24.67 -15.99 9.43
C TYR D 262 24.65 -14.45 9.34
N MET D 263 24.92 -13.81 10.48
CA MET D 263 25.11 -12.35 10.55
C MET D 263 26.14 -11.82 9.57
N GLN D 264 27.31 -12.45 9.52
CA GLN D 264 28.38 -12.04 8.58
C GLN D 264 27.85 -12.11 7.14
N LEU D 265 27.28 -13.27 6.82
CA LEU D 265 26.76 -13.64 5.51
C LEU D 265 25.64 -12.76 5.05
N VAL D 266 24.96 -12.09 5.99
CA VAL D 266 23.96 -11.06 5.67
C VAL D 266 24.63 -9.71 5.49
N TYR D 267 25.56 -9.37 6.39
CA TYR D 267 26.39 -8.17 6.33
C TYR D 267 27.11 -8.15 4.99
N LYS D 268 27.81 -9.24 4.68
CA LYS D 268 28.34 -9.51 3.34
C LYS D 268 27.30 -9.10 2.29
N PHE D 269 26.26 -9.92 2.10
CA PHE D 269 25.19 -9.71 1.12
C PHE D 269 24.78 -8.25 0.99
N CYS D 270 24.29 -7.69 2.11
CA CYS D 270 23.87 -6.33 2.22
C CYS D 270 24.94 -5.38 1.69
N HIS D 271 26.18 -5.61 2.10
CA HIS D 271 27.33 -4.80 1.67
C HIS D 271 27.54 -4.91 0.16
N GLU D 272 27.47 -6.14 -0.36
CA GLU D 272 27.47 -6.41 -1.81
C GLU D 272 26.37 -5.73 -2.61
N HIS D 273 25.34 -5.18 -1.99
CA HIS D 273 24.21 -4.60 -2.76
C HIS D 273 23.80 -3.13 -2.52
N GLY D 274 24.50 -2.40 -1.64
CA GLY D 274 24.02 -1.07 -1.24
C GLY D 274 22.84 -1.16 -0.26
N ILE D 275 22.55 -2.39 0.21
CA ILE D 275 21.51 -2.61 1.23
C ILE D 275 22.06 -2.20 2.59
N LEU D 276 21.49 -1.13 3.15
CA LEU D 276 21.89 -0.66 4.46
C LEU D 276 21.64 -1.73 5.47
N PHE D 277 22.71 -2.12 6.16
CA PHE D 277 22.59 -3.16 7.17
C PHE D 277 22.26 -2.56 8.58
N ALA D 278 21.07 -2.87 9.12
CA ALA D 278 20.54 -2.10 10.27
C ALA D 278 20.35 -2.93 11.51
N ILE D 279 20.39 -2.26 12.65
CA ILE D 279 20.35 -2.95 13.94
C ILE D 279 19.55 -2.18 14.94
N ASP D 280 18.63 -2.88 15.58
CA ASP D 280 17.79 -2.33 16.65
C ASP D 280 18.31 -2.95 17.96
N GLU D 281 18.67 -2.09 18.90
CA GLU D 281 19.16 -2.51 20.21
C GLU D 281 18.45 -1.63 21.19
N VAL D 282 17.12 -1.76 21.16
CA VAL D 282 16.18 -0.95 21.95
C VAL D 282 16.21 -1.70 23.28
N ASN D 283 16.23 -3.03 23.10
CA ASN D 283 16.24 -4.00 24.15
C ASN D 283 17.68 -4.31 24.56
N GLN D 284 18.45 -4.81 23.59
CA GLN D 284 19.69 -5.56 23.78
C GLN D 284 20.93 -4.69 23.92
N GLY D 285 20.72 -3.39 23.96
CA GLY D 285 21.82 -2.45 23.97
C GLY D 285 22.34 -2.08 25.34
N LEU D 286 23.01 -0.94 25.36
CA LEU D 286 23.57 -0.37 26.57
C LEU D 286 23.99 -1.47 27.59
N GLY D 287 24.73 -2.44 27.07
CA GLY D 287 25.45 -3.39 27.92
C GLY D 287 24.60 -4.49 28.52
N ARG D 288 23.36 -4.61 28.05
CA ARG D 288 22.49 -5.72 28.40
C ARG D 288 23.20 -7.06 28.21
N THR D 289 24.06 -7.12 27.18
CA THR D 289 24.56 -8.37 26.61
C THR D 289 25.96 -8.82 27.02
N GLY D 290 26.72 -7.99 27.71
CA GLY D 290 28.05 -8.40 28.14
C GLY D 290 29.09 -7.59 27.45
N LYS D 291 28.81 -7.22 26.20
CA LYS D 291 29.46 -6.14 25.44
C LYS D 291 28.57 -4.86 25.50
N MET D 292 29.04 -3.70 25.04
CA MET D 292 28.23 -2.45 25.10
C MET D 292 26.98 -2.68 24.27
N TRP D 293 27.09 -2.48 22.95
CA TRP D 293 26.10 -2.98 22.01
C TRP D 293 26.15 -4.50 21.92
N ALA D 294 25.01 -5.09 21.56
CA ALA D 294 24.89 -6.53 21.35
C ALA D 294 25.56 -6.97 20.06
N ILE D 295 25.76 -6.00 19.13
CA ILE D 295 26.43 -6.25 17.85
C ILE D 295 27.89 -6.70 17.98
N GLN D 296 28.55 -6.25 19.06
CA GLN D 296 29.99 -6.49 19.20
C GLN D 296 30.29 -7.89 19.68
N GLN D 297 29.22 -8.68 19.82
CA GLN D 297 29.31 -10.13 19.99
C GLN D 297 29.55 -10.84 18.64
N PHE D 298 29.71 -10.02 17.60
CA PHE D 298 29.99 -10.45 16.24
C PHE D 298 31.32 -9.82 15.80
N LYS D 299 31.84 -10.22 14.64
CA LYS D 299 33.19 -9.79 14.22
C LYS D 299 33.11 -8.59 13.25
N ASP D 300 33.78 -7.50 13.62
CA ASP D 300 33.86 -6.25 12.86
C ASP D 300 32.66 -5.93 11.96
N ILE D 301 31.54 -5.70 12.62
CA ILE D 301 30.34 -5.23 11.94
C ILE D 301 30.05 -3.79 12.33
N GLU D 302 30.06 -2.94 11.32
CA GLU D 302 29.62 -1.61 11.48
C GLU D 302 28.22 -1.52 10.90
N PRO D 303 27.21 -1.19 11.76
CA PRO D 303 25.86 -0.76 11.35
C PRO D 303 25.87 0.51 10.54
N ASP D 304 24.96 0.59 9.58
CA ASP D 304 24.75 1.84 8.85
C ASP D 304 23.88 2.75 9.72
N LEU D 305 23.00 2.10 10.49
CA LEU D 305 21.95 2.71 11.24
C LEU D 305 21.64 1.80 12.40
N MET D 306 21.62 2.39 13.59
CA MET D 306 21.28 1.70 14.84
C MET D 306 20.14 2.42 15.53
N SER D 307 19.39 1.69 16.36
CA SER D 307 18.34 2.30 17.15
C SER D 307 18.47 1.99 18.61
N VAL D 308 18.52 3.07 19.37
CA VAL D 308 18.64 3.02 20.80
C VAL D 308 17.31 3.41 21.41
N GLY D 309 16.99 2.83 22.57
CA GLY D 309 15.84 3.26 23.33
C GLY D 309 15.78 2.72 24.74
N LYS D 310 14.62 2.91 25.37
CA LYS D 310 14.28 2.31 26.66
C LYS D 310 15.29 2.71 27.76
N SER D 311 16.34 1.90 27.92
CA SER D 311 17.36 2.05 28.97
C SER D 311 18.34 3.19 28.68
N LEU D 312 17.96 4.04 27.73
CA LEU D 312 18.77 5.15 27.34
C LEU D 312 18.64 6.20 28.39
N ALA D 313 17.43 6.37 28.91
CA ALA D 313 17.14 7.42 29.84
C ALA D 313 16.57 6.80 31.08
N SER D 314 17.04 5.58 31.36
CA SER D 314 16.50 4.68 32.36
C SER D 314 14.98 4.57 32.31
N GLY D 315 14.41 4.66 31.13
CA GLY D 315 12.99 4.39 30.98
C GLY D 315 12.18 5.60 30.62
N MET D 316 12.66 6.78 31.04
CA MET D 316 12.10 8.07 30.58
C MET D 316 12.05 8.03 29.04
N PRO D 317 10.97 8.58 28.44
CA PRO D 317 10.85 8.46 26.99
C PRO D 317 12.07 9.11 26.37
N LEU D 318 12.92 8.28 25.73
CA LEU D 318 14.04 8.76 24.94
C LEU D 318 14.52 7.71 23.97
N SER D 319 14.65 8.12 22.70
CA SER D 319 15.16 7.21 21.69
C SER D 319 16.31 7.81 20.95
N ALA D 320 16.92 7.03 20.09
CA ALA D 320 18.09 7.46 19.31
C ALA D 320 18.26 6.60 18.08
N VAL D 321 18.68 7.26 17.00
CA VAL D 321 19.11 6.58 15.79
C VAL D 321 20.56 6.95 15.61
N ILE D 322 21.46 6.03 15.99
CA ILE D 322 22.89 6.23 15.78
C ILE D 322 23.26 5.69 14.41
N GLY D 323 23.62 6.61 13.50
CA GLY D 323 23.95 6.25 12.10
C GLY D 323 25.37 6.65 11.68
N LYS D 324 25.90 6.04 10.59
CA LYS D 324 27.14 6.51 9.91
C LYS D 324 26.85 7.91 9.48
N LYS D 325 27.83 8.84 9.55
CA LYS D 325 27.53 10.26 9.19
C LYS D 325 26.93 10.35 7.80
N GLU D 326 27.59 9.66 6.85
CA GLU D 326 27.30 9.62 5.40
C GLU D 326 25.82 9.31 5.10
N VAL D 327 25.22 8.49 5.96
CA VAL D 327 23.87 7.95 5.80
C VAL D 327 22.85 8.95 6.33
N MET D 328 23.15 9.61 7.46
CA MET D 328 22.22 10.52 8.13
C MET D 328 22.14 11.90 7.45
N GLN D 329 23.28 12.36 6.96
CA GLN D 329 23.50 13.69 6.42
C GLN D 329 22.38 14.30 5.58
N SER D 330 22.12 13.69 4.42
CA SER D 330 21.49 14.40 3.28
C SER D 330 19.95 14.32 3.10
N LEU D 331 19.25 13.69 4.05
CA LEU D 331 17.78 13.57 3.99
C LEU D 331 17.05 14.87 4.23
N GLY D 342 14.69 13.96 22.44
CA GLY D 342 15.34 15.25 22.30
C GLY D 342 15.11 16.11 23.52
N ASN D 343 14.32 15.58 24.46
CA ASN D 343 13.89 16.29 25.67
C ASN D 343 15.03 16.72 26.58
N PRO D 344 15.10 18.03 26.87
CA PRO D 344 16.00 18.66 27.83
C PRO D 344 16.13 17.90 29.13
N VAL D 345 15.00 17.49 29.74
CA VAL D 345 15.03 16.60 30.94
C VAL D 345 15.52 15.17 30.63
N CYS D 346 14.93 14.52 29.62
CA CYS D 346 15.29 13.14 29.33
C CYS D 346 16.74 12.97 28.87
N SER D 347 17.26 14.01 28.23
CA SER D 347 18.62 13.96 27.68
C SER D 347 19.63 13.95 28.82
N ALA D 348 19.40 14.85 29.78
CA ALA D 348 20.05 14.93 31.10
C ALA D 348 19.96 13.62 31.88
N ALA D 349 18.74 13.06 31.90
CA ALA D 349 18.51 11.69 32.37
C ALA D 349 19.45 10.62 31.74
N SER D 350 19.68 10.70 30.43
CA SER D 350 20.59 9.77 29.75
C SER D 350 22.06 10.09 29.96
N LEU D 351 22.42 11.37 29.82
CA LEU D 351 23.70 11.88 30.29
C LEU D 351 24.23 11.13 31.54
N ALA D 352 23.36 10.93 32.54
CA ALA D 352 23.74 10.35 33.82
C ALA D 352 23.69 8.84 33.74
N THR D 353 22.60 8.32 33.18
CA THR D 353 22.49 6.87 33.01
C THR D 353 23.69 6.25 32.25
N LEU D 354 24.26 6.99 31.28
CA LEU D 354 25.47 6.55 30.58
C LEU D 354 26.70 6.51 31.50
N ASP D 355 26.90 7.57 32.29
CA ASP D 355 27.92 7.57 33.35
C ASP D 355 27.77 6.42 34.36
N VAL D 356 26.53 6.06 34.72
CA VAL D 356 26.31 5.00 35.70
C VAL D 356 26.75 3.65 35.10
N ILE D 357 26.27 3.35 33.88
CA ILE D 357 26.81 2.25 33.06
C ILE D 357 28.35 2.26 33.02
N GLU D 358 28.91 3.44 32.73
CA GLU D 358 30.36 3.68 32.64
C GLU D 358 31.12 3.50 34.00
N TYR D 359 30.74 4.32 34.99
CA TYR D 359 31.41 4.41 36.28
C TYR D 359 31.16 3.16 37.15
N GLU D 360 29.89 2.79 37.34
CA GLU D 360 29.57 1.58 38.13
C GLU D 360 29.99 0.31 37.39
N GLY D 361 30.64 0.51 36.24
CA GLY D 361 31.18 -0.52 35.34
C GLY D 361 30.30 -1.71 35.00
N LEU D 362 29.26 -1.48 34.18
CA LEU D 362 28.19 -2.49 33.95
C LEU D 362 28.31 -3.40 32.74
N VAL D 363 29.06 -2.98 31.72
CA VAL D 363 29.18 -3.82 30.54
C VAL D 363 29.65 -5.19 31.04
N GLU D 364 30.61 -5.12 31.97
CA GLU D 364 31.40 -6.21 32.55
C GLU D 364 30.64 -6.98 33.63
N LYS D 365 30.00 -6.25 34.54
CA LYS D 365 29.05 -6.83 35.50
C LYS D 365 28.01 -7.73 34.78
N SER D 366 27.35 -7.20 33.75
CA SER D 366 26.50 -8.01 32.87
C SER D 366 27.24 -9.24 32.30
N ALA D 367 28.48 -9.10 31.85
CA ALA D 367 29.28 -10.25 31.34
C ALA D 367 29.56 -11.27 32.46
N THR D 368 30.03 -10.77 33.61
CA THR D 368 30.36 -11.59 34.78
C THR D 368 29.15 -12.32 35.41
N ASP D 369 28.13 -11.55 35.78
CA ASP D 369 26.88 -12.13 36.31
C ASP D 369 26.17 -12.96 35.25
N GLY D 370 26.25 -12.52 33.99
CA GLY D 370 25.73 -13.24 32.83
C GLY D 370 26.25 -14.65 32.70
N ALA D 371 27.55 -14.82 32.90
CA ALA D 371 28.17 -16.16 32.88
C ALA D 371 27.95 -16.99 34.17
N TYR D 372 27.76 -16.33 35.30
CA TYR D 372 27.29 -17.00 36.51
C TYR D 372 25.82 -17.45 36.36
N ALA D 373 24.99 -16.56 35.83
CA ALA D 373 23.57 -16.86 35.57
C ALA D 373 23.39 -18.03 34.63
N LYS D 374 24.19 -18.06 33.55
CA LYS D 374 24.16 -19.12 32.55
C LYS D 374 24.44 -20.48 33.21
N GLN D 375 25.56 -20.55 33.92
CA GLN D 375 26.04 -21.81 34.49
C GLN D 375 24.95 -22.45 35.40
N ARG D 376 24.63 -21.78 36.51
CA ARG D 376 23.60 -22.19 37.46
C ARG D 376 22.31 -22.72 36.82
N PHE D 377 21.74 -21.92 35.90
CA PHE D 377 20.66 -22.36 34.98
C PHE D 377 20.90 -23.69 34.23
N LEU D 378 22.13 -23.91 33.70
CA LEU D 378 22.50 -25.18 33.01
C LEU D 378 22.63 -26.35 33.97
N GLU D 379 22.87 -26.03 35.23
CA GLU D 379 22.82 -27.04 36.28
C GLU D 379 21.37 -27.25 36.73
N MET D 380 20.55 -26.18 36.76
CA MET D 380 19.08 -26.31 36.97
C MET D 380 18.41 -27.24 35.94
N GLN D 381 18.84 -27.13 34.68
CA GLN D 381 18.41 -28.02 33.64
C GLN D 381 18.83 -29.48 33.90
N GLN D 382 20.00 -29.70 34.52
CA GLN D 382 20.49 -31.08 34.83
C GLN D 382 19.50 -31.91 35.67
N ARG D 383 18.76 -31.26 36.58
CA ARG D 383 17.72 -31.91 37.38
C ARG D 383 16.33 -31.73 36.75
N HIS D 384 15.93 -30.46 36.46
CA HIS D 384 14.62 -30.14 35.83
C HIS D 384 14.52 -30.27 34.26
N PRO D 385 14.19 -31.46 33.70
CA PRO D 385 14.24 -31.58 32.24
C PRO D 385 13.09 -30.84 31.49
N MET D 386 12.27 -30.10 32.24
CA MET D 386 11.28 -29.19 31.66
C MET D 386 11.95 -27.96 31.04
N ILE D 387 13.20 -27.69 31.45
CA ILE D 387 13.94 -26.54 30.94
C ILE D 387 14.63 -27.02 29.69
N GLY D 388 13.94 -26.89 28.56
CA GLY D 388 14.38 -27.51 27.31
C GLY D 388 15.51 -26.78 26.63
N ASP D 389 15.56 -25.46 26.84
CA ASP D 389 16.64 -24.64 26.29
C ASP D 389 16.99 -23.53 27.23
N VAL D 390 18.29 -23.30 27.32
CA VAL D 390 18.86 -22.21 28.10
C VAL D 390 19.70 -21.31 27.18
N ARG D 391 19.11 -20.18 26.79
CA ARG D 391 19.79 -19.15 26.04
C ARG D 391 20.18 -18.05 26.97
N MET D 392 21.35 -17.48 26.71
CA MET D 392 21.96 -16.53 27.64
C MET D 392 23.15 -15.86 26.98
N TRP D 393 23.15 -14.51 27.00
CA TRP D 393 24.28 -13.70 26.56
C TRP D 393 24.40 -12.43 27.40
N GLY D 394 25.19 -12.49 28.46
CA GLY D 394 25.10 -11.48 29.54
C GLY D 394 24.01 -11.87 30.53
N LEU D 395 23.61 -10.95 31.40
CA LEU D 395 22.49 -11.14 32.34
C LEU D 395 21.23 -10.98 31.56
N ASN D 396 20.98 -11.97 30.71
CA ASN D 396 20.11 -11.84 29.56
C ASN D 396 19.93 -13.27 29.08
N GLY D 397 18.70 -13.75 29.13
CA GLY D 397 18.45 -15.11 28.74
C GLY D 397 17.03 -15.54 28.62
N GLY D 398 16.80 -16.48 27.70
CA GLY D 398 15.56 -17.20 27.58
C GLY D 398 15.80 -18.57 28.18
N ILE D 399 14.78 -19.11 28.85
CA ILE D 399 14.86 -20.37 29.61
C ILE D 399 13.64 -21.18 29.20
N GLU D 400 13.73 -21.86 28.06
CA GLU D 400 12.53 -22.36 27.37
C GLU D 400 12.00 -23.67 27.95
N LEU D 401 10.76 -23.60 28.43
CA LEU D 401 10.01 -24.70 29.00
C LEU D 401 9.36 -25.66 27.96
N VAL D 402 9.65 -26.96 28.06
CA VAL D 402 9.11 -27.99 27.12
C VAL D 402 8.47 -29.22 27.74
N LYS D 403 7.31 -29.62 27.20
CA LYS D 403 6.65 -30.91 27.55
C LYS D 403 7.55 -32.17 27.41
N ASP D 404 8.63 -32.06 26.64
CA ASP D 404 9.48 -33.20 26.28
C ASP D 404 10.86 -32.83 25.66
N PRO D 405 11.96 -33.08 26.40
CA PRO D 405 13.37 -33.08 26.01
C PRO D 405 13.73 -33.52 24.58
N LYS D 406 12.80 -34.14 23.86
CA LYS D 406 13.10 -34.70 22.52
C LYS D 406 12.10 -34.31 21.43
N THR D 407 10.85 -34.01 21.82
CA THR D 407 9.85 -33.43 20.87
C THR D 407 9.94 -31.90 20.84
N LYS D 408 10.36 -31.33 21.98
CA LYS D 408 10.55 -29.87 22.21
C LYS D 408 9.27 -29.02 22.04
N GLU D 409 8.14 -29.65 22.36
CA GLU D 409 6.81 -29.01 22.41
C GLU D 409 6.77 -27.84 23.41
N PRO D 410 6.28 -26.65 22.98
CA PRO D 410 6.16 -25.56 23.98
C PRO D 410 5.26 -25.94 25.15
N ASP D 411 5.78 -25.77 26.38
CA ASP D 411 4.97 -26.02 27.59
C ASP D 411 4.58 -24.74 28.33
N SER D 412 3.56 -24.08 27.77
CA SER D 412 3.00 -22.83 28.27
C SER D 412 2.39 -22.93 29.66
N ASP D 413 1.31 -23.69 29.78
CA ASP D 413 0.82 -24.27 31.04
C ASP D 413 1.81 -24.18 32.21
N ALA D 414 3.03 -24.68 32.03
CA ALA D 414 4.02 -24.69 33.10
C ALA D 414 4.61 -23.29 33.32
N ALA D 415 4.97 -22.65 32.21
CA ALA D 415 5.44 -21.27 32.19
C ALA D 415 4.53 -20.37 33.01
N THR D 416 3.22 -20.56 32.82
CA THR D 416 2.17 -19.87 33.56
C THR D 416 2.38 -20.02 35.08
N LYS D 417 2.49 -21.27 35.52
CA LYS D 417 2.59 -21.67 36.92
C LYS D 417 3.91 -21.31 37.58
N VAL D 418 5.02 -21.50 36.86
CA VAL D 418 6.34 -20.94 37.25
C VAL D 418 6.24 -19.46 37.63
N ILE D 419 5.62 -18.67 36.75
CA ILE D 419 5.42 -17.22 36.88
C ILE D 419 4.49 -16.92 38.05
N TYR D 420 3.51 -17.81 38.24
CA TYR D 420 2.56 -17.73 39.34
C TYR D 420 3.20 -17.95 40.73
N TYR D 421 3.91 -19.08 40.90
CA TYR D 421 4.79 -19.33 42.06
C TYR D 421 5.75 -18.19 42.34
N ALA D 422 6.71 -17.98 41.45
CA ALA D 422 7.70 -16.92 41.64
C ALA D 422 7.11 -15.63 42.22
N PHE D 423 6.09 -15.04 41.55
CA PHE D 423 5.40 -13.80 41.99
C PHE D 423 4.71 -13.94 43.34
N ALA D 424 4.21 -15.15 43.64
CA ALA D 424 3.71 -15.46 44.98
C ALA D 424 4.81 -15.44 46.05
N HIS D 425 6.07 -15.52 45.63
CA HIS D 425 7.21 -15.52 46.58
C HIS D 425 8.18 -14.34 46.40
N GLY D 426 7.68 -13.26 45.82
CA GLY D 426 8.43 -11.99 45.76
C GLY D 426 9.57 -11.84 44.76
N VAL D 427 9.50 -12.60 43.65
CA VAL D 427 10.28 -12.27 42.47
C VAL D 427 9.33 -12.01 41.29
N VAL D 428 9.49 -10.85 40.63
CA VAL D 428 8.79 -10.54 39.35
C VAL D 428 9.53 -11.28 38.24
N ILE D 429 8.76 -11.82 37.29
CA ILE D 429 9.28 -12.56 36.11
C ILE D 429 8.07 -12.80 35.17
N ILE D 430 8.28 -12.78 33.85
CA ILE D 430 7.17 -12.95 32.87
C ILE D 430 7.55 -13.88 31.71
N THR D 431 6.57 -14.23 30.87
CA THR D 431 6.77 -15.14 29.74
C THR D 431 6.98 -14.48 28.37
N LEU D 432 7.85 -15.10 27.56
CA LEU D 432 8.06 -14.72 26.17
C LEU D 432 7.53 -15.80 25.25
N ALA D 433 6.57 -15.42 24.39
CA ALA D 433 5.80 -16.36 23.57
C ALA D 433 5.29 -17.53 24.43
N GLY D 434 4.95 -17.22 25.69
CA GLY D 434 4.25 -18.09 26.62
C GLY D 434 4.87 -19.44 26.99
N ASN D 435 6.19 -19.61 26.80
CA ASN D 435 6.93 -20.78 27.28
C ASN D 435 8.42 -20.50 27.43
N ILE D 436 8.77 -19.22 27.33
CA ILE D 436 10.15 -18.72 27.51
C ILE D 436 10.17 -17.67 28.62
N LEU D 437 10.90 -17.96 29.71
CA LEU D 437 10.94 -17.04 30.85
C LEU D 437 11.99 -15.96 30.59
N ARG D 438 11.58 -14.69 30.59
CA ARG D 438 12.52 -13.59 30.24
C ARG D 438 13.37 -13.00 31.39
N PHE D 439 14.43 -13.76 31.67
CA PHE D 439 15.51 -13.46 32.62
C PHE D 439 16.28 -12.23 32.10
N GLN D 440 15.93 -11.04 32.59
CA GLN D 440 16.58 -9.78 32.14
C GLN D 440 16.76 -8.68 33.22
N PRO D 441 17.24 -9.06 34.43
CA PRO D 441 17.27 -8.12 35.54
C PRO D 441 17.99 -6.79 35.23
N PRO D 442 17.88 -5.79 36.14
CA PRO D 442 18.79 -4.66 36.05
C PRO D 442 20.24 -5.07 36.29
N LEU D 443 21.17 -4.44 35.61
CA LEU D 443 22.54 -4.92 35.59
C LEU D 443 23.31 -4.65 36.91
N VAL D 444 22.64 -3.99 37.87
CA VAL D 444 23.20 -3.67 39.18
C VAL D 444 22.52 -4.47 40.28
N ILE D 445 21.63 -5.40 39.89
CA ILE D 445 21.16 -6.47 40.81
C ILE D 445 22.40 -7.01 41.59
N PRO D 446 22.47 -6.82 42.94
CA PRO D 446 23.57 -7.37 43.72
C PRO D 446 23.49 -8.87 43.65
N ARG D 447 24.64 -9.54 43.81
CA ARG D 447 24.75 -10.99 43.79
C ARG D 447 23.75 -11.68 44.74
N GLU D 448 23.68 -11.19 45.98
CA GLU D 448 22.66 -11.59 46.96
C GLU D 448 21.26 -11.80 46.34
N GLN D 449 20.62 -10.73 45.87
CA GLN D 449 19.28 -10.87 45.25
C GLN D 449 19.26 -11.88 44.09
N LEU D 450 20.22 -11.71 43.19
CA LEU D 450 20.43 -12.58 42.04
C LEU D 450 20.44 -14.05 42.47
N ASP D 451 21.20 -14.40 43.53
CA ASP D 451 21.04 -15.72 44.21
C ASP D 451 19.62 -16.01 44.83
N GLN D 452 18.99 -15.02 45.44
CA GLN D 452 17.59 -15.14 45.96
C GLN D 452 16.59 -15.56 44.89
N ALA D 453 16.72 -14.98 43.69
CA ALA D 453 15.87 -15.38 42.53
C ALA D 453 16.21 -16.79 42.03
N LEU D 454 17.51 -17.05 41.88
CA LEU D 454 17.96 -18.27 41.31
C LEU D 454 17.58 -19.48 42.16
N GLN D 455 17.54 -19.30 43.48
CA GLN D 455 16.92 -20.29 44.35
C GLN D 455 15.38 -20.34 44.25
N VAL D 456 14.72 -19.17 44.21
CA VAL D 456 13.23 -19.08 44.15
C VAL D 456 12.68 -19.60 42.80
N LEU D 457 13.50 -19.51 41.75
CA LEU D 457 13.17 -20.13 40.45
C LEU D 457 13.42 -21.64 40.49
N ASP D 458 14.56 -22.00 41.09
CA ASP D 458 14.97 -23.39 41.27
C ASP D 458 13.85 -24.18 41.93
N ASP D 459 13.32 -23.65 43.04
CA ASP D 459 12.18 -24.23 43.77
C ASP D 459 10.93 -24.33 42.92
N ALA D 460 10.65 -23.27 42.13
CA ALA D 460 9.45 -23.23 41.28
C ALA D 460 9.37 -24.45 40.38
N PHE D 461 10.44 -24.70 39.62
CA PHE D 461 10.51 -25.84 38.70
C PHE D 461 10.17 -27.15 39.38
N THR D 462 10.62 -27.33 40.63
CA THR D 462 10.28 -28.52 41.46
C THR D 462 8.84 -28.50 42.06
N ALA D 463 8.35 -27.33 42.50
CA ALA D 463 6.91 -27.16 42.82
C ALA D 463 5.95 -27.17 41.58
N VAL D 464 6.49 -27.51 40.41
CA VAL D 464 5.67 -27.82 39.21
C VAL D 464 5.91 -29.27 38.78
N GLU D 465 7.15 -29.76 38.98
CA GLU D 465 7.50 -31.20 38.93
C GLU D 465 6.66 -32.03 39.91
N ASN D 466 6.48 -31.52 41.13
CA ASN D 466 5.51 -32.12 42.06
C ASN D 466 4.05 -31.80 41.70
N GLY D 467 3.82 -30.68 41.02
CA GLY D 467 2.50 -30.26 40.59
C GLY D 467 1.68 -29.76 41.76
N GLU D 468 1.75 -28.45 42.03
CA GLU D 468 0.99 -27.82 43.13
C GLU D 468 0.27 -26.53 42.73
N VAL D 469 0.99 -25.70 41.96
CA VAL D 469 0.52 -24.37 41.53
C VAL D 469 -0.78 -24.42 40.72
N THR D 470 -1.69 -23.48 41.03
CA THR D 470 -3.06 -23.46 40.51
C THR D 470 -3.52 -22.09 40.01
N ILE D 471 -4.40 -22.12 39.00
CA ILE D 471 -4.91 -20.94 38.31
C ILE D 471 -6.45 -21.00 38.27
#